data_7QR1
#
_entry.id   7QR1
#
_cell.length_a   178.420
_cell.length_b   66.795
_cell.length_c   187.240
_cell.angle_alpha   90.000
_cell.angle_beta   111.411
_cell.angle_gamma   90.000
#
_symmetry.space_group_name_H-M   'C 1 2 1'
#
loop_
_entity.id
_entity.type
_entity.pdbx_description
1 polymer 'TRAC sgRNA'
2 polymer 'CRISPR-associated endonuclease Cas9/Csn1'
3 polymer 'TRAC off-target2 target strand'
4 polymer 'TRAC off-target2 non-target strand'
5 non-polymer 'MAGNESIUM ION'
6 non-polymer 'POTASSIUM ION'
7 water water
#
loop_
_entity_poly.entity_id
_entity_poly.type
_entity_poly.pdbx_seq_one_letter_code
_entity_poly.pdbx_strand_id
1 'polyribonucleotide'
;GGAGAGUCUCUCAGCUGGUACAGUUUUAGAGCUAGAAAUAGCAAGUUAAAAUAAGGCUAGUCCGUUAUCAACUUGAAAAA
GUGA
;
A
2 'polypeptide(L)'
;MDKKYSIGLAIGTNSVGWAVITDEYKVPSKKFKVLGNTDRHSIKKNLIGALLFDSGETAEATRLKRTARRRYTRRKNRIC
YLQEIFSNEMAKVDDSFFHRLEESFLVEEDKKHERHPIFGNIVDEVAYHEKYPTIYHLRKKLVDSTDKADLRLIYLALAH
MIKFRGHFLIEGDLNPDNSDVDKLFIQLVQTYNQLFEENPINASGVDAKAILSARLSKSRRLENLIAQLPGEKKNGLFGN
LIALSLGLTPNFKSNFDLAEDAKLQLSKDTYDDDLDNLLAQIGDQYADLFLAAKNLSDAILLSDILRVNTEITKAPLSAS
MIKRYDEHHQDLTLLKALVRQQLPEKYKEIFFDQSKNGYAGYIDGGASQEEFYKFIKPILEKMDGTEELLVKLNREDLLR
KQRTFDNGSIPHQIHLGELHAILRRQEDFYPFLKDNREKIEKILTFRIPYYVGPLARGNSRFAWMTRKSEETITPWNFEE
VVDKGASAQSFIERMTNFDKNLPNEKVLPKHSLLYEYFTVYNELTKVKYVTEGMRKPAFLSGEQKKAIVDLLFKTNRKVT
VKQLKEDYFKKIECFDSVEISGVEDRFNASLGTYHDLLKIIKDKDFLDNEENEDILEDIVLTLTLFEDREMIEERLKTYA
HLFDDKVMKQLKRRRYTGWGRLSRKLINGIRDKQSGKTILDFLKSDGFANRNFMQLIHDDSLTFKEDIQKAQVSGQGDSL
HEHIANLAGSPAIKKGILQTVKVVDELVKVMGRHKPENIVIEMARENQTTQKGQKNSRERMKRIEEGIKELGSQILKEHP
VENTQLQNEKLYLYYLQNGRDMYVDQELDINRLSDYDVDAIVPQSFLKDDSIDNKVLTRSDKNRGKSDNVPSEEVVKKMK
NYWRQLLNAKLITQRKFDNLTKAERGGLSELDKAGFIKRQLVETRQITKHVAQILDSRMNTKYDENDKLIREVKVITLKS
KLVSDFRKDFQFYKVREINNYHHAHDAYLNAVVGTALIKKYPKLESEFVYGDYKVYDVRKMIAKSEQEIGKATAKYFFYS
NIMNFFKTEITLANGEIRKRPLIETNGETGEIVWDKGRDFATVRKVLSMPQVNIVKKTEVQTGGFSKESILPKRNSDKLI
ARKKDWDPKKYGGFDSPTVAYSVLVVAKVEKGKSKKLKSVKELLGITIMERSSFEKNPIDFLEAKGYKEVKKDLIIKLPK
YSLFELENGRKRMLASAGELQKGNELALPSKYVNFLYLASHYEKLKGSPEDNEQKQLFVEQHKHYLDEIIEQISEFSKRV
ILADANLDKVLSAYNKHRDKPIREQAENIIHLFTLTNLGAPAAFKYFDTTIDRKRYTSTKEVLDATLIHQSITGLYETRI
DLSQLGGD
;
B
3 'polydeoxyribonucleotide'
;(DC)(DA)(DA)(DT)(DA)(DC)(DC)(DA)(DT)(DG)(DT)(DA)(DC)(DC)(DA)(DG)(DC)(DT)(DG)(DT)
(DG)(DT)(DG)(DA)(DC)(DT)(DT)(DT)
;
C
4 'polydeoxyribonucleotide' (DT)(DA)(DC)(DA)(DT)(DG)(DG)(DT)(DA)(DT)(DT)(DG) D
#
# COMPACT_ATOMS: atom_id res chain seq x y z
N LYS B 3 -26.98 -20.84 35.40
CA LYS B 3 -25.87 -21.35 34.61
C LYS B 3 -25.04 -20.20 34.05
N LYS B 4 -23.80 -20.07 34.49
CA LYS B 4 -22.97 -18.92 34.18
C LYS B 4 -21.71 -19.37 33.44
N TYR B 5 -21.22 -18.50 32.55
CA TYR B 5 -20.14 -18.84 31.64
C TYR B 5 -19.52 -17.56 31.08
N SER B 6 -18.32 -17.70 30.52
CA SER B 6 -17.64 -16.60 29.84
C SER B 6 -17.16 -17.09 28.48
N ILE B 7 -16.87 -16.13 27.60
CA ILE B 7 -16.43 -16.41 26.23
C ILE B 7 -15.04 -15.83 26.03
N GLY B 8 -14.17 -16.60 25.38
CA GLY B 8 -12.88 -16.08 24.97
C GLY B 8 -12.73 -16.07 23.46
N LEU B 9 -12.18 -14.99 22.91
CA LEU B 9 -12.09 -14.79 21.47
C LEU B 9 -10.67 -14.47 21.07
N ALA B 10 -10.25 -14.99 19.91
CA ALA B 10 -8.94 -14.72 19.33
C ALA B 10 -9.15 -14.28 17.89
N ILE B 11 -9.02 -12.99 17.64
CA ILE B 11 -9.42 -12.37 16.37
C ILE B 11 -8.18 -12.24 15.49
N GLY B 12 -8.16 -13.00 14.38
CA GLY B 12 -7.10 -12.93 13.41
C GLY B 12 -7.61 -12.54 12.05
N THR B 13 -6.67 -12.46 11.10
CA THR B 13 -6.98 -12.14 9.71
C THR B 13 -7.43 -13.35 8.91
N ASN B 14 -7.21 -14.57 9.43
CA ASN B 14 -7.65 -15.79 8.75
C ASN B 14 -8.38 -16.72 9.70
N SER B 15 -8.70 -16.28 10.92
CA SER B 15 -9.22 -17.17 11.93
C SER B 15 -9.87 -16.37 13.05
N VAL B 16 -10.93 -16.94 13.63
CA VAL B 16 -11.54 -16.45 14.85
C VAL B 16 -11.66 -17.65 15.78
N GLY B 17 -10.78 -17.73 16.77
CA GLY B 17 -10.85 -18.79 17.75
C GLY B 17 -11.82 -18.43 18.87
N TRP B 18 -12.54 -19.43 19.37
CA TRP B 18 -13.59 -19.19 20.34
C TRP B 18 -13.64 -20.34 21.33
N ALA B 19 -14.10 -20.03 22.55
CA ALA B 19 -14.24 -21.04 23.58
C ALA B 19 -15.19 -20.53 24.65
N VAL B 20 -15.93 -21.47 25.24
CA VAL B 20 -16.85 -21.19 26.33
C VAL B 20 -16.27 -21.82 27.59
N ILE B 21 -16.19 -21.03 28.66
CA ILE B 21 -15.68 -21.50 29.95
C ILE B 21 -16.76 -21.27 31.01
N THR B 22 -16.68 -22.04 32.10
CA THR B 22 -17.62 -21.93 33.20
C THR B 22 -16.97 -21.25 34.41
N ASP B 23 -17.50 -21.55 35.60
CA ASP B 23 -16.99 -20.97 36.84
C ASP B 23 -15.60 -21.50 37.16
N GLU B 24 -15.37 -22.80 36.92
CA GLU B 24 -14.11 -23.46 37.26
C GLU B 24 -13.12 -23.46 36.11
N TYR B 25 -13.29 -22.57 35.13
CA TYR B 25 -12.44 -22.50 33.94
C TYR B 25 -12.52 -23.79 33.13
N LYS B 26 -13.67 -24.47 33.17
CA LYS B 26 -13.93 -25.67 32.39
C LYS B 26 -14.69 -25.31 31.12
N VAL B 27 -14.56 -26.17 30.12
CA VAL B 27 -15.29 -26.03 28.86
C VAL B 27 -16.44 -27.01 28.87
N PRO B 28 -17.68 -26.56 28.67
CA PRO B 28 -18.82 -27.48 28.69
C PRO B 28 -18.92 -28.28 27.40
N SER B 29 -19.66 -29.37 27.48
CA SER B 29 -19.97 -30.21 26.33
C SER B 29 -21.47 -30.48 26.32
N LYS B 30 -22.08 -30.35 25.16
CA LYS B 30 -23.51 -30.55 24.98
C LYS B 30 -23.77 -31.62 23.94
N LYS B 31 -24.95 -32.22 24.04
CA LYS B 31 -25.52 -32.95 22.92
C LYS B 31 -26.25 -31.97 22.02
N PHE B 32 -25.95 -32.01 20.72
CA PHE B 32 -26.54 -31.13 19.73
C PHE B 32 -27.32 -31.96 18.72
N LYS B 33 -28.49 -31.45 18.33
CA LYS B 33 -29.27 -32.10 17.30
C LYS B 33 -28.48 -32.15 15.99
N VAL B 34 -28.68 -33.22 15.24
CA VAL B 34 -28.12 -33.36 13.89
C VAL B 34 -29.27 -33.56 12.92
N LEU B 35 -29.33 -32.73 11.89
CA LEU B 35 -30.35 -32.83 10.86
C LEU B 35 -29.79 -33.58 9.65
N GLY B 36 -30.70 -34.04 8.79
CA GLY B 36 -30.33 -34.71 7.56
C GLY B 36 -31.03 -36.04 7.44
N ASN B 37 -30.47 -36.91 6.60
CA ASN B 37 -31.04 -38.21 6.30
C ASN B 37 -30.18 -39.37 6.79
N THR B 38 -29.25 -39.11 7.71
CA THR B 38 -28.40 -40.15 8.28
C THR B 38 -29.08 -40.82 9.47
N ASP B 39 -28.47 -41.92 9.93
CA ASP B 39 -28.95 -42.62 11.11
C ASP B 39 -28.57 -41.93 12.42
N ARG B 40 -27.73 -40.90 12.35
CA ARG B 40 -27.31 -40.15 13.52
C ARG B 40 -28.25 -38.96 13.73
N HIS B 41 -28.82 -38.86 14.93
CA HIS B 41 -29.76 -37.79 15.27
C HIS B 41 -29.15 -36.71 16.15
N SER B 42 -27.96 -36.92 16.69
CA SER B 42 -27.34 -35.98 17.61
C SER B 42 -25.86 -36.33 17.72
N ILE B 43 -25.11 -35.41 18.34
CA ILE B 43 -23.66 -35.55 18.45
C ILE B 43 -23.19 -34.75 19.65
N LYS B 44 -22.10 -35.21 20.26
CA LYS B 44 -21.54 -34.55 21.43
C LYS B 44 -20.42 -33.61 20.99
N LYS B 45 -20.52 -32.34 21.36
CA LYS B 45 -19.58 -31.31 20.97
C LYS B 45 -19.02 -30.62 22.19
N ASN B 46 -17.70 -30.46 22.23
CA ASN B 46 -17.08 -29.55 23.16
C ASN B 46 -17.31 -28.12 22.68
N LEU B 47 -17.46 -27.21 23.64
CA LEU B 47 -17.74 -25.80 23.31
C LEU B 47 -16.45 -25.02 23.13
N ILE B 48 -15.66 -25.46 22.16
CA ILE B 48 -14.39 -24.83 21.80
C ILE B 48 -14.11 -25.14 20.33
N GLY B 49 -13.64 -24.13 19.61
CA GLY B 49 -13.41 -24.30 18.18
C GLY B 49 -12.82 -23.04 17.58
N ALA B 50 -12.69 -23.07 16.26
CA ALA B 50 -12.04 -21.96 15.55
C ALA B 50 -12.54 -21.92 14.11
N LEU B 51 -13.03 -20.76 13.68
CA LEU B 51 -13.46 -20.55 12.31
C LEU B 51 -12.28 -20.13 11.45
N LEU B 52 -12.09 -20.78 10.31
CA LEU B 52 -11.02 -20.46 9.38
C LEU B 52 -11.61 -19.91 8.08
N PHE B 53 -10.93 -18.93 7.49
CA PHE B 53 -11.43 -18.29 6.28
C PHE B 53 -10.28 -17.67 5.50
N ASP B 54 -10.46 -17.58 4.18
CA ASP B 54 -9.51 -16.92 3.32
C ASP B 54 -9.48 -15.41 3.59
N SER B 55 -8.31 -14.82 3.41
CA SER B 55 -8.12 -13.40 3.71
C SER B 55 -9.07 -12.53 2.90
N GLY B 56 -9.67 -11.55 3.57
CA GLY B 56 -10.41 -10.53 2.86
C GLY B 56 -9.46 -9.67 2.05
N GLU B 57 -9.93 -9.23 0.89
CA GLU B 57 -9.11 -8.47 -0.04
C GLU B 57 -9.50 -7.00 -0.05
N THR B 58 -8.54 -6.15 -0.44
CA THR B 58 -8.82 -4.73 -0.59
C THR B 58 -9.53 -4.48 -1.92
N ALA B 59 -10.03 -3.26 -2.08
CA ALA B 59 -10.71 -2.86 -3.32
C ALA B 59 -9.74 -2.39 -4.39
N GLU B 60 -8.43 -2.38 -4.10
CA GLU B 60 -7.46 -1.76 -4.98
C GLU B 60 -7.40 -2.42 -6.35
N ALA B 61 -7.17 -3.74 -6.37
CA ALA B 61 -7.10 -4.47 -7.63
C ALA B 61 -8.36 -4.27 -8.46
N THR B 62 -9.53 -4.32 -7.81
CA THR B 62 -10.78 -4.02 -8.47
C THR B 62 -10.78 -2.63 -9.08
N ARG B 63 -10.17 -1.67 -8.38
CA ARG B 63 -10.13 -0.29 -8.87
C ARG B 63 -9.21 -0.16 -10.08
N LEU B 64 -7.99 -0.67 -9.97
CA LEU B 64 -7.04 -0.57 -11.08
C LEU B 64 -7.62 -1.21 -12.34
N LYS B 65 -8.29 -2.35 -12.20
CA LYS B 65 -8.96 -2.96 -13.34
C LYS B 65 -10.08 -2.08 -13.87
N ARG B 66 -10.87 -1.49 -12.96
CA ARG B 66 -11.92 -0.57 -13.37
C ARG B 66 -11.33 0.61 -14.13
N THR B 67 -10.22 1.15 -13.64
CA THR B 67 -9.61 2.30 -14.29
C THR B 67 -9.11 1.95 -15.69
N ALA B 68 -8.52 0.76 -15.86
CA ALA B 68 -8.05 0.35 -17.17
C ALA B 68 -9.20 0.20 -18.15
N ARG B 69 -10.31 -0.39 -17.69
CA ARG B 69 -11.50 -0.55 -18.53
C ARG B 69 -11.94 0.78 -19.10
N ARG B 70 -12.09 1.80 -18.25
CA ARG B 70 -12.42 3.14 -18.72
C ARG B 70 -11.40 3.63 -19.73
N ARG B 71 -10.12 3.46 -19.42
CA ARG B 71 -9.05 3.83 -20.34
C ARG B 71 -9.27 3.25 -21.72
N TYR B 72 -9.52 1.93 -21.80
CA TYR B 72 -9.68 1.27 -23.08
C TYR B 72 -10.94 1.75 -23.80
N THR B 73 -12.02 2.00 -23.05
CA THR B 73 -13.24 2.51 -23.67
C THR B 73 -13.03 3.87 -24.31
N ARG B 74 -12.34 4.77 -23.59
CA ARG B 74 -12.16 6.14 -24.08
C ARG B 74 -11.12 6.21 -25.20
N ARG B 75 -10.13 5.32 -25.20
CA ARG B 75 -9.18 5.27 -26.32
C ARG B 75 -9.88 4.81 -27.59
N LYS B 76 -10.78 3.83 -27.48
CA LYS B 76 -11.61 3.45 -28.62
C LYS B 76 -12.45 4.63 -29.07
N ASN B 77 -13.00 5.40 -28.13
CA ASN B 77 -13.84 6.53 -28.49
C ASN B 77 -13.06 7.58 -29.25
N ARG B 78 -11.81 7.86 -28.84
CA ARG B 78 -10.96 8.77 -29.59
C ARG B 78 -10.86 8.34 -31.04
N ILE B 79 -10.54 7.07 -31.28
CA ILE B 79 -10.45 6.57 -32.65
C ILE B 79 -11.76 6.74 -33.38
N CYS B 80 -12.88 6.44 -32.71
CA CYS B 80 -14.19 6.59 -33.35
C CYS B 80 -14.47 8.04 -33.70
N TYR B 81 -14.08 8.98 -32.81
CA TYR B 81 -14.20 10.40 -33.13
C TYR B 81 -13.47 10.72 -34.43
N LEU B 82 -12.20 10.31 -34.52
CA LEU B 82 -11.39 10.63 -35.70
C LEU B 82 -11.98 10.02 -36.96
N GLN B 83 -12.40 8.75 -36.88
CA GLN B 83 -13.00 8.09 -38.04
C GLN B 83 -14.31 8.77 -38.45
N GLU B 84 -15.07 9.27 -37.47
CA GLU B 84 -16.29 10.00 -37.81
C GLU B 84 -15.96 11.25 -38.62
N ILE B 85 -14.89 11.94 -38.27
CA ILE B 85 -14.48 13.14 -39.00
C ILE B 85 -14.08 12.78 -40.43
N PHE B 86 -13.40 11.66 -40.61
CA PHE B 86 -12.91 11.22 -41.92
C PHE B 86 -13.99 10.57 -42.78
N SER B 87 -15.21 10.41 -42.27
CA SER B 87 -16.16 9.45 -42.84
C SER B 87 -16.47 9.76 -44.31
N ASN B 88 -17.08 10.92 -44.59
CA ASN B 88 -17.55 11.21 -45.94
C ASN B 88 -16.40 11.23 -46.93
N GLU B 89 -15.33 11.96 -46.61
CA GLU B 89 -14.24 12.14 -47.56
C GLU B 89 -13.51 10.83 -47.82
N MET B 90 -13.30 10.01 -46.78
CA MET B 90 -12.69 8.70 -47.00
C MET B 90 -13.56 7.82 -47.87
N ALA B 91 -14.89 7.98 -47.78
CA ALA B 91 -15.80 7.20 -48.61
C ALA B 91 -15.54 7.44 -50.10
N LYS B 92 -15.14 8.66 -50.46
CA LYS B 92 -14.88 8.97 -51.85
C LYS B 92 -13.59 8.31 -52.35
N VAL B 93 -12.66 7.97 -51.46
CA VAL B 93 -11.38 7.42 -51.88
C VAL B 93 -11.39 5.89 -51.83
N ASP B 94 -11.93 5.32 -50.74
CA ASP B 94 -11.93 3.88 -50.54
C ASP B 94 -13.09 3.58 -49.59
N ASP B 95 -14.19 3.04 -50.12
CA ASP B 95 -15.42 2.91 -49.35
C ASP B 95 -15.42 1.71 -48.40
N SER B 96 -14.28 1.04 -48.20
CA SER B 96 -14.19 -0.08 -47.27
C SER B 96 -12.93 -0.01 -46.42
N PHE B 97 -12.16 1.07 -46.51
CA PHE B 97 -10.91 1.20 -45.76
C PHE B 97 -11.13 0.93 -44.28
N PHE B 98 -12.05 1.66 -43.66
CA PHE B 98 -12.32 1.46 -42.24
C PHE B 98 -12.93 0.10 -41.96
N HIS B 99 -13.51 -0.56 -42.98
CA HIS B 99 -14.00 -1.92 -42.78
C HIS B 99 -12.86 -2.92 -42.69
N ARG B 100 -11.84 -2.75 -43.54
CA ARG B 100 -10.67 -3.64 -43.49
C ARG B 100 -9.88 -3.44 -42.21
N LEU B 101 -9.79 -2.20 -41.72
CA LEU B 101 -9.16 -1.97 -40.43
C LEU B 101 -9.92 -2.66 -39.31
N GLU B 102 -11.26 -2.53 -39.32
CA GLU B 102 -12.09 -3.09 -38.26
C GLU B 102 -11.97 -4.61 -38.20
N GLU B 103 -11.81 -5.27 -39.34
CA GLU B 103 -11.75 -6.73 -39.39
C GLU B 103 -10.32 -7.26 -39.55
N SER B 104 -9.32 -6.45 -39.20
CA SER B 104 -7.92 -6.85 -39.41
C SER B 104 -7.56 -8.11 -38.63
N PHE B 105 -8.22 -8.33 -37.49
CA PHE B 105 -7.88 -9.46 -36.62
C PHE B 105 -8.38 -10.79 -37.18
N LEU B 106 -9.46 -10.75 -37.95
CA LEU B 106 -10.08 -11.98 -38.45
C LEU B 106 -9.17 -12.69 -39.45
N VAL B 107 -9.34 -14.01 -39.53
CA VAL B 107 -8.69 -14.78 -40.57
C VAL B 107 -9.44 -14.58 -41.88
N GLU B 108 -8.72 -14.77 -43.00
CA GLU B 108 -9.29 -14.47 -44.31
C GLU B 108 -10.56 -15.26 -44.59
N GLU B 109 -10.69 -16.45 -43.99
CA GLU B 109 -11.92 -17.23 -44.10
C GLU B 109 -13.13 -16.43 -43.63
N ASP B 110 -12.97 -15.66 -42.55
CA ASP B 110 -14.06 -14.87 -41.97
C ASP B 110 -14.08 -13.43 -42.44
N LYS B 111 -13.02 -12.97 -43.13
CA LYS B 111 -13.00 -11.61 -43.62
C LYS B 111 -14.04 -11.43 -44.72
N LYS B 112 -14.83 -10.37 -44.62
CA LYS B 112 -15.79 -10.06 -45.67
C LYS B 112 -15.21 -9.17 -46.76
N HIS B 113 -14.00 -8.67 -46.59
CA HIS B 113 -13.33 -7.88 -47.63
C HIS B 113 -11.96 -8.46 -47.92
N GLU B 114 -11.13 -7.72 -48.64
CA GLU B 114 -9.80 -8.17 -49.01
C GLU B 114 -8.88 -8.16 -47.79
N ARG B 115 -7.84 -9.01 -47.84
CA ARG B 115 -7.02 -9.23 -46.65
C ARG B 115 -5.95 -8.18 -46.43
N HIS B 116 -5.66 -7.35 -47.43
CA HIS B 116 -4.64 -6.32 -47.28
C HIS B 116 -5.27 -5.02 -46.83
N PRO B 117 -4.98 -4.55 -45.61
CA PRO B 117 -5.86 -3.56 -44.97
C PRO B 117 -5.80 -2.18 -45.58
N ILE B 118 -4.60 -1.67 -45.86
CA ILE B 118 -4.44 -0.27 -46.21
C ILE B 118 -5.01 0.02 -47.60
N PHE B 119 -4.58 -0.75 -48.61
CA PHE B 119 -4.93 -0.46 -49.99
C PHE B 119 -5.87 -1.47 -50.63
N GLY B 120 -5.97 -2.68 -50.11
CA GLY B 120 -6.89 -3.66 -50.66
C GLY B 120 -6.37 -4.48 -51.82
N ASN B 121 -5.06 -4.46 -52.07
CA ASN B 121 -4.45 -5.35 -53.04
C ASN B 121 -3.00 -5.56 -52.64
N ILE B 122 -2.44 -6.69 -53.09
CA ILE B 122 -1.12 -7.08 -52.59
C ILE B 122 -0.01 -6.18 -53.13
N VAL B 123 -0.15 -5.68 -54.36
CA VAL B 123 0.91 -4.88 -54.96
C VAL B 123 1.09 -3.57 -54.19
N ASP B 124 0.00 -2.84 -53.96
CA ASP B 124 0.11 -1.56 -53.26
C ASP B 124 0.57 -1.75 -51.82
N GLU B 125 0.11 -2.84 -51.18
CA GLU B 125 0.46 -3.08 -49.78
C GLU B 125 1.95 -3.35 -49.63
N VAL B 126 2.50 -4.23 -50.46
CA VAL B 126 3.93 -4.54 -50.40
C VAL B 126 4.76 -3.30 -50.72
N ALA B 127 4.28 -2.47 -51.66
CA ALA B 127 4.97 -1.23 -51.96
C ALA B 127 4.97 -0.29 -50.77
N TYR B 128 3.86 -0.23 -50.04
CA TYR B 128 3.79 0.62 -48.86
C TYR B 128 4.87 0.25 -47.85
N HIS B 129 4.96 -1.03 -47.50
CA HIS B 129 5.90 -1.47 -46.49
C HIS B 129 7.35 -1.26 -46.92
N GLU B 130 7.62 -1.39 -48.22
CA GLU B 130 8.99 -1.16 -48.70
C GLU B 130 9.38 0.30 -48.54
N LYS B 131 8.42 1.22 -48.75
CA LYS B 131 8.71 2.64 -48.62
C LYS B 131 8.65 3.11 -47.16
N TYR B 132 7.81 2.49 -46.34
CA TYR B 132 7.61 2.91 -44.95
C TYR B 132 7.65 1.69 -44.05
N PRO B 133 8.86 1.14 -43.79
CA PRO B 133 8.95 -0.08 -42.97
C PRO B 133 8.34 0.05 -41.59
N THR B 134 8.43 1.21 -40.96
CA THR B 134 7.75 1.48 -39.69
C THR B 134 6.78 2.65 -39.89
N ILE B 135 5.82 2.75 -38.96
CA ILE B 135 4.87 3.86 -38.98
C ILE B 135 5.59 5.20 -38.85
N TYR B 136 6.76 5.21 -38.21
CA TYR B 136 7.47 6.46 -37.99
C TYR B 136 8.08 7.00 -39.29
N HIS B 137 8.40 6.13 -40.24
CA HIS B 137 8.77 6.62 -41.57
C HIS B 137 7.64 7.43 -42.16
N LEU B 138 6.42 6.89 -42.12
CA LEU B 138 5.28 7.59 -42.69
C LEU B 138 4.98 8.89 -41.96
N ARG B 139 5.11 8.87 -40.63
CA ARG B 139 4.86 10.09 -39.86
C ARG B 139 5.84 11.20 -40.23
N LYS B 140 7.11 10.85 -40.40
CA LYS B 140 8.10 11.86 -40.76
C LYS B 140 7.85 12.40 -42.16
N LYS B 141 7.56 11.52 -43.12
CA LYS B 141 7.27 11.96 -44.48
C LYS B 141 6.08 12.92 -44.50
N LEU B 142 5.01 12.56 -43.78
CA LEU B 142 3.82 13.41 -43.78
C LEU B 142 4.07 14.73 -43.05
N VAL B 143 5.05 14.77 -42.15
CA VAL B 143 5.40 16.02 -41.49
C VAL B 143 6.28 16.87 -42.40
N ASP B 144 7.20 16.26 -43.14
CA ASP B 144 8.19 17.00 -43.89
C ASP B 144 7.75 17.34 -45.31
N SER B 145 7.11 16.41 -46.01
CA SER B 145 6.86 16.57 -47.43
C SER B 145 5.83 17.66 -47.70
N THR B 146 5.88 18.21 -48.91
CA THR B 146 4.95 19.24 -49.37
C THR B 146 3.90 18.71 -50.32
N ASP B 147 3.98 17.43 -50.70
CA ASP B 147 3.10 16.85 -51.70
C ASP B 147 1.79 16.37 -51.09
N LYS B 148 0.75 16.33 -51.92
CA LYS B 148 -0.51 15.71 -51.49
C LYS B 148 -0.30 14.23 -51.23
N ALA B 149 -0.89 13.74 -50.15
CA ALA B 149 -0.72 12.35 -49.74
C ALA B 149 -2.07 11.66 -49.71
N ASP B 150 -2.03 10.33 -49.85
CA ASP B 150 -3.26 9.54 -49.81
C ASP B 150 -3.96 9.73 -48.47
N LEU B 151 -5.27 9.96 -48.52
CA LEU B 151 -6.05 10.17 -47.31
C LEU B 151 -5.92 9.03 -46.32
N ARG B 152 -5.75 7.80 -46.83
CA ARG B 152 -5.63 6.64 -45.94
C ARG B 152 -4.33 6.67 -45.16
N LEU B 153 -3.24 7.14 -45.76
CA LEU B 153 -1.99 7.24 -45.03
C LEU B 153 -2.02 8.41 -44.05
N ILE B 154 -2.81 9.44 -44.35
CA ILE B 154 -2.98 10.54 -43.41
C ILE B 154 -3.73 10.05 -42.17
N TYR B 155 -4.79 9.27 -42.37
CA TYR B 155 -5.53 8.73 -41.23
C TYR B 155 -4.63 7.87 -40.36
N LEU B 156 -3.85 6.98 -40.98
CA LEU B 156 -3.01 6.06 -40.22
C LEU B 156 -2.00 6.81 -39.36
N ALA B 157 -1.44 7.90 -39.87
CA ALA B 157 -0.46 8.64 -39.08
C ALA B 157 -1.12 9.41 -37.95
N LEU B 158 -2.31 9.97 -38.19
CA LEU B 158 -3.00 10.70 -37.14
C LEU B 158 -3.58 9.75 -36.10
N ALA B 159 -4.13 8.62 -36.56
CA ALA B 159 -4.64 7.62 -35.62
C ALA B 159 -3.55 7.10 -34.71
N HIS B 160 -2.37 6.81 -35.27
CA HIS B 160 -1.28 6.28 -34.46
C HIS B 160 -0.86 7.28 -33.39
N MET B 161 -0.90 8.58 -33.70
CA MET B 161 -0.56 9.58 -32.70
C MET B 161 -1.64 9.67 -31.62
N ILE B 162 -2.91 9.60 -32.02
CA ILE B 162 -3.99 9.72 -31.04
C ILE B 162 -4.15 8.44 -30.23
N LYS B 163 -3.93 7.26 -30.84
CA LYS B 163 -4.08 6.01 -30.09
C LYS B 163 -3.00 5.87 -29.03
N PHE B 164 -1.78 6.34 -29.31
CA PHE B 164 -0.64 6.26 -28.39
C PHE B 164 -0.08 7.67 -28.25
N ARG B 165 -0.72 8.47 -27.40
CA ARG B 165 -0.55 9.91 -27.42
C ARG B 165 0.49 10.43 -26.45
N GLY B 166 1.01 9.60 -25.54
CA GLY B 166 1.99 10.07 -24.58
C GLY B 166 1.37 10.68 -23.35
N HIS B 167 2.20 10.87 -22.33
CA HIS B 167 1.76 11.27 -21.01
C HIS B 167 1.43 12.76 -20.96
N PHE B 168 0.84 13.18 -19.83
CA PHE B 168 0.41 14.55 -19.58
C PHE B 168 1.07 15.12 -18.33
N LEU B 169 2.30 14.70 -18.03
CA LEU B 169 2.96 15.14 -16.82
C LEU B 169 3.46 16.58 -16.89
N ILE B 170 3.61 17.14 -18.09
CA ILE B 170 4.13 18.50 -18.25
C ILE B 170 2.98 19.42 -18.63
N GLU B 171 2.91 20.58 -17.97
CA GLU B 171 1.93 21.60 -18.28
C GLU B 171 2.49 22.56 -19.33
N GLY B 172 1.59 23.14 -20.12
CA GLY B 172 2.00 24.10 -21.13
C GLY B 172 2.50 23.45 -22.40
N ASP B 173 3.12 24.27 -23.24
CA ASP B 173 3.62 23.83 -24.54
C ASP B 173 5.14 23.67 -24.52
N LEU B 174 5.63 22.82 -25.42
CA LEU B 174 7.06 22.52 -25.52
C LEU B 174 7.63 23.16 -26.78
N ASN B 175 8.79 23.80 -26.64
CA ASN B 175 9.46 24.41 -27.78
C ASN B 175 10.61 23.50 -28.22
N PRO B 176 10.50 22.82 -29.36
CA PRO B 176 11.55 21.89 -29.77
C PRO B 176 12.82 22.57 -30.24
N ASP B 177 12.76 23.84 -30.67
CA ASP B 177 13.96 24.56 -31.05
C ASP B 177 14.48 25.43 -29.93
N ASN B 178 13.62 25.91 -29.04
CA ASN B 178 14.09 26.68 -27.90
C ASN B 178 14.78 25.83 -26.84
N SER B 179 14.80 24.50 -27.00
CA SER B 179 15.51 23.62 -26.08
C SER B 179 16.69 22.99 -26.80
N ASP B 180 17.68 23.83 -27.09
CA ASP B 180 18.98 23.40 -27.61
C ASP B 180 19.94 23.39 -26.42
N VAL B 181 20.53 22.21 -26.14
CA VAL B 181 21.39 22.09 -24.96
C VAL B 181 22.60 22.99 -25.07
N ASP B 182 23.14 23.17 -26.28
CA ASP B 182 24.30 24.03 -26.45
C ASP B 182 23.98 25.49 -26.15
N LYS B 183 22.83 25.97 -26.62
CA LYS B 183 22.48 27.37 -26.41
C LYS B 183 22.00 27.65 -24.99
N LEU B 184 21.36 26.67 -24.36
CA LEU B 184 20.97 26.85 -22.96
C LEU B 184 22.16 26.72 -22.02
N PHE B 185 23.18 25.92 -22.40
CA PHE B 185 24.43 25.90 -21.65
C PHE B 185 25.18 27.20 -21.82
N ILE B 186 25.21 27.74 -23.04
CA ILE B 186 25.89 29.01 -23.29
C ILE B 186 25.21 30.14 -22.52
N GLN B 187 23.88 30.12 -22.46
CA GLN B 187 23.18 31.17 -21.74
C GLN B 187 23.32 31.03 -20.23
N LEU B 188 23.45 29.80 -19.72
CA LEU B 188 23.77 29.63 -18.31
C LEU B 188 25.16 30.18 -18.00
N VAL B 189 26.12 29.95 -18.89
CA VAL B 189 27.46 30.50 -18.72
C VAL B 189 27.40 32.02 -18.73
N GLN B 190 26.56 32.60 -19.59
CA GLN B 190 26.50 34.06 -19.71
C GLN B 190 25.82 34.68 -18.49
N THR B 191 24.81 34.01 -17.93
CA THR B 191 24.18 34.55 -16.73
C THR B 191 25.09 34.42 -15.52
N TYR B 192 25.91 33.38 -15.47
CA TYR B 192 26.88 33.23 -14.39
C TYR B 192 27.98 34.28 -14.49
N ASN B 193 28.53 34.49 -15.70
CA ASN B 193 29.59 35.47 -15.87
C ASN B 193 29.13 36.89 -15.61
N GLN B 194 27.82 37.16 -15.69
CA GLN B 194 27.32 38.48 -15.33
C GLN B 194 27.39 38.70 -13.83
N LEU B 195 26.96 37.70 -13.05
CA LEU B 195 26.95 37.85 -11.59
C LEU B 195 28.36 37.80 -11.01
N PHE B 196 29.26 37.04 -11.62
CA PHE B 196 30.61 36.85 -11.10
C PHE B 196 31.60 37.30 -12.17
N GLU B 197 31.75 38.61 -12.31
CA GLU B 197 32.66 39.13 -13.34
C GLU B 197 34.11 38.84 -13.01
N GLU B 198 34.48 38.88 -11.72
CA GLU B 198 35.86 38.65 -11.35
C GLU B 198 36.25 37.19 -11.51
N ASN B 199 35.30 36.26 -11.37
CA ASN B 199 35.54 34.82 -11.47
C ASN B 199 34.74 34.26 -12.63
N PRO B 200 35.24 34.35 -13.86
CA PRO B 200 34.47 33.87 -15.01
C PRO B 200 34.95 32.52 -15.53
N ILE B 201 34.08 31.82 -16.25
CA ILE B 201 34.37 30.47 -16.75
C ILE B 201 34.63 30.55 -18.25
N ASN B 202 35.71 29.90 -18.69
CA ASN B 202 36.02 29.77 -20.12
C ASN B 202 35.37 28.50 -20.62
N ALA B 203 34.26 28.63 -21.33
CA ALA B 203 33.51 27.50 -21.86
C ALA B 203 33.82 27.20 -23.31
N SER B 204 34.82 27.87 -23.88
CA SER B 204 35.17 27.64 -25.28
C SER B 204 35.77 26.25 -25.46
N GLY B 205 35.48 25.63 -26.60
CA GLY B 205 35.91 24.28 -26.88
C GLY B 205 35.19 23.20 -26.10
N VAL B 206 34.23 23.56 -25.26
CA VAL B 206 33.47 22.60 -24.48
C VAL B 206 32.24 22.18 -25.28
N ASP B 207 32.19 20.90 -25.65
CA ASP B 207 31.06 20.34 -26.41
C ASP B 207 29.95 19.99 -25.42
N ALA B 208 29.16 21.01 -25.06
CA ALA B 208 28.09 20.83 -24.09
C ALA B 208 27.04 19.85 -24.59
N LYS B 209 26.76 19.86 -25.90
CA LYS B 209 25.72 19.01 -26.46
C LYS B 209 26.01 17.54 -26.21
N ALA B 210 27.19 17.07 -26.62
CA ALA B 210 27.51 15.66 -26.51
C ALA B 210 27.61 15.22 -25.05
N ILE B 211 28.15 16.09 -24.19
CA ILE B 211 28.44 15.69 -22.81
C ILE B 211 27.15 15.56 -22.01
N LEU B 212 26.27 16.57 -22.09
CA LEU B 212 25.07 16.56 -21.26
C LEU B 212 23.98 15.65 -21.80
N SER B 213 23.88 15.51 -23.12
CA SER B 213 22.91 14.61 -23.73
C SER B 213 23.41 13.17 -23.86
N ALA B 214 24.62 12.88 -23.36
CA ALA B 214 25.15 11.54 -23.47
C ALA B 214 24.32 10.54 -22.66
N ARG B 215 24.31 9.30 -23.14
CA ARG B 215 23.59 8.21 -22.47
C ARG B 215 24.41 7.72 -21.29
N LEU B 216 24.41 8.54 -20.23
CA LEU B 216 25.24 8.26 -19.06
C LEU B 216 24.51 8.74 -17.81
N SER B 217 25.00 8.28 -16.66
CA SER B 217 24.43 8.69 -15.39
C SER B 217 24.62 10.18 -15.17
N LYS B 218 23.66 10.79 -14.48
CA LYS B 218 23.71 12.23 -14.21
C LYS B 218 25.02 12.63 -13.57
N SER B 219 25.49 11.85 -12.59
CA SER B 219 26.74 12.19 -11.92
C SER B 219 27.92 12.10 -12.87
N ARG B 220 27.93 11.11 -13.76
CA ARG B 220 29.05 10.94 -14.68
C ARG B 220 29.12 12.07 -15.70
N ARG B 221 27.97 12.48 -16.24
CA ARG B 221 27.96 13.60 -17.17
C ARG B 221 28.39 14.89 -16.47
N LEU B 222 27.99 15.07 -15.21
CA LEU B 222 28.47 16.20 -14.44
C LEU B 222 29.99 16.19 -14.32
N GLU B 223 30.56 15.04 -13.97
CA GLU B 223 32.01 14.94 -13.86
C GLU B 223 32.69 15.12 -15.21
N ASN B 224 32.05 14.69 -16.30
CA ASN B 224 32.62 14.89 -17.62
C ASN B 224 32.71 16.38 -17.97
N LEU B 225 31.62 17.12 -17.71
CA LEU B 225 31.60 18.53 -18.07
C LEU B 225 32.60 19.33 -17.23
N ILE B 226 32.60 19.11 -15.92
CA ILE B 226 33.54 19.82 -15.05
C ILE B 226 34.97 19.49 -15.41
N ALA B 227 35.22 18.24 -15.84
CA ALA B 227 36.55 17.87 -16.30
C ALA B 227 37.03 18.76 -17.43
N GLN B 228 36.11 19.29 -18.23
CA GLN B 228 36.46 20.19 -19.32
C GLN B 228 36.73 21.62 -18.85
N LEU B 229 36.45 21.92 -17.59
CA LEU B 229 36.58 23.28 -17.06
C LEU B 229 37.67 23.33 -15.99
N PRO B 230 38.87 23.77 -16.33
CA PRO B 230 39.96 23.78 -15.34
C PRO B 230 39.76 24.86 -14.29
N GLY B 231 40.08 24.53 -13.05
CA GLY B 231 39.86 25.46 -11.96
C GLY B 231 38.42 25.55 -11.50
N GLU B 232 37.59 24.59 -11.91
CA GLU B 232 36.21 24.50 -11.45
C GLU B 232 36.00 23.09 -10.94
N LYS B 233 35.38 22.97 -9.76
CA LYS B 233 35.08 21.69 -9.16
C LYS B 233 33.59 21.43 -9.22
N LYS B 234 33.22 20.14 -9.25
CA LYS B 234 31.81 19.78 -9.38
C LYS B 234 30.97 20.32 -8.23
N ASN B 235 31.60 20.62 -7.09
CA ASN B 235 30.89 21.14 -5.92
C ASN B 235 30.95 22.65 -5.82
N GLY B 236 31.58 23.33 -6.78
CA GLY B 236 31.50 24.77 -6.88
C GLY B 236 30.16 25.22 -7.40
N LEU B 237 29.96 26.54 -7.40
CA LEU B 237 28.65 27.10 -7.75
C LEU B 237 28.19 26.67 -9.13
N PHE B 238 29.07 26.83 -10.14
CA PHE B 238 28.69 26.43 -11.49
C PHE B 238 28.43 24.93 -11.56
N GLY B 239 29.31 24.14 -10.97
CA GLY B 239 29.09 22.69 -10.94
C GLY B 239 27.75 22.33 -10.33
N ASN B 240 27.39 22.99 -9.21
CA ASN B 240 26.10 22.72 -8.58
C ASN B 240 24.96 23.08 -9.52
N LEU B 241 25.08 24.17 -10.27
CA LEU B 241 24.03 24.55 -11.21
C LEU B 241 23.88 23.51 -12.31
N ILE B 242 24.98 22.99 -12.83
CA ILE B 242 24.92 21.90 -13.81
C ILE B 242 24.31 20.66 -13.17
N ALA B 243 24.67 20.38 -11.92
CA ALA B 243 24.11 19.24 -11.21
C ALA B 243 22.61 19.38 -11.05
N LEU B 244 22.14 20.57 -10.71
CA LEU B 244 20.70 20.83 -10.66
C LEU B 244 20.06 20.57 -12.02
N SER B 245 20.72 21.01 -13.09
CA SER B 245 20.18 20.82 -14.44
C SER B 245 20.07 19.35 -14.79
N LEU B 246 21.04 18.54 -14.39
CA LEU B 246 21.05 17.11 -14.69
C LEU B 246 20.06 16.31 -13.88
N GLY B 247 19.26 16.94 -13.01
CA GLY B 247 18.32 16.21 -12.19
C GLY B 247 18.88 15.69 -10.90
N LEU B 248 20.09 16.09 -10.51
CA LEU B 248 20.66 15.73 -9.23
C LEU B 248 20.15 16.67 -8.14
N THR B 249 20.57 16.43 -6.90
CA THR B 249 20.14 17.20 -5.74
C THR B 249 21.36 17.86 -5.11
N PRO B 250 21.77 19.02 -5.59
CA PRO B 250 22.93 19.72 -5.01
C PRO B 250 22.53 20.59 -3.82
N ASN B 251 23.56 20.99 -3.07
CA ASN B 251 23.40 21.79 -1.86
C ASN B 251 24.17 23.09 -2.05
N PHE B 252 23.44 24.21 -2.13
CA PHE B 252 24.05 25.52 -2.37
C PHE B 252 24.41 26.26 -1.10
N LYS B 253 24.17 25.66 0.08
CA LYS B 253 24.61 26.26 1.33
C LYS B 253 26.07 26.67 1.25
N SER B 254 26.95 25.71 0.95
CA SER B 254 28.39 25.95 0.94
C SER B 254 28.82 26.92 -0.15
N ASN B 255 28.00 27.13 -1.19
CA ASN B 255 28.36 28.10 -2.22
C ASN B 255 28.18 29.53 -1.73
N PHE B 256 27.05 29.81 -1.06
CA PHE B 256 26.72 31.16 -0.63
C PHE B 256 26.94 31.37 0.86
N ASP B 257 27.88 30.63 1.45
CA ASP B 257 28.32 30.86 2.83
C ASP B 257 27.16 30.77 3.82
N LEU B 258 26.08 30.09 3.46
CA LEU B 258 24.93 30.02 4.34
C LEU B 258 25.22 29.15 5.56
N ALA B 259 24.49 29.42 6.65
CA ALA B 259 24.57 28.60 7.84
C ALA B 259 23.59 27.44 7.82
N GLU B 260 22.46 27.61 7.13
CA GLU B 260 21.49 26.55 6.93
C GLU B 260 21.61 26.00 5.52
N ASP B 261 20.96 24.86 5.29
CA ASP B 261 21.20 24.05 4.09
C ASP B 261 20.12 24.32 3.03
N ALA B 262 20.56 24.73 1.85
CA ALA B 262 19.69 24.96 0.70
C ALA B 262 19.96 23.86 -0.32
N LYS B 263 19.35 22.69 -0.10
CA LYS B 263 19.40 21.62 -1.08
C LYS B 263 18.24 21.81 -2.06
N LEU B 264 18.54 21.65 -3.35
CA LEU B 264 17.60 21.94 -4.42
C LEU B 264 17.51 20.77 -5.37
N GLN B 265 16.30 20.31 -5.63
CA GLN B 265 16.03 19.36 -6.70
C GLN B 265 14.86 19.90 -7.51
N LEU B 266 14.98 19.80 -8.84
CA LEU B 266 13.97 20.35 -9.73
C LEU B 266 12.71 19.50 -9.80
N SER B 267 12.78 18.25 -9.35
CA SER B 267 11.61 17.37 -9.43
C SER B 267 10.68 17.53 -8.23
N LYS B 268 11.21 17.84 -7.06
CA LYS B 268 10.40 17.92 -5.85
C LYS B 268 9.33 18.99 -5.97
N ASP B 269 8.18 18.72 -5.34
CA ASP B 269 7.12 19.72 -5.28
C ASP B 269 7.56 20.94 -4.48
N THR B 270 8.49 20.77 -3.55
CA THR B 270 8.93 21.84 -2.67
C THR B 270 9.84 22.85 -3.37
N TYR B 271 10.36 22.52 -4.57
CA TYR B 271 11.38 23.36 -5.19
C TYR B 271 10.90 24.79 -5.36
N ASP B 272 9.63 24.98 -5.78
CA ASP B 272 9.10 26.33 -5.97
C ASP B 272 9.30 27.18 -4.71
N ASP B 273 8.99 26.60 -3.54
CA ASP B 273 9.31 27.28 -2.29
C ASP B 273 10.78 27.19 -1.97
N ASP B 274 11.40 26.02 -2.21
CA ASP B 274 12.81 25.83 -1.90
C ASP B 274 13.69 26.88 -2.57
N LEU B 275 13.32 27.29 -3.79
CA LEU B 275 14.09 28.31 -4.48
C LEU B 275 13.84 29.70 -3.89
N ASP B 276 12.55 30.08 -3.77
CA ASP B 276 12.22 31.37 -3.17
C ASP B 276 12.86 31.53 -1.81
N ASN B 277 12.87 30.46 -1.01
CA ASN B 277 13.48 30.51 0.32
C ASN B 277 14.96 30.80 0.22
N LEU B 278 15.68 30.09 -0.65
CA LEU B 278 17.09 30.40 -0.88
C LEU B 278 17.26 31.81 -1.43
N LEU B 279 16.43 32.20 -2.40
CA LEU B 279 16.50 33.53 -2.98
C LEU B 279 16.26 34.62 -1.94
N ALA B 280 15.57 34.31 -0.84
CA ALA B 280 15.39 35.28 0.23
C ALA B 280 16.70 35.64 0.90
N GLN B 281 17.62 34.68 1.01
CA GLN B 281 18.86 34.93 1.75
C GLN B 281 19.90 35.66 0.91
N ILE B 282 20.04 35.27 -0.36
CA ILE B 282 21.12 35.78 -1.20
C ILE B 282 20.65 36.80 -2.23
N GLY B 283 19.34 36.99 -2.39
CA GLY B 283 18.81 38.07 -3.19
C GLY B 283 18.21 37.58 -4.51
N ASP B 284 17.59 38.52 -5.22
CA ASP B 284 16.91 38.23 -6.47
C ASP B 284 17.79 38.41 -7.70
N GLN B 285 19.04 38.87 -7.53
CA GLN B 285 19.97 38.89 -8.65
C GLN B 285 20.26 37.48 -9.15
N TYR B 286 20.16 36.49 -8.27
CA TYR B 286 20.47 35.11 -8.61
C TYR B 286 19.29 34.38 -9.21
N ALA B 287 18.10 34.99 -9.23
CA ALA B 287 16.93 34.36 -9.83
C ALA B 287 17.17 34.04 -11.30
N ASP B 288 17.79 34.96 -12.03
CA ASP B 288 18.12 34.72 -13.44
C ASP B 288 19.06 33.53 -13.58
N LEU B 289 19.99 33.37 -12.64
CA LEU B 289 20.91 32.25 -12.69
C LEU B 289 20.18 30.92 -12.45
N PHE B 290 19.33 30.87 -11.42
CA PHE B 290 18.63 29.64 -11.09
C PHE B 290 17.51 29.32 -12.07
N LEU B 291 17.00 30.32 -12.80
CA LEU B 291 16.03 30.03 -13.86
C LEU B 291 16.72 29.56 -15.12
N ALA B 292 17.88 30.15 -15.44
CA ALA B 292 18.65 29.71 -16.60
C ALA B 292 19.03 28.24 -16.49
N ALA B 293 19.33 27.78 -15.28
CA ALA B 293 19.63 26.36 -15.08
C ALA B 293 18.40 25.49 -15.27
N LYS B 294 17.23 25.99 -14.88
CA LYS B 294 15.98 25.26 -15.07
C LYS B 294 15.72 24.99 -16.54
N ASN B 295 15.98 25.98 -17.40
CA ASN B 295 15.79 25.78 -18.83
C ASN B 295 16.69 24.68 -19.36
N LEU B 296 17.96 24.68 -18.94
CA LEU B 296 18.91 23.66 -19.38
C LEU B 296 18.39 22.26 -19.07
N SER B 297 17.80 22.09 -17.89
CA SER B 297 17.24 20.80 -17.50
C SER B 297 16.18 20.34 -18.50
N ASP B 298 15.30 21.24 -18.93
CA ASP B 298 14.28 20.88 -19.91
C ASP B 298 14.91 20.37 -21.19
N ALA B 299 15.95 21.05 -21.67
CA ALA B 299 16.60 20.66 -22.92
C ALA B 299 17.27 19.29 -22.78
N ILE B 300 17.92 19.04 -21.64
CA ILE B 300 18.59 17.76 -21.42
C ILE B 300 17.58 16.63 -21.35
N LEU B 301 16.44 16.87 -20.68
CA LEU B 301 15.39 15.85 -20.62
C LEU B 301 14.87 15.51 -22.01
N LEU B 302 14.64 16.52 -22.85
CA LEU B 302 14.21 16.28 -24.21
C LEU B 302 15.25 15.51 -25.01
N SER B 303 16.54 15.78 -24.75
CA SER B 303 17.61 15.10 -25.46
C SER B 303 17.65 13.61 -25.14
N ASP B 304 17.04 13.18 -24.02
CA ASP B 304 16.87 11.76 -23.80
C ASP B 304 15.92 11.15 -24.82
N ILE B 305 14.94 11.92 -25.26
CA ILE B 305 13.92 11.45 -26.19
C ILE B 305 14.28 11.75 -27.64
N LEU B 306 14.67 12.99 -27.92
CA LEU B 306 15.02 13.42 -29.27
C LEU B 306 16.53 13.35 -29.39
N ARG B 307 17.02 12.31 -30.08
CA ARG B 307 18.44 12.10 -30.31
C ARG B 307 18.82 12.41 -31.75
N VAL B 308 18.21 13.46 -32.30
CA VAL B 308 18.44 13.87 -33.68
C VAL B 308 18.41 15.39 -33.73
N ASN B 309 19.17 15.96 -34.68
CA ASN B 309 19.17 17.39 -34.87
C ASN B 309 17.77 17.88 -35.25
N THR B 310 17.27 18.87 -34.53
CA THR B 310 15.94 19.41 -34.76
C THR B 310 15.91 20.48 -35.86
N GLU B 311 17.00 20.62 -36.62
CA GLU B 311 17.08 21.60 -37.70
C GLU B 311 17.10 20.95 -39.08
N ILE B 312 16.76 19.67 -39.17
CA ILE B 312 16.61 18.97 -40.44
C ILE B 312 15.22 18.37 -40.61
N THR B 313 14.39 18.41 -39.57
CA THR B 313 13.06 17.85 -39.61
C THR B 313 12.21 18.49 -38.52
N LYS B 314 10.91 18.62 -38.79
CA LYS B 314 9.95 18.96 -37.76
C LYS B 314 9.35 17.74 -37.09
N ALA B 315 9.91 16.56 -37.32
CA ALA B 315 9.50 15.32 -36.66
C ALA B 315 10.69 14.66 -35.98
N PRO B 316 11.30 15.34 -35.00
CA PRO B 316 12.51 14.76 -34.38
C PRO B 316 12.25 13.46 -33.63
N LEU B 317 11.05 13.27 -33.07
CA LEU B 317 10.73 11.99 -32.45
C LEU B 317 10.72 10.87 -33.48
N SER B 318 9.87 11.01 -34.50
CA SER B 318 9.83 10.01 -35.56
C SER B 318 11.19 9.84 -36.21
N ALA B 319 11.92 10.94 -36.39
CA ALA B 319 13.28 10.84 -36.90
C ALA B 319 14.15 9.97 -36.00
N SER B 320 13.99 10.11 -34.68
CA SER B 320 14.80 9.33 -33.75
C SER B 320 14.38 7.87 -33.73
N MET B 321 13.09 7.59 -33.98
CA MET B 321 12.67 6.21 -34.16
C MET B 321 13.30 5.61 -35.41
N ILE B 322 13.32 6.39 -36.49
CA ILE B 322 13.95 5.94 -37.73
C ILE B 322 15.45 5.73 -37.52
N LYS B 323 16.07 6.54 -36.67
CA LYS B 323 17.46 6.31 -36.31
C LYS B 323 17.64 4.97 -35.63
N ARG B 324 16.68 4.57 -34.79
CA ARG B 324 16.72 3.25 -34.19
C ARG B 324 16.64 2.16 -35.25
N TYR B 325 15.73 2.32 -36.21
CA TYR B 325 15.55 1.32 -37.25
C TYR B 325 16.82 1.17 -38.10
N ASP B 326 17.41 2.31 -38.50
CA ASP B 326 18.58 2.27 -39.37
C ASP B 326 19.77 1.62 -38.68
N GLU B 327 20.02 1.98 -37.42
CA GLU B 327 21.13 1.37 -36.70
C GLU B 327 20.84 -0.09 -36.37
N HIS B 328 19.57 -0.43 -36.16
CA HIS B 328 19.20 -1.84 -36.03
C HIS B 328 19.53 -2.61 -37.30
N HIS B 329 19.17 -2.06 -38.46
CA HIS B 329 19.45 -2.72 -39.73
C HIS B 329 20.93 -2.85 -39.98
N GLN B 330 21.67 -1.74 -39.81
CA GLN B 330 23.11 -1.77 -40.02
C GLN B 330 23.79 -2.75 -39.08
N ASP B 331 23.46 -2.67 -37.78
CA ASP B 331 24.09 -3.54 -36.81
C ASP B 331 23.70 -5.00 -37.01
N LEU B 332 22.48 -5.26 -37.47
CA LEU B 332 22.07 -6.64 -37.73
C LEU B 332 22.84 -7.22 -38.92
N THR B 333 23.02 -6.42 -39.98
CA THR B 333 23.81 -6.86 -41.12
C THR B 333 25.24 -7.21 -40.68
N LEU B 334 25.87 -6.32 -39.94
CA LEU B 334 27.22 -6.58 -39.46
C LEU B 334 27.26 -7.75 -38.47
N LEU B 335 26.31 -7.79 -37.53
CA LEU B 335 26.29 -8.85 -36.53
C LEU B 335 26.18 -10.23 -37.18
N LYS B 336 25.28 -10.36 -38.17
CA LYS B 336 25.16 -11.61 -38.89
C LYS B 336 26.49 -12.00 -39.55
N ALA B 337 27.11 -11.04 -40.24
CA ALA B 337 28.36 -11.31 -40.94
C ALA B 337 29.44 -11.81 -39.97
N LEU B 338 29.53 -11.19 -38.80
CA LEU B 338 30.51 -11.61 -37.81
C LEU B 338 30.32 -13.07 -37.43
N VAL B 339 29.11 -13.43 -37.00
CA VAL B 339 28.84 -14.82 -36.60
C VAL B 339 29.00 -15.74 -37.80
N ARG B 340 28.53 -15.32 -38.97
CA ARG B 340 28.66 -16.12 -40.19
C ARG B 340 30.10 -16.58 -40.40
N GLN B 341 31.07 -15.71 -40.08
CA GLN B 341 32.47 -15.99 -40.34
C GLN B 341 33.22 -16.48 -39.12
N GLN B 342 33.10 -15.78 -37.98
CA GLN B 342 33.91 -16.13 -36.81
C GLN B 342 33.46 -17.45 -36.18
N LEU B 343 32.15 -17.68 -36.07
CA LEU B 343 31.62 -18.95 -35.56
C LEU B 343 30.25 -19.21 -36.18
N PRO B 344 30.20 -19.98 -37.27
CA PRO B 344 28.91 -20.25 -37.92
C PRO B 344 28.09 -21.34 -37.26
N GLU B 345 28.65 -22.07 -36.29
CA GLU B 345 27.88 -23.13 -35.66
C GLU B 345 26.77 -22.56 -34.78
N LYS B 346 26.98 -21.40 -34.18
CA LYS B 346 25.97 -20.78 -33.33
C LYS B 346 24.95 -19.96 -34.09
N TYR B 347 25.12 -19.78 -35.41
CA TYR B 347 24.20 -18.95 -36.17
C TYR B 347 22.78 -19.50 -36.13
N LYS B 348 22.62 -20.81 -36.29
CA LYS B 348 21.27 -21.40 -36.26
C LYS B 348 20.60 -21.16 -34.91
N GLU B 349 21.37 -21.27 -33.82
CA GLU B 349 20.81 -21.02 -32.49
C GLU B 349 20.43 -19.56 -32.31
N ILE B 350 21.16 -18.65 -32.96
CA ILE B 350 20.96 -17.22 -32.71
C ILE B 350 19.76 -16.69 -33.48
N PHE B 351 19.67 -16.98 -34.78
CA PHE B 351 18.70 -16.31 -35.65
C PHE B 351 17.54 -17.19 -36.08
N PHE B 352 17.43 -18.42 -35.58
CA PHE B 352 16.33 -19.31 -35.97
C PHE B 352 15.61 -19.97 -34.81
N ASP B 353 16.19 -20.01 -33.61
CA ASP B 353 15.61 -20.73 -32.49
C ASP B 353 14.86 -19.74 -31.61
N GLN B 354 13.53 -19.70 -31.76
CA GLN B 354 12.69 -18.85 -30.92
C GLN B 354 12.81 -19.22 -29.45
N SER B 355 13.03 -20.50 -29.14
CA SER B 355 13.13 -20.93 -27.76
C SER B 355 14.35 -20.34 -27.07
N LYS B 356 15.44 -20.15 -27.80
CA LYS B 356 16.63 -19.52 -27.24
C LYS B 356 16.47 -18.01 -27.24
N ASN B 357 17.27 -17.34 -26.40
CA ASN B 357 17.15 -15.90 -26.24
C ASN B 357 18.02 -15.14 -27.23
N GLY B 358 18.25 -15.74 -28.39
CA GLY B 358 18.99 -15.07 -29.46
C GLY B 358 18.10 -14.07 -30.19
N TYR B 359 18.55 -13.69 -31.38
CA TYR B 359 17.79 -12.70 -32.15
C TYR B 359 16.43 -13.24 -32.57
N ALA B 360 16.36 -14.55 -32.86
CA ALA B 360 15.08 -15.17 -33.17
C ALA B 360 14.14 -15.09 -31.98
N GLY B 361 14.63 -15.45 -30.80
CA GLY B 361 13.82 -15.34 -29.60
C GLY B 361 13.47 -13.92 -29.21
N TYR B 362 14.27 -12.95 -29.65
CA TYR B 362 14.03 -11.54 -29.34
C TYR B 362 12.99 -10.92 -30.26
N ILE B 363 12.89 -11.41 -31.51
CA ILE B 363 11.91 -10.86 -32.45
C ILE B 363 10.65 -11.70 -32.48
N ASP B 364 10.78 -13.02 -32.49
CA ASP B 364 9.64 -13.92 -32.64
C ASP B 364 9.21 -14.61 -31.35
N GLY B 365 10.14 -14.87 -30.44
CA GLY B 365 9.84 -15.57 -29.20
C GLY B 365 9.41 -14.63 -28.09
N GLY B 366 9.75 -15.02 -26.87
CA GLY B 366 9.45 -14.22 -25.69
C GLY B 366 10.63 -13.53 -25.03
N ALA B 367 11.77 -13.47 -25.71
CA ALA B 367 12.95 -12.83 -25.14
C ALA B 367 12.78 -11.32 -25.12
N SER B 368 13.01 -10.72 -23.95
CA SER B 368 12.98 -9.27 -23.82
C SER B 368 14.31 -8.65 -24.26
N GLN B 369 14.34 -7.33 -24.36
CA GLN B 369 15.58 -6.63 -24.68
C GLN B 369 16.64 -6.96 -23.63
N GLU B 370 16.25 -6.96 -22.36
CA GLU B 370 17.18 -7.26 -21.28
C GLU B 370 17.72 -8.68 -21.41
N GLU B 371 16.84 -9.64 -21.74
CA GLU B 371 17.28 -11.03 -21.90
C GLU B 371 18.16 -11.18 -23.13
N PHE B 372 17.80 -10.54 -24.24
CA PHE B 372 18.61 -10.63 -25.45
C PHE B 372 20.02 -10.11 -25.20
N TYR B 373 20.14 -8.96 -24.54
CA TYR B 373 21.45 -8.41 -24.22
C TYR B 373 22.28 -9.38 -23.39
N LYS B 374 21.64 -10.07 -22.44
CA LYS B 374 22.36 -11.05 -21.62
C LYS B 374 22.83 -12.22 -22.45
N PHE B 375 21.95 -12.74 -23.32
CA PHE B 375 22.30 -13.91 -24.14
C PHE B 375 23.47 -13.62 -25.07
N ILE B 376 23.62 -12.36 -25.51
CA ILE B 376 24.53 -12.02 -26.59
C ILE B 376 25.77 -11.27 -26.11
N LYS B 377 25.81 -10.84 -24.84
CA LYS B 377 27.00 -10.14 -24.34
C LYS B 377 28.26 -10.99 -24.45
N PRO B 378 28.28 -12.25 -24.01
CA PRO B 378 29.51 -13.05 -24.21
C PRO B 378 29.78 -13.35 -25.67
N ILE B 379 28.74 -13.60 -26.46
CA ILE B 379 28.93 -13.90 -27.88
C ILE B 379 29.64 -12.75 -28.59
N LEU B 380 29.43 -11.52 -28.12
CA LEU B 380 30.15 -10.38 -28.68
C LEU B 380 31.56 -10.31 -28.13
N GLU B 381 31.72 -10.39 -26.80
CA GLU B 381 33.05 -10.41 -26.20
C GLU B 381 33.92 -11.50 -26.81
N LYS B 382 33.34 -12.67 -27.07
CA LYS B 382 34.08 -13.80 -27.61
C LYS B 382 34.63 -13.54 -29.01
N MET B 383 34.01 -12.64 -29.77
CA MET B 383 34.38 -12.43 -31.16
C MET B 383 35.18 -11.13 -31.32
N ASP B 384 35.64 -10.89 -32.54
CA ASP B 384 36.45 -9.73 -32.88
C ASP B 384 35.71 -8.83 -33.85
N GLY B 385 35.84 -7.52 -33.65
CA GLY B 385 35.04 -6.55 -34.37
C GLY B 385 33.73 -6.19 -33.71
N THR B 386 33.50 -6.64 -32.47
CA THR B 386 32.26 -6.44 -31.73
C THR B 386 32.32 -5.28 -30.77
N GLU B 387 33.38 -4.45 -30.83
CA GLU B 387 33.61 -3.45 -29.80
C GLU B 387 32.55 -2.36 -29.82
N GLU B 388 32.26 -1.80 -31.00
CA GLU B 388 31.23 -0.77 -31.09
C GLU B 388 29.88 -1.30 -30.67
N LEU B 389 29.53 -2.51 -31.13
CA LEU B 389 28.28 -3.14 -30.71
C LEU B 389 28.25 -3.32 -29.20
N LEU B 390 29.37 -3.75 -28.62
CA LEU B 390 29.45 -3.92 -27.17
C LEU B 390 29.29 -2.59 -26.43
N VAL B 391 29.73 -1.48 -27.04
CA VAL B 391 29.49 -0.18 -26.42
C VAL B 391 27.99 0.15 -26.45
N LYS B 392 27.33 -0.12 -27.58
CA LYS B 392 25.89 0.12 -27.67
C LYS B 392 25.12 -0.79 -26.71
N LEU B 393 25.59 -2.02 -26.50
CA LEU B 393 24.92 -2.94 -25.61
C LEU B 393 24.95 -2.43 -24.18
N ASN B 394 26.10 -1.87 -23.75
CA ASN B 394 26.24 -1.38 -22.39
C ASN B 394 25.54 -0.04 -22.17
N ARG B 395 25.26 0.69 -23.25
CA ARG B 395 24.41 1.89 -23.18
C ARG B 395 22.94 1.55 -23.36
N GLU B 396 22.60 0.25 -23.48
CA GLU B 396 21.23 -0.19 -23.71
C GLU B 396 20.67 0.45 -24.98
N ASP B 397 21.45 0.38 -26.06
CA ASP B 397 21.11 1.09 -27.29
C ASP B 397 21.46 0.27 -28.53
N LEU B 398 21.44 -1.06 -28.42
CA LEU B 398 21.78 -1.97 -29.51
C LEU B 398 20.54 -2.65 -30.04
N LEU B 399 20.40 -2.70 -31.37
CA LEU B 399 19.35 -3.47 -32.04
C LEU B 399 17.97 -3.13 -31.51
N ARG B 400 17.73 -1.85 -31.27
CA ARG B 400 16.54 -1.42 -30.56
C ARG B 400 15.29 -1.53 -31.42
N LYS B 401 14.19 -1.90 -30.79
CA LYS B 401 12.88 -1.79 -31.41
C LYS B 401 12.35 -0.37 -31.24
N GLN B 402 11.24 -0.07 -31.92
CA GLN B 402 10.65 1.25 -31.84
C GLN B 402 9.59 1.35 -30.74
N ARG B 403 8.82 0.28 -30.54
CA ARG B 403 7.85 0.19 -29.46
C ARG B 403 8.52 -0.51 -28.29
N THR B 404 8.88 0.25 -27.26
CA THR B 404 9.69 -0.28 -26.18
C THR B 404 9.16 0.23 -24.84
N PHE B 405 9.62 -0.43 -23.77
CA PHE B 405 9.18 -0.11 -22.42
C PHE B 405 9.49 1.34 -22.04
N ASP B 406 10.61 1.88 -22.53
CA ASP B 406 11.06 3.20 -22.10
C ASP B 406 10.39 4.34 -22.87
N ASN B 407 9.40 4.07 -23.73
CA ASN B 407 8.71 5.13 -24.45
C ASN B 407 7.75 5.92 -23.57
N GLY B 408 7.65 5.58 -22.28
CA GLY B 408 6.87 6.40 -21.37
C GLY B 408 7.45 7.78 -21.14
N SER B 409 8.69 8.00 -21.54
CA SER B 409 9.29 9.33 -21.41
C SER B 409 8.60 10.36 -22.29
N ILE B 410 8.04 9.91 -23.42
CA ILE B 410 7.52 10.79 -24.47
C ILE B 410 6.33 11.58 -23.96
N PRO B 411 6.41 12.91 -23.90
CA PRO B 411 5.23 13.72 -23.59
C PRO B 411 4.31 13.79 -24.79
N HIS B 412 3.04 14.09 -24.51
CA HIS B 412 2.06 14.21 -25.58
C HIS B 412 2.29 15.43 -26.46
N GLN B 413 3.01 16.43 -25.95
CA GLN B 413 3.28 17.61 -26.75
C GLN B 413 4.13 17.29 -27.98
N ILE B 414 4.94 16.23 -27.91
CA ILE B 414 5.79 15.87 -29.04
C ILE B 414 4.95 15.20 -30.14
N HIS B 415 4.15 14.19 -29.77
CA HIS B 415 3.20 13.64 -30.72
C HIS B 415 2.31 14.73 -31.29
N LEU B 416 1.86 15.66 -30.43
CA LEU B 416 1.01 16.76 -30.88
C LEU B 416 1.74 17.62 -31.92
N GLY B 417 3.02 17.88 -31.70
CA GLY B 417 3.78 18.67 -32.66
C GLY B 417 3.79 18.04 -34.05
N GLU B 418 3.98 16.72 -34.11
CA GLU B 418 3.94 16.04 -35.40
C GLU B 418 2.52 15.96 -35.94
N LEU B 419 1.53 15.76 -35.06
CA LEU B 419 0.14 15.77 -35.49
C LEU B 419 -0.23 17.11 -36.10
N HIS B 420 0.12 18.21 -35.43
CA HIS B 420 -0.21 19.54 -35.93
C HIS B 420 0.54 19.86 -37.22
N ALA B 421 1.75 19.32 -37.38
CA ALA B 421 2.50 19.55 -38.61
C ALA B 421 1.83 18.87 -39.79
N ILE B 422 1.42 17.61 -39.62
CA ILE B 422 0.78 16.87 -40.71
C ILE B 422 -0.52 17.55 -41.12
N LEU B 423 -1.34 17.93 -40.14
CA LEU B 423 -2.57 18.67 -40.43
C LEU B 423 -2.27 19.98 -41.18
N ARG B 424 -1.17 20.65 -40.81
CA ARG B 424 -0.81 21.87 -41.51
C ARG B 424 -0.39 21.61 -42.95
N ARG B 425 0.19 20.43 -43.22
CA ARG B 425 0.63 20.12 -44.57
C ARG B 425 -0.53 19.75 -45.48
N GLN B 426 -1.45 18.93 -44.98
CA GLN B 426 -2.50 18.36 -45.82
C GLN B 426 -3.80 19.16 -45.80
N GLU B 427 -3.96 20.11 -44.88
CA GLU B 427 -5.13 20.98 -44.96
C GLU B 427 -5.12 21.81 -46.23
N ASP B 428 -3.97 21.90 -46.91
CA ASP B 428 -3.88 22.61 -48.18
C ASP B 428 -4.60 21.85 -49.30
N PHE B 429 -4.68 20.51 -49.20
CA PHE B 429 -5.29 19.71 -50.25
C PHE B 429 -6.69 19.20 -49.90
N TYR B 430 -6.97 19.01 -48.62
CA TYR B 430 -8.26 18.47 -48.17
C TYR B 430 -8.98 19.51 -47.33
N PRO B 431 -10.06 20.10 -47.82
CA PRO B 431 -10.71 21.18 -47.07
C PRO B 431 -11.25 20.76 -45.72
N PHE B 432 -11.61 19.48 -45.56
CA PHE B 432 -12.15 19.05 -44.27
C PHE B 432 -11.07 18.94 -43.20
N LEU B 433 -9.79 18.95 -43.59
CA LEU B 433 -8.72 18.97 -42.61
C LEU B 433 -8.43 20.37 -42.09
N LYS B 434 -8.70 21.40 -42.90
CA LYS B 434 -8.53 22.77 -42.43
C LYS B 434 -9.63 23.16 -41.46
N ASP B 435 -10.84 22.62 -41.64
CA ASP B 435 -11.96 22.98 -40.77
C ASP B 435 -11.95 22.20 -39.47
N ASN B 436 -11.47 20.95 -39.49
CA ASN B 436 -11.37 20.13 -38.29
C ASN B 436 -9.96 20.04 -37.74
N ARG B 437 -9.07 20.95 -38.16
CA ARG B 437 -7.70 20.93 -37.65
C ARG B 437 -7.69 21.02 -36.13
N GLU B 438 -8.47 21.95 -35.58
CA GLU B 438 -8.54 22.12 -34.14
C GLU B 438 -9.29 20.97 -33.48
N LYS B 439 -10.39 20.53 -34.09
CA LYS B 439 -11.15 19.41 -33.52
C LYS B 439 -10.29 18.16 -33.42
N ILE B 440 -9.52 17.86 -34.47
CA ILE B 440 -8.62 16.72 -34.42
C ILE B 440 -7.56 16.93 -33.34
N GLU B 441 -7.01 18.15 -33.26
CA GLU B 441 -6.02 18.46 -32.24
C GLU B 441 -6.60 18.29 -30.84
N LYS B 442 -7.86 18.68 -30.65
CA LYS B 442 -8.50 18.55 -29.34
C LYS B 442 -8.60 17.09 -28.92
N ILE B 443 -8.85 16.20 -29.88
CA ILE B 443 -8.98 14.76 -29.57
C ILE B 443 -7.73 14.26 -28.88
N LEU B 444 -6.56 14.60 -29.42
CA LEU B 444 -5.30 14.17 -28.84
C LEU B 444 -5.05 14.83 -27.50
N THR B 445 -5.40 16.12 -27.37
CA THR B 445 -5.04 16.89 -26.19
C THR B 445 -6.06 16.78 -25.06
N PHE B 446 -7.32 16.48 -25.35
CA PHE B 446 -8.30 16.48 -24.28
C PHE B 446 -8.13 15.26 -23.39
N ARG B 447 -8.25 15.47 -22.07
CA ARG B 447 -8.34 14.40 -21.11
C ARG B 447 -9.29 14.85 -20.02
N ILE B 448 -10.06 13.91 -19.49
CA ILE B 448 -11.04 14.25 -18.45
C ILE B 448 -10.31 14.77 -17.21
N PRO B 449 -10.67 15.94 -16.70
CA PRO B 449 -10.05 16.42 -15.46
C PRO B 449 -10.31 15.45 -14.31
N TYR B 450 -9.29 15.23 -13.48
CA TYR B 450 -9.41 14.26 -12.41
C TYR B 450 -10.52 14.65 -11.44
N TYR B 451 -10.76 15.94 -11.28
CA TYR B 451 -11.81 16.45 -10.41
C TYR B 451 -13.18 16.41 -11.05
N VAL B 452 -13.30 15.85 -12.24
CA VAL B 452 -14.59 15.64 -12.89
C VAL B 452 -15.05 14.20 -12.76
N GLY B 453 -14.19 13.25 -13.10
CA GLY B 453 -14.49 11.84 -12.94
C GLY B 453 -15.33 11.29 -14.06
N PRO B 454 -15.88 10.08 -13.85
CA PRO B 454 -16.69 9.44 -14.89
C PRO B 454 -17.81 10.34 -15.39
N LEU B 455 -18.01 10.34 -16.71
CA LEU B 455 -19.01 11.20 -17.33
C LEU B 455 -20.39 10.54 -17.32
N ALA B 456 -20.84 10.20 -16.12
CA ALA B 456 -22.00 9.35 -15.94
C ALA B 456 -23.31 10.14 -16.01
N ARG B 457 -24.41 9.38 -16.08
CA ARG B 457 -25.76 9.92 -16.14
C ARG B 457 -26.66 9.19 -15.13
N GLY B 458 -26.20 9.13 -13.89
CA GLY B 458 -27.01 8.55 -12.82
C GLY B 458 -26.98 7.05 -12.72
N ASN B 459 -25.92 6.40 -13.19
CA ASN B 459 -25.81 4.95 -13.08
C ASN B 459 -24.40 4.52 -12.69
N SER B 460 -23.66 5.41 -12.02
CA SER B 460 -22.32 5.11 -11.54
C SER B 460 -22.25 5.47 -10.07
N ARG B 461 -22.01 4.47 -9.21
CA ARG B 461 -21.79 4.76 -7.79
C ARG B 461 -20.49 5.49 -7.56
N PHE B 462 -19.63 5.59 -8.58
CA PHE B 462 -18.36 6.29 -8.47
C PHE B 462 -18.43 7.73 -8.94
N ALA B 463 -19.48 8.11 -9.64
CA ALA B 463 -19.52 9.41 -10.30
C ALA B 463 -20.07 10.49 -9.35
N TRP B 464 -19.77 11.74 -9.71
CA TRP B 464 -20.22 12.90 -8.95
C TRP B 464 -20.41 14.09 -9.88
N MET B 465 -19.96 13.95 -11.13
CA MET B 465 -19.98 15.06 -12.07
C MET B 465 -21.39 15.58 -12.29
N THR B 466 -21.50 16.90 -12.42
CA THR B 466 -22.76 17.58 -12.73
C THR B 466 -22.60 18.32 -14.05
N ARG B 467 -23.65 18.27 -14.87
CA ARG B 467 -23.61 18.83 -16.21
C ARG B 467 -24.29 20.21 -16.22
N LYS B 468 -23.77 21.10 -17.08
CA LYS B 468 -24.45 22.37 -17.32
C LYS B 468 -25.65 22.21 -18.24
N SER B 469 -25.62 21.21 -19.11
CA SER B 469 -26.73 20.93 -20.02
C SER B 469 -26.79 19.44 -20.30
N GLU B 470 -27.99 18.93 -20.54
CA GLU B 470 -28.22 17.50 -20.71
C GLU B 470 -28.03 17.12 -22.18
N GLU B 471 -26.79 16.83 -22.53
CA GLU B 471 -26.45 16.35 -23.87
C GLU B 471 -25.16 15.55 -23.78
N THR B 472 -24.83 14.90 -24.90
CA THR B 472 -23.65 14.04 -24.94
C THR B 472 -22.38 14.87 -24.85
N ILE B 473 -21.50 14.49 -23.94
CA ILE B 473 -20.22 15.17 -23.78
C ILE B 473 -19.23 14.61 -24.78
N THR B 474 -18.45 15.50 -25.41
CA THR B 474 -17.41 15.18 -26.37
C THR B 474 -16.17 15.99 -26.01
N PRO B 475 -15.00 15.75 -26.63
CA PRO B 475 -13.82 16.56 -26.31
C PRO B 475 -14.00 18.03 -26.63
N TRP B 476 -14.88 18.36 -27.57
CA TRP B 476 -15.02 19.72 -28.08
C TRP B 476 -16.03 20.57 -27.32
N ASN B 477 -17.01 19.94 -26.64
CA ASN B 477 -18.04 20.66 -25.92
C ASN B 477 -17.89 20.56 -24.41
N PHE B 478 -16.76 20.07 -23.91
CA PHE B 478 -16.65 19.75 -22.49
C PHE B 478 -16.79 21.00 -21.62
N GLU B 479 -16.09 22.07 -21.98
CA GLU B 479 -16.15 23.30 -21.19
C GLU B 479 -17.57 23.85 -21.06
N GLU B 480 -18.46 23.47 -21.97
CA GLU B 480 -19.83 23.97 -21.97
C GLU B 480 -20.83 23.01 -21.34
N VAL B 481 -20.66 21.70 -21.52
CA VAL B 481 -21.64 20.77 -20.98
C VAL B 481 -21.35 20.44 -19.53
N VAL B 482 -20.08 20.24 -19.18
CA VAL B 482 -19.70 19.87 -17.82
C VAL B 482 -19.49 21.14 -17.01
N ASP B 483 -20.16 21.22 -15.86
CA ASP B 483 -19.91 22.29 -14.90
C ASP B 483 -18.62 21.96 -14.17
N LYS B 484 -17.50 22.42 -14.72
CA LYS B 484 -16.20 22.12 -14.15
C LYS B 484 -16.09 22.63 -12.71
N GLY B 485 -16.66 23.80 -12.43
CA GLY B 485 -16.53 24.39 -11.11
C GLY B 485 -17.27 23.60 -10.05
N ALA B 486 -18.55 23.29 -10.30
CA ALA B 486 -19.31 22.49 -9.34
C ALA B 486 -18.71 21.11 -9.17
N SER B 487 -18.28 20.49 -10.27
CA SER B 487 -17.72 19.14 -10.21
C SER B 487 -16.40 19.13 -9.46
N ALA B 488 -15.56 20.14 -9.68
CA ALA B 488 -14.31 20.25 -8.93
C ALA B 488 -14.59 20.47 -7.45
N GLN B 489 -15.68 21.16 -7.13
CA GLN B 489 -16.05 21.39 -5.73
C GLN B 489 -16.58 20.12 -5.10
N SER B 490 -17.43 19.38 -5.80
CA SER B 490 -17.95 18.13 -5.27
C SER B 490 -16.84 17.12 -5.02
N PHE B 491 -15.84 17.09 -5.91
CA PHE B 491 -14.73 16.15 -5.77
C PHE B 491 -14.11 16.21 -4.38
N ILE B 492 -14.01 17.40 -3.80
CA ILE B 492 -13.45 17.57 -2.47
C ILE B 492 -14.52 17.46 -1.39
N GLU B 493 -15.65 18.13 -1.59
CA GLU B 493 -16.66 18.24 -0.54
C GLU B 493 -17.38 16.91 -0.27
N ARG B 494 -17.31 15.96 -1.20
CA ARG B 494 -17.86 14.64 -0.91
C ARG B 494 -16.91 13.78 -0.08
N MET B 495 -15.68 14.26 0.16
CA MET B 495 -14.68 13.52 0.91
C MET B 495 -14.34 14.16 2.25
N THR B 496 -14.44 15.48 2.36
CA THR B 496 -13.98 16.19 3.54
C THR B 496 -14.92 15.98 4.72
N ASN B 497 -14.36 16.12 5.92
CA ASN B 497 -15.11 16.02 7.16
C ASN B 497 -15.97 17.26 7.37
N PHE B 498 -17.12 17.06 8.00
CA PHE B 498 -17.87 18.17 8.58
C PHE B 498 -17.37 18.41 10.00
N ASP B 499 -17.63 19.62 10.50
CA ASP B 499 -17.30 19.92 11.89
C ASP B 499 -18.11 19.02 12.81
N LYS B 500 -17.43 18.25 13.66
CA LYS B 500 -18.14 17.36 14.57
C LYS B 500 -19.01 18.15 15.54
N ASN B 501 -18.54 19.31 15.98
CA ASN B 501 -19.32 20.12 16.92
C ASN B 501 -20.55 20.70 16.24
N LEU B 502 -20.38 21.31 15.07
CA LEU B 502 -21.48 21.81 14.26
C LEU B 502 -21.60 20.92 13.02
N PRO B 503 -22.37 19.84 13.08
CA PRO B 503 -22.34 18.83 12.00
C PRO B 503 -22.78 19.33 10.63
N ASN B 504 -23.43 20.49 10.54
CA ASN B 504 -23.84 21.04 9.26
C ASN B 504 -22.85 22.06 8.70
N GLU B 505 -21.77 22.35 9.42
CA GLU B 505 -20.80 23.34 9.01
C GLU B 505 -19.58 22.64 8.41
N LYS B 506 -19.14 23.12 7.26
CA LYS B 506 -17.95 22.55 6.63
C LYS B 506 -16.71 23.00 7.38
N VAL B 507 -15.69 22.15 7.36
CA VAL B 507 -14.45 22.42 8.06
C VAL B 507 -13.62 23.42 7.28
N LEU B 508 -12.93 24.31 8.01
CA LEU B 508 -12.10 25.34 7.38
C LEU B 508 -10.89 24.73 6.68
N PRO B 509 -10.37 25.39 5.65
CA PRO B 509 -9.08 24.97 5.08
C PRO B 509 -7.99 25.02 6.14
N LYS B 510 -7.04 24.09 6.04
CA LYS B 510 -5.96 24.01 7.02
C LYS B 510 -5.16 25.30 7.05
N HIS B 511 -4.93 25.91 5.88
CA HIS B 511 -4.10 27.10 5.75
C HIS B 511 -4.91 28.39 5.77
N SER B 512 -6.18 28.33 6.17
CA SER B 512 -6.97 29.55 6.33
C SER B 512 -6.34 30.45 7.38
N LEU B 513 -6.24 31.75 7.05
CA LEU B 513 -5.68 32.73 7.98
C LEU B 513 -6.39 32.68 9.33
N LEU B 514 -7.73 32.65 9.30
CA LEU B 514 -8.50 32.57 10.52
C LEU B 514 -8.18 31.30 11.30
N TYR B 515 -8.05 30.17 10.60
CA TYR B 515 -7.75 28.91 11.27
C TYR B 515 -6.41 28.98 11.99
N GLU B 516 -5.43 29.67 11.41
CA GLU B 516 -4.12 29.77 12.03
C GLU B 516 -4.08 30.82 13.14
N TYR B 517 -4.83 31.91 12.99
CA TYR B 517 -5.06 32.81 14.12
C TYR B 517 -5.59 32.03 15.31
N PHE B 518 -6.49 31.07 15.05
CA PHE B 518 -7.08 30.28 16.12
C PHE B 518 -6.03 29.39 16.80
N THR B 519 -5.24 28.67 16.00
CA THR B 519 -4.24 27.76 16.56
C THR B 519 -3.16 28.52 17.31
N VAL B 520 -2.82 29.74 16.87
CA VAL B 520 -1.78 30.51 17.56
C VAL B 520 -2.32 31.10 18.85
N TYR B 521 -3.53 31.68 18.81
CA TYR B 521 -4.11 32.22 20.03
C TYR B 521 -4.42 31.11 21.04
N ASN B 522 -4.83 29.93 20.57
CA ASN B 522 -5.13 28.84 21.50
C ASN B 522 -3.88 28.37 22.22
N GLU B 523 -2.76 28.30 21.51
CA GLU B 523 -1.49 27.95 22.15
C GLU B 523 -0.99 29.09 23.02
N LEU B 524 -1.05 30.32 22.49
CA LEU B 524 -0.54 31.47 23.22
C LEU B 524 -1.29 31.72 24.52
N THR B 525 -2.57 31.31 24.58
CA THR B 525 -3.38 31.61 25.75
C THR B 525 -2.98 30.78 26.97
N LYS B 526 -2.31 29.65 26.77
CA LYS B 526 -1.86 28.80 27.88
C LYS B 526 -0.39 29.01 28.22
N VAL B 527 0.25 30.04 27.67
CA VAL B 527 1.61 30.37 28.08
C VAL B 527 1.58 31.06 29.43
N LYS B 528 2.59 30.79 30.26
CA LYS B 528 2.71 31.39 31.57
C LYS B 528 4.15 31.82 31.79
N TYR B 529 4.33 32.89 32.57
CA TYR B 529 5.65 33.45 32.80
C TYR B 529 5.78 33.89 34.26
N VAL B 530 7.02 34.02 34.71
CA VAL B 530 7.28 34.53 36.06
C VAL B 530 8.64 35.23 36.06
N THR B 531 8.70 36.37 36.74
CA THR B 531 9.94 37.11 36.93
C THR B 531 10.30 37.17 38.40
N GLU B 532 11.15 38.12 38.78
CA GLU B 532 11.62 38.20 40.17
C GLU B 532 10.53 38.69 41.11
N GLY B 533 9.98 39.88 40.84
CA GLY B 533 9.01 40.46 41.74
C GLY B 533 7.69 39.74 41.81
N MET B 534 7.37 38.94 40.79
CA MET B 534 6.08 38.26 40.76
C MET B 534 6.00 37.16 41.81
N ARG B 535 4.87 37.13 42.52
CA ARG B 535 4.66 36.11 43.55
C ARG B 535 4.48 34.73 42.93
N LYS B 536 3.79 34.64 41.80
CA LYS B 536 3.47 33.36 41.17
C LYS B 536 3.37 33.57 39.66
N PRO B 537 3.49 32.50 38.87
CA PRO B 537 3.40 32.63 37.42
C PRO B 537 2.05 33.19 36.98
N ALA B 538 2.03 33.79 35.78
CA ALA B 538 0.86 34.50 35.31
C ALA B 538 0.59 34.17 33.84
N PHE B 539 -0.66 34.34 33.44
CA PHE B 539 -1.04 34.25 32.05
C PHE B 539 -0.70 35.55 31.32
N LEU B 540 -0.75 35.50 30.00
CA LEU B 540 -0.64 36.70 29.20
C LEU B 540 -2.00 37.37 29.10
N SER B 541 -2.01 38.70 29.22
CA SER B 541 -3.24 39.44 29.05
C SER B 541 -3.62 39.52 27.57
N GLY B 542 -4.83 39.99 27.32
CA GLY B 542 -5.24 40.22 25.93
C GLY B 542 -4.33 41.19 25.21
N GLU B 543 -3.85 42.20 25.92
CA GLU B 543 -2.91 43.15 25.33
C GLU B 543 -1.56 42.48 25.05
N GLN B 544 -1.06 41.69 26.00
CA GLN B 544 0.23 41.03 25.82
C GLN B 544 0.20 40.06 24.65
N LYS B 545 -0.87 39.27 24.55
CA LYS B 545 -0.98 38.31 23.45
C LYS B 545 -1.05 39.03 22.11
N LYS B 546 -1.82 40.12 22.03
CA LYS B 546 -1.91 40.88 20.78
C LYS B 546 -0.56 41.50 20.42
N ALA B 547 0.13 42.09 21.41
CA ALA B 547 1.46 42.63 21.16
C ALA B 547 2.41 41.54 20.68
N ILE B 548 2.31 40.35 21.27
CA ILE B 548 3.18 39.25 20.88
C ILE B 548 2.87 38.78 19.46
N VAL B 549 1.58 38.73 19.10
CA VAL B 549 1.22 38.32 17.74
C VAL B 549 1.69 39.33 16.72
N ASP B 550 1.47 40.63 17.00
CA ASP B 550 1.89 41.68 16.06
C ASP B 550 3.40 41.75 15.94
N LEU B 551 4.13 41.68 17.06
CA LEU B 551 5.57 41.91 17.04
C LEU B 551 6.35 40.70 16.56
N LEU B 552 5.90 39.48 16.89
CA LEU B 552 6.65 38.27 16.60
C LEU B 552 5.98 37.40 15.55
N PHE B 553 4.72 37.02 15.76
CA PHE B 553 4.07 36.11 14.83
C PHE B 553 3.80 36.77 13.47
N LYS B 554 3.65 38.09 13.43
CA LYS B 554 3.41 38.81 12.19
C LYS B 554 4.70 39.34 11.57
N THR B 555 5.86 39.02 12.14
CA THR B 555 7.13 39.38 11.55
C THR B 555 8.09 38.20 11.41
N ASN B 556 7.79 37.06 12.03
CA ASN B 556 8.64 35.87 11.97
C ASN B 556 7.79 34.65 11.62
N ARG B 557 8.27 33.84 10.68
CA ARG B 557 7.52 32.64 10.30
C ARG B 557 7.38 31.68 11.47
N LYS B 558 8.41 31.54 12.28
CA LYS B 558 8.38 30.70 13.46
C LYS B 558 8.92 31.51 14.64
N VAL B 559 8.30 31.34 15.79
CA VAL B 559 8.63 32.08 17.00
C VAL B 559 9.22 31.10 18.01
N THR B 560 10.47 31.34 18.40
CA THR B 560 11.13 30.54 19.41
C THR B 560 10.96 31.18 20.78
N VAL B 561 11.19 30.40 21.83
CA VAL B 561 11.14 30.92 23.19
C VAL B 561 12.15 32.04 23.37
N LYS B 562 13.33 31.91 22.74
CA LYS B 562 14.35 32.95 22.82
C LYS B 562 13.82 34.28 22.28
N GLN B 563 13.13 34.23 21.13
CA GLN B 563 12.54 35.45 20.57
C GLN B 563 11.47 36.02 21.51
N LEU B 564 10.70 35.15 22.15
CA LEU B 564 9.70 35.61 23.11
C LEU B 564 10.36 36.31 24.29
N LYS B 565 11.51 35.79 24.74
CA LYS B 565 12.17 36.35 25.92
C LYS B 565 12.83 37.68 25.60
N GLU B 566 13.51 37.77 24.46
CA GLU B 566 14.30 38.95 24.13
C GLU B 566 13.51 39.98 23.34
N ASP B 567 12.81 39.53 22.30
CA ASP B 567 12.08 40.46 21.45
C ASP B 567 10.75 40.90 22.04
N TYR B 568 10.27 40.24 23.10
CA TYR B 568 9.10 40.75 23.81
C TYR B 568 9.39 41.11 25.26
N PHE B 569 9.85 40.16 26.08
CA PHE B 569 9.95 40.44 27.51
C PHE B 569 11.06 41.43 27.83
N LYS B 570 12.15 41.42 27.06
CA LYS B 570 13.21 42.41 27.28
C LYS B 570 12.86 43.75 26.63
N LYS B 571 12.46 43.72 25.36
CA LYS B 571 12.22 44.96 24.62
C LYS B 571 11.07 45.76 25.21
N ILE B 572 9.97 45.08 25.57
CA ILE B 572 8.74 45.76 25.98
C ILE B 572 8.66 45.84 27.50
N GLU B 573 8.74 44.69 28.17
CA GLU B 573 8.55 44.62 29.61
C GLU B 573 9.82 44.92 30.40
N CYS B 574 10.96 45.07 29.72
CA CYS B 574 12.24 45.37 30.37
C CYS B 574 12.62 44.31 31.40
N PHE B 575 12.39 43.05 31.06
CA PHE B 575 12.77 41.92 31.91
C PHE B 575 14.10 41.36 31.41
N ASP B 576 15.10 41.33 32.27
CA ASP B 576 16.37 40.71 31.91
C ASP B 576 16.34 39.20 32.09
N SER B 577 15.37 38.67 32.84
CA SER B 577 15.23 37.23 33.06
C SER B 577 13.77 36.90 33.24
N VAL B 578 13.34 35.79 32.65
CA VAL B 578 11.94 35.38 32.72
C VAL B 578 11.84 33.88 32.46
N GLU B 579 10.98 33.21 33.22
CA GLU B 579 10.74 31.78 33.07
C GLU B 579 9.42 31.54 32.32
N ILE B 580 9.48 30.74 31.26
CA ILE B 580 8.33 30.51 30.38
C ILE B 580 7.85 29.07 30.55
N SER B 581 6.53 28.87 30.45
CA SER B 581 5.94 27.55 30.51
C SER B 581 4.79 27.46 29.52
N GLY B 582 4.35 26.24 29.25
CA GLY B 582 3.31 25.98 28.27
C GLY B 582 3.79 25.89 26.84
N VAL B 583 5.09 26.08 26.60
CA VAL B 583 5.67 26.01 25.26
C VAL B 583 7.15 25.74 25.43
N GLU B 584 7.71 24.92 24.54
CA GLU B 584 9.11 24.54 24.64
C GLU B 584 9.82 24.73 23.31
N ASP B 585 10.96 25.42 23.35
CA ASP B 585 11.81 25.78 22.22
C ASP B 585 11.17 26.78 21.28
N ARG B 586 10.04 26.41 20.66
CA ARG B 586 9.36 27.31 19.75
C ARG B 586 7.89 26.93 19.70
N PHE B 587 7.05 27.91 19.39
CA PHE B 587 5.62 27.67 19.29
C PHE B 587 5.34 26.74 18.11
N ASN B 588 4.47 25.75 18.34
CA ASN B 588 4.11 24.83 17.28
C ASN B 588 3.19 25.49 16.26
N ALA B 589 2.38 26.46 16.68
CA ALA B 589 1.51 27.17 15.75
C ALA B 589 2.23 28.37 15.14
N SER B 590 1.81 28.74 13.94
CA SER B 590 2.45 29.83 13.22
C SER B 590 1.49 30.38 12.16
N LEU B 591 1.63 31.67 11.89
CA LEU B 591 0.83 32.34 10.86
C LEU B 591 1.55 32.20 9.52
N GLY B 592 1.55 30.96 9.01
CA GLY B 592 2.25 30.68 7.77
C GLY B 592 1.62 31.32 6.55
N THR B 593 0.30 31.18 6.41
CA THR B 593 -0.40 31.79 5.29
C THR B 593 -0.23 33.31 5.30
N TYR B 594 -0.26 33.90 6.51
CA TYR B 594 -0.04 35.34 6.64
C TYR B 594 1.25 35.77 5.96
N HIS B 595 2.32 35.00 6.16
CA HIS B 595 3.62 35.35 5.59
C HIS B 595 3.70 35.05 4.10
N ASP B 596 3.02 33.99 3.63
CA ASP B 596 2.97 33.75 2.19
C ASP B 596 2.25 34.88 1.47
N LEU B 597 1.15 35.37 2.05
CA LEU B 597 0.38 36.42 1.41
C LEU B 597 1.07 37.78 1.50
N LEU B 598 1.82 38.02 2.58
CA LEU B 598 2.58 39.25 2.70
C LEU B 598 3.66 39.33 1.63
N LYS B 599 4.28 38.19 1.31
CA LYS B 599 5.28 38.19 0.25
C LYS B 599 4.63 38.42 -1.11
N ILE B 600 3.43 37.89 -1.32
CA ILE B 600 2.81 37.97 -2.64
C ILE B 600 2.19 39.35 -2.88
N ILE B 601 1.45 39.87 -1.90
CA ILE B 601 0.71 41.12 -2.11
C ILE B 601 1.45 42.35 -1.57
N LYS B 602 2.36 42.18 -0.62
CA LYS B 602 3.23 43.26 -0.14
C LYS B 602 2.43 44.45 0.39
N ASP B 603 1.29 44.17 1.03
CA ASP B 603 0.46 45.21 1.66
C ASP B 603 0.09 44.70 3.06
N LYS B 604 0.98 44.97 4.03
CA LYS B 604 0.73 44.50 5.39
C LYS B 604 -0.53 45.12 5.97
N ASP B 605 -0.81 46.38 5.64
CA ASP B 605 -2.01 47.03 6.15
C ASP B 605 -3.28 46.41 5.57
N PHE B 606 -3.21 45.87 4.34
CA PHE B 606 -4.34 45.12 3.81
C PHE B 606 -4.59 43.85 4.60
N LEU B 607 -3.51 43.15 4.97
CA LEU B 607 -3.66 41.89 5.70
C LEU B 607 -4.18 42.10 7.11
N ASP B 608 -3.85 43.24 7.72
CA ASP B 608 -4.28 43.52 9.08
C ASP B 608 -5.67 44.13 9.16
N ASN B 609 -6.19 44.69 8.07
CA ASN B 609 -7.51 45.29 8.08
C ASN B 609 -8.58 44.20 8.22
N GLU B 610 -9.43 44.33 9.24
CA GLU B 610 -10.42 43.30 9.52
C GLU B 610 -11.48 43.23 8.44
N GLU B 611 -11.78 44.35 7.78
CA GLU B 611 -12.78 44.34 6.72
C GLU B 611 -12.40 43.42 5.57
N ASN B 612 -11.11 43.13 5.41
CA ASN B 612 -10.63 42.23 4.37
C ASN B 612 -10.69 40.77 4.79
N GLU B 613 -11.18 40.47 5.99
CA GLU B 613 -11.19 39.10 6.50
C GLU B 613 -11.94 38.17 5.55
N ASP B 614 -13.10 38.60 5.06
CA ASP B 614 -13.89 37.76 4.16
C ASP B 614 -13.14 37.48 2.87
N ILE B 615 -12.66 38.53 2.20
CA ILE B 615 -11.97 38.36 0.93
C ILE B 615 -10.77 37.43 1.08
N LEU B 616 -9.97 37.63 2.13
CA LEU B 616 -8.81 36.76 2.34
C LEU B 616 -9.23 35.32 2.62
N GLU B 617 -10.37 35.13 3.28
CA GLU B 617 -10.86 33.78 3.55
C GLU B 617 -11.29 33.09 2.27
N ASP B 618 -11.88 33.83 1.34
CA ASP B 618 -12.33 33.26 0.09
C ASP B 618 -11.17 32.94 -0.84
N ILE B 619 -10.11 33.75 -0.81
CA ILE B 619 -8.96 33.49 -1.69
C ILE B 619 -8.25 32.21 -1.26
N VAL B 620 -8.04 32.04 0.05
CA VAL B 620 -7.38 30.83 0.55
C VAL B 620 -8.25 29.60 0.31
N LEU B 621 -9.56 29.73 0.53
CA LEU B 621 -10.48 28.63 0.22
C LEU B 621 -10.36 28.20 -1.25
N THR B 622 -10.31 29.17 -2.15
CA THR B 622 -10.21 28.86 -3.58
C THR B 622 -8.88 28.21 -3.91
N LEU B 623 -7.78 28.72 -3.35
CA LEU B 623 -6.48 28.10 -3.57
C LEU B 623 -6.43 26.69 -3.02
N THR B 624 -7.22 26.40 -1.99
CA THR B 624 -7.25 25.07 -1.39
C THR B 624 -8.21 24.15 -2.14
N LEU B 625 -9.37 24.66 -2.52
CA LEU B 625 -10.42 23.84 -3.10
C LEU B 625 -10.04 23.33 -4.48
N PHE B 626 -9.36 24.16 -5.28
CA PHE B 626 -9.01 23.82 -6.65
C PHE B 626 -7.51 23.71 -6.81
N GLU B 627 -7.12 22.90 -7.80
CA GLU B 627 -5.72 22.74 -8.18
C GLU B 627 -5.44 23.21 -9.59
N ASP B 628 -6.47 23.40 -10.41
CA ASP B 628 -6.31 23.85 -11.78
C ASP B 628 -6.06 25.35 -11.81
N ARG B 629 -4.98 25.76 -12.47
CA ARG B 629 -4.56 27.16 -12.45
C ARG B 629 -5.51 28.05 -13.24
N GLU B 630 -6.15 27.52 -14.28
CA GLU B 630 -7.18 28.29 -14.97
C GLU B 630 -8.38 28.53 -14.08
N MET B 631 -8.86 27.47 -13.41
CA MET B 631 -10.03 27.59 -12.55
C MET B 631 -9.74 28.50 -11.35
N ILE B 632 -8.56 28.36 -10.74
CA ILE B 632 -8.15 29.27 -9.68
C ILE B 632 -8.21 30.71 -10.17
N GLU B 633 -7.63 30.95 -11.35
CA GLU B 633 -7.63 32.29 -11.93
C GLU B 633 -9.05 32.79 -12.13
N GLU B 634 -9.93 31.94 -12.66
CA GLU B 634 -11.31 32.34 -12.90
C GLU B 634 -12.00 32.75 -11.61
N ARG B 635 -11.78 31.99 -10.53
CA ARG B 635 -12.45 32.29 -9.26
C ARG B 635 -11.91 33.55 -8.61
N LEU B 636 -10.62 33.83 -8.74
CA LEU B 636 -10.03 35.03 -8.15
C LEU B 636 -10.33 36.29 -8.96
N LYS B 637 -11.05 36.17 -10.07
CA LYS B 637 -11.34 37.33 -10.92
C LYS B 637 -12.06 38.42 -10.13
N THR B 638 -12.94 38.02 -9.21
CA THR B 638 -13.70 38.97 -8.40
C THR B 638 -12.81 40.02 -7.72
N TYR B 639 -11.53 39.70 -7.51
CA TYR B 639 -10.60 40.59 -6.81
C TYR B 639 -9.47 41.08 -7.73
N ALA B 640 -9.61 40.94 -9.04
CA ALA B 640 -8.60 41.45 -9.95
C ALA B 640 -8.41 42.96 -9.80
N HIS B 641 -9.45 43.67 -9.35
CA HIS B 641 -9.34 45.10 -9.15
C HIS B 641 -8.52 45.47 -7.92
N LEU B 642 -8.34 44.54 -6.98
CA LEU B 642 -7.66 44.82 -5.73
C LEU B 642 -6.14 44.73 -5.82
N PHE B 643 -5.59 43.95 -6.74
CA PHE B 643 -4.14 43.77 -6.83
C PHE B 643 -3.67 43.99 -8.26
N ASP B 644 -2.37 44.23 -8.38
CA ASP B 644 -1.72 44.33 -9.68
C ASP B 644 -1.82 43.00 -10.42
N ASP B 645 -1.66 43.07 -11.75
CA ASP B 645 -1.62 41.85 -12.56
C ASP B 645 -0.45 40.97 -12.14
N LYS B 646 0.68 41.58 -11.76
CA LYS B 646 1.82 40.82 -11.27
C LYS B 646 1.46 40.07 -9.99
N VAL B 647 0.77 40.73 -9.05
CA VAL B 647 0.37 40.06 -7.82
C VAL B 647 -0.66 38.98 -8.11
N MET B 648 -1.57 39.25 -9.05
CA MET B 648 -2.57 38.24 -9.41
C MET B 648 -1.92 37.00 -10.00
N LYS B 649 -0.86 37.18 -10.80
CA LYS B 649 -0.14 36.02 -11.32
C LYS B 649 0.52 35.25 -10.20
N GLN B 650 1.19 35.95 -9.28
CA GLN B 650 1.79 35.30 -8.12
C GLN B 650 0.73 34.61 -7.26
N LEU B 651 -0.46 35.20 -7.16
CA LEU B 651 -1.53 34.57 -6.39
C LEU B 651 -2.00 33.28 -7.04
N LYS B 652 -2.08 33.26 -8.38
CA LYS B 652 -2.49 32.05 -9.07
C LYS B 652 -1.58 30.87 -8.75
N ARG B 653 -0.27 31.11 -8.73
CA ARG B 653 0.71 30.05 -8.56
C ARG B 653 0.74 29.47 -7.14
N ARG B 654 0.16 30.15 -6.17
CA ARG B 654 0.21 29.71 -4.78
C ARG B 654 -0.97 28.79 -4.51
N ARG B 655 -0.68 27.52 -4.22
CA ARG B 655 -1.72 26.53 -3.98
C ARG B 655 -1.50 25.82 -2.66
N TYR B 656 -2.60 25.58 -1.95
CA TYR B 656 -2.60 24.97 -0.63
C TYR B 656 -3.36 23.65 -0.66
N THR B 657 -2.99 22.75 0.24
CA THR B 657 -3.61 21.45 0.34
C THR B 657 -3.92 21.13 1.80
N GLY B 658 -5.03 20.48 2.05
CA GLY B 658 -5.35 20.07 3.40
C GLY B 658 -6.50 20.87 4.01
N TRP B 659 -7.19 20.24 4.94
CA TRP B 659 -8.36 20.81 5.59
C TRP B 659 -8.20 20.69 7.10
N GLY B 660 -8.74 21.68 7.81
CA GLY B 660 -8.59 21.72 9.26
C GLY B 660 -9.49 20.70 9.96
N ARG B 661 -9.98 21.04 11.14
CA ARG B 661 -10.91 20.18 11.85
C ARG B 661 -12.08 20.93 12.46
N LEU B 662 -12.08 22.26 12.43
CA LEU B 662 -13.18 23.07 12.94
C LEU B 662 -13.71 23.96 11.82
N SER B 663 -14.96 24.37 11.98
CA SER B 663 -15.62 25.21 11.00
C SER B 663 -15.39 26.69 11.33
N ARG B 664 -15.65 27.55 10.35
CA ARG B 664 -15.58 28.97 10.62
C ARG B 664 -16.64 29.40 11.62
N LYS B 665 -17.83 28.79 11.54
CA LYS B 665 -18.91 29.14 12.46
C LYS B 665 -18.51 28.90 13.90
N LEU B 666 -17.74 27.84 14.16
CA LEU B 666 -17.33 27.54 15.53
C LEU B 666 -16.25 28.49 16.01
N ILE B 667 -15.27 28.81 15.14
CA ILE B 667 -14.12 29.59 15.57
C ILE B 667 -14.51 31.04 15.83
N ASN B 668 -15.29 31.64 14.91
CA ASN B 668 -15.51 33.08 14.92
C ASN B 668 -16.92 33.44 14.49
N GLY B 669 -17.88 32.54 14.71
CA GLY B 669 -19.25 32.80 14.32
C GLY B 669 -20.20 32.84 15.50
N ILE B 670 -20.47 31.68 16.09
CA ILE B 670 -21.36 31.61 17.25
C ILE B 670 -20.76 32.41 18.41
N ARG B 671 -21.64 33.00 19.22
CA ARG B 671 -21.22 33.85 20.33
C ARG B 671 -21.86 33.38 21.62
N ASP B 672 -21.17 33.64 22.72
CA ASP B 672 -21.77 33.42 24.04
C ASP B 672 -22.81 34.50 24.29
N LYS B 673 -23.97 34.11 24.83
CA LYS B 673 -25.14 34.99 24.85
C LYS B 673 -24.87 36.25 25.66
N GLN B 674 -24.30 36.11 26.85
CA GLN B 674 -24.12 37.28 27.70
C GLN B 674 -22.89 38.10 27.29
N SER B 675 -21.78 37.45 26.96
CA SER B 675 -20.58 38.19 26.61
C SER B 675 -20.67 38.80 25.22
N GLY B 676 -21.42 38.18 24.32
CA GLY B 676 -21.42 38.60 22.94
C GLY B 676 -20.15 38.29 22.19
N LYS B 677 -19.35 37.35 22.68
CA LYS B 677 -18.01 37.09 22.17
C LYS B 677 -17.94 35.72 21.51
N THR B 678 -17.15 35.63 20.44
CA THR B 678 -16.91 34.36 19.77
C THR B 678 -15.85 33.56 20.53
N ILE B 679 -15.58 32.35 20.05
CA ILE B 679 -14.50 31.55 20.61
C ILE B 679 -13.17 32.26 20.46
N LEU B 680 -12.89 32.74 19.24
CA LEU B 680 -11.64 33.45 18.98
C LEU B 680 -11.52 34.70 19.86
N ASP B 681 -12.64 35.34 20.17
CA ASP B 681 -12.60 36.50 21.07
C ASP B 681 -12.13 36.10 22.47
N PHE B 682 -12.58 34.94 22.95
CA PHE B 682 -12.10 34.48 24.25
C PHE B 682 -10.63 34.06 24.21
N LEU B 683 -10.19 33.46 23.09
CA LEU B 683 -8.77 33.13 22.95
C LEU B 683 -7.91 34.38 22.89
N LYS B 684 -8.41 35.46 22.29
CA LYS B 684 -7.67 36.71 22.30
C LYS B 684 -7.67 37.35 23.67
N SER B 685 -8.81 37.32 24.36
CA SER B 685 -8.93 38.01 25.64
C SER B 685 -10.03 37.35 26.46
N ASP B 686 -9.68 36.85 27.63
CA ASP B 686 -10.63 36.24 28.55
C ASP B 686 -10.18 36.54 29.98
N GLY B 687 -10.10 37.83 30.31
CA GLY B 687 -9.72 38.29 31.64
C GLY B 687 -8.45 37.67 32.17
N PHE B 688 -8.53 37.04 33.33
CA PHE B 688 -7.39 36.33 33.91
C PHE B 688 -7.63 34.83 34.00
N ALA B 689 -8.65 34.32 33.30
CA ALA B 689 -8.92 32.88 33.28
C ALA B 689 -8.28 32.20 32.07
N ASN B 690 -8.13 32.93 30.97
CA ASN B 690 -7.44 32.46 29.76
C ASN B 690 -7.89 31.05 29.36
N ARG B 691 -9.20 30.83 29.38
CA ARG B 691 -9.75 29.55 28.95
C ARG B 691 -9.42 29.31 27.48
N ASN B 692 -9.00 28.08 27.18
CA ASN B 692 -8.66 27.70 25.82
C ASN B 692 -9.86 26.99 25.20
N PHE B 693 -9.66 26.38 24.03
CA PHE B 693 -10.77 25.83 23.26
C PHE B 693 -11.51 24.75 24.03
N MET B 694 -10.78 23.83 24.66
CA MET B 694 -11.44 22.74 25.40
C MET B 694 -12.29 23.28 26.54
N GLN B 695 -11.74 24.24 27.29
CA GLN B 695 -12.47 24.78 28.44
C GLN B 695 -13.69 25.57 28.00
N LEU B 696 -13.56 26.33 26.90
CA LEU B 696 -14.65 27.19 26.46
C LEU B 696 -15.90 26.38 26.12
N ILE B 697 -15.74 25.33 25.32
CA ILE B 697 -16.89 24.59 24.80
C ILE B 697 -17.44 23.63 25.85
N HIS B 698 -16.80 23.59 27.02
CA HIS B 698 -17.23 22.72 28.10
C HIS B 698 -17.69 23.50 29.34
N ASP B 699 -17.66 24.82 29.29
CA ASP B 699 -17.96 25.66 30.45
C ASP B 699 -19.47 25.87 30.54
N ASP B 700 -20.05 25.48 31.68
CA ASP B 700 -21.49 25.63 31.87
C ASP B 700 -21.93 27.07 32.11
N SER B 701 -21.01 27.97 32.40
CA SER B 701 -21.34 29.39 32.55
C SER B 701 -21.35 30.12 31.22
N LEU B 702 -21.09 29.42 30.11
CA LEU B 702 -21.18 29.97 28.78
C LEU B 702 -22.22 29.18 28.00
N THR B 703 -22.67 29.74 26.88
CA THR B 703 -23.69 29.11 26.06
C THR B 703 -23.13 28.36 24.86
N PHE B 704 -21.80 28.25 24.76
CA PHE B 704 -21.20 27.49 23.67
C PHE B 704 -21.58 26.02 23.77
N LYS B 705 -21.34 25.41 24.93
CA LYS B 705 -21.63 24.00 25.14
C LYS B 705 -23.09 23.67 24.82
N GLU B 706 -24.00 24.49 25.32
CA GLU B 706 -25.43 24.29 25.06
C GLU B 706 -25.71 24.29 23.56
N ASP B 707 -25.15 25.27 22.85
CA ASP B 707 -25.37 25.36 21.40
C ASP B 707 -24.77 24.18 20.66
N ILE B 708 -23.71 23.57 21.20
CA ILE B 708 -23.09 22.42 20.54
C ILE B 708 -24.03 21.22 20.59
N GLN B 709 -24.62 20.93 21.75
CA GLN B 709 -25.49 19.77 21.86
C GLN B 709 -26.75 19.93 21.01
N LYS B 710 -27.31 21.14 20.99
CA LYS B 710 -28.44 21.42 20.10
C LYS B 710 -28.07 21.22 18.64
N ALA B 711 -26.81 21.49 18.30
CA ALA B 711 -26.39 21.38 16.89
C ALA B 711 -26.31 19.94 16.43
N GLN B 712 -26.04 19.00 17.34
CA GLN B 712 -25.84 17.62 16.95
C GLN B 712 -27.12 17.02 16.38
N VAL B 713 -26.96 16.13 15.39
CA VAL B 713 -28.11 15.49 14.76
C VAL B 713 -28.09 13.99 15.04
N GLY B 717 -28.18 5.69 11.04
CA GLY B 717 -28.14 4.44 11.76
C GLY B 717 -27.62 3.28 10.92
N ASP B 718 -26.32 3.04 11.01
CA ASP B 718 -25.69 2.00 10.22
C ASP B 718 -26.11 0.61 10.69
N SER B 719 -26.00 -0.36 9.79
CA SER B 719 -26.11 -1.75 10.16
C SER B 719 -24.79 -2.22 10.79
N LEU B 720 -24.81 -3.43 11.33
CA LEU B 720 -23.58 -4.01 11.87
C LEU B 720 -22.52 -4.09 10.80
N HIS B 721 -22.89 -4.60 9.62
CA HIS B 721 -21.94 -4.72 8.51
C HIS B 721 -21.46 -3.35 8.05
N GLU B 722 -22.38 -2.42 7.81
CA GLU B 722 -22.02 -1.05 7.42
C GLU B 722 -21.05 -0.45 8.43
N HIS B 723 -21.38 -0.56 9.72
CA HIS B 723 -20.55 0.04 10.76
C HIS B 723 -19.15 -0.56 10.76
N ILE B 724 -19.03 -1.86 10.54
CA ILE B 724 -17.72 -2.49 10.48
C ILE B 724 -16.98 -2.06 9.21
N ALA B 725 -17.71 -1.90 8.11
CA ALA B 725 -17.08 -1.44 6.87
C ALA B 725 -16.47 -0.06 7.01
N ASN B 726 -17.10 0.81 7.80
CA ASN B 726 -16.64 2.19 7.96
C ASN B 726 -15.55 2.36 9.01
N LEU B 727 -15.10 1.27 9.62
CA LEU B 727 -13.99 1.34 10.56
C LEU B 727 -12.68 1.55 9.80
N ALA B 728 -11.75 2.27 10.44
CA ALA B 728 -10.43 2.50 9.88
C ALA B 728 -9.54 1.29 10.21
N GLY B 729 -9.24 0.49 9.22
CA GLY B 729 -8.41 -0.69 9.42
C GLY B 729 -8.37 -1.51 8.14
N SER B 730 -7.47 -2.48 8.14
CA SER B 730 -7.32 -3.35 6.99
C SER B 730 -8.62 -4.09 6.71
N PRO B 731 -9.08 -4.15 5.47
CA PRO B 731 -10.25 -5.00 5.16
C PRO B 731 -10.09 -6.43 5.62
N ALA B 732 -8.85 -6.91 5.72
CA ALA B 732 -8.60 -8.25 6.23
C ALA B 732 -9.09 -8.39 7.67
N ILE B 733 -8.67 -7.47 8.56
CA ILE B 733 -9.06 -7.58 9.96
C ILE B 733 -10.56 -7.34 10.12
N LYS B 734 -11.15 -6.49 9.27
CA LYS B 734 -12.59 -6.23 9.37
C LYS B 734 -13.39 -7.49 9.09
N LYS B 735 -12.90 -8.35 8.20
CA LYS B 735 -13.57 -9.62 7.94
C LYS B 735 -13.66 -10.46 9.21
N GLY B 736 -12.57 -10.51 9.97
CA GLY B 736 -12.59 -11.26 11.22
C GLY B 736 -13.46 -10.62 12.29
N ILE B 737 -13.56 -9.29 12.28
CA ILE B 737 -14.39 -8.59 13.27
C ILE B 737 -15.85 -8.97 13.08
N LEU B 738 -16.33 -8.95 11.83
CA LEU B 738 -17.71 -9.34 11.56
C LEU B 738 -17.92 -10.81 11.87
N GLN B 739 -16.97 -11.66 11.47
CA GLN B 739 -17.08 -13.09 11.79
C GLN B 739 -17.13 -13.32 13.29
N THR B 740 -16.36 -12.53 14.06
CA THR B 740 -16.37 -12.65 15.51
C THR B 740 -17.76 -12.38 16.08
N VAL B 741 -18.38 -11.27 15.67
CA VAL B 741 -19.72 -10.94 16.16
C VAL B 741 -20.71 -12.05 15.80
N LYS B 742 -20.62 -12.57 14.58
CA LYS B 742 -21.50 -13.68 14.20
C LYS B 742 -21.23 -14.91 15.07
N VAL B 743 -19.98 -15.12 15.48
CA VAL B 743 -19.66 -16.24 16.35
C VAL B 743 -20.33 -16.06 17.71
N VAL B 744 -20.22 -14.86 18.28
CA VAL B 744 -20.77 -14.61 19.61
C VAL B 744 -22.28 -14.78 19.63
N ASP B 745 -22.96 -14.27 18.59
CA ASP B 745 -24.40 -14.42 18.51
C ASP B 745 -24.80 -15.90 18.58
N GLU B 746 -24.14 -16.75 17.79
CA GLU B 746 -24.46 -18.17 17.80
C GLU B 746 -24.18 -18.78 19.17
N LEU B 747 -23.08 -18.38 19.82
CA LEU B 747 -22.73 -18.94 21.11
C LEU B 747 -23.77 -18.60 22.17
N VAL B 748 -24.32 -17.39 22.13
CA VAL B 748 -25.37 -17.03 23.09
C VAL B 748 -26.63 -17.84 22.81
N LYS B 749 -27.01 -17.98 21.54
CA LYS B 749 -28.12 -18.85 21.19
C LYS B 749 -27.89 -20.28 21.67
N VAL B 750 -26.64 -20.73 21.68
CA VAL B 750 -26.31 -22.06 22.16
C VAL B 750 -26.57 -22.18 23.67
N MET B 751 -26.29 -21.12 24.42
CA MET B 751 -26.52 -21.10 25.86
C MET B 751 -27.93 -20.66 26.22
N GLY B 752 -28.92 -20.95 25.38
CA GLY B 752 -30.30 -20.60 25.67
C GLY B 752 -30.52 -19.12 25.90
N ARG B 753 -29.88 -18.28 25.09
CA ARG B 753 -30.04 -16.83 25.13
C ARG B 753 -29.63 -16.23 26.47
N HIS B 754 -28.80 -16.94 27.23
CA HIS B 754 -28.22 -16.39 28.46
C HIS B 754 -26.93 -15.66 28.10
N LYS B 755 -26.82 -14.42 28.54
CA LYS B 755 -25.64 -13.65 28.21
C LYS B 755 -24.46 -14.07 29.07
N PRO B 756 -23.25 -14.06 28.52
CA PRO B 756 -22.07 -14.46 29.30
C PRO B 756 -21.78 -13.45 30.40
N GLU B 757 -20.97 -13.89 31.36
CA GLU B 757 -20.48 -12.98 32.38
C GLU B 757 -19.46 -12.01 31.79
N ASN B 758 -18.39 -12.54 31.23
CA ASN B 758 -17.38 -11.75 30.55
C ASN B 758 -17.21 -12.25 29.14
N ILE B 759 -16.60 -11.39 28.31
CA ILE B 759 -16.10 -11.75 27.00
C ILE B 759 -14.70 -11.19 26.91
N VAL B 760 -13.71 -12.06 26.75
CA VAL B 760 -12.31 -11.65 26.64
C VAL B 760 -11.90 -11.75 25.19
N ILE B 761 -11.44 -10.63 24.63
CA ILE B 761 -11.04 -10.56 23.23
C ILE B 761 -9.56 -10.27 23.16
N GLU B 762 -8.87 -10.96 22.26
CA GLU B 762 -7.48 -10.67 21.91
C GLU B 762 -7.39 -10.58 20.39
N MET B 763 -6.75 -9.53 19.91
CA MET B 763 -6.58 -9.31 18.48
C MET B 763 -5.12 -9.47 18.10
N ALA B 764 -4.88 -10.13 16.97
CA ALA B 764 -3.53 -10.42 16.54
C ALA B 764 -2.82 -9.15 16.07
N ARG B 765 -1.50 -9.22 16.03
CA ARG B 765 -0.66 -8.14 15.53
C ARG B 765 -0.97 -7.85 14.08
N LYS B 775 5.65 -7.38 -2.04
CA LYS B 775 6.08 -6.40 -3.03
C LYS B 775 6.61 -5.14 -2.34
N ASN B 776 6.85 -5.27 -1.04
CA ASN B 776 7.51 -4.22 -0.28
C ASN B 776 8.91 -3.94 -0.79
N SER B 777 9.54 -4.91 -1.46
CA SER B 777 10.87 -4.71 -2.02
C SER B 777 10.89 -3.56 -3.01
N ARG B 778 9.80 -3.35 -3.75
CA ARG B 778 9.71 -2.16 -4.59
C ARG B 778 9.79 -0.89 -3.75
N GLU B 779 9.08 -0.89 -2.62
CA GLU B 779 9.11 0.27 -1.73
C GLU B 779 10.46 0.40 -1.03
N ARG B 780 11.05 -0.72 -0.59
CA ARG B 780 12.33 -0.67 0.09
C ARG B 780 13.42 -0.11 -0.83
N MET B 781 13.41 -0.50 -2.11
CA MET B 781 14.38 0.01 -3.06
C MET B 781 14.20 1.50 -3.29
N LYS B 782 12.95 1.92 -3.53
CA LYS B 782 12.66 3.32 -3.77
C LYS B 782 13.10 4.21 -2.61
N ARG B 783 13.01 3.69 -1.39
CA ARG B 783 13.44 4.47 -0.22
C ARG B 783 14.95 4.61 -0.13
N ILE B 784 15.71 3.70 -0.74
CA ILE B 784 17.17 3.79 -0.71
C ILE B 784 17.69 4.60 -1.89
N GLU B 785 17.08 4.44 -3.07
CA GLU B 785 17.45 5.30 -4.20
C GLU B 785 17.24 6.76 -3.86
N GLU B 786 16.05 7.12 -3.38
CA GLU B 786 15.79 8.51 -3.02
C GLU B 786 16.74 8.98 -1.93
N GLY B 787 16.94 8.16 -0.91
CA GLY B 787 17.80 8.56 0.20
C GLY B 787 19.25 8.74 -0.21
N ILE B 788 19.76 7.86 -1.08
CA ILE B 788 21.15 7.93 -1.47
C ILE B 788 21.39 9.08 -2.44
N LYS B 789 20.46 9.29 -3.38
CA LYS B 789 20.59 10.39 -4.31
C LYS B 789 20.33 11.73 -3.65
N GLU B 790 19.43 11.77 -2.66
CA GLU B 790 19.29 12.97 -1.83
C GLU B 790 20.53 13.18 -0.98
N LEU B 791 21.11 12.09 -0.48
CA LEU B 791 22.36 12.18 0.28
C LEU B 791 23.53 12.57 -0.61
N GLY B 792 23.47 12.23 -1.88
CA GLY B 792 24.57 12.45 -2.80
C GLY B 792 25.61 11.36 -2.83
N SER B 793 25.33 10.21 -2.24
CA SER B 793 26.30 9.13 -2.08
C SER B 793 26.40 8.29 -3.34
N GLN B 794 27.56 7.64 -3.50
CA GLN B 794 27.82 6.75 -4.63
C GLN B 794 27.79 5.28 -4.22
N ILE B 795 27.13 4.95 -3.10
CA ILE B 795 27.18 3.59 -2.58
C ILE B 795 26.45 2.62 -3.51
N LEU B 796 25.45 3.10 -4.26
CA LEU B 796 24.77 2.23 -5.20
C LEU B 796 25.63 1.97 -6.44
N LYS B 797 26.45 2.95 -6.83
CA LYS B 797 27.44 2.72 -7.89
C LYS B 797 28.40 1.61 -7.49
N GLU B 798 28.96 1.71 -6.30
CA GLU B 798 29.97 0.75 -5.85
C GLU B 798 29.38 -0.59 -5.43
N HIS B 799 28.10 -0.63 -5.07
CA HIS B 799 27.45 -1.86 -4.61
C HIS B 799 26.07 -1.97 -5.22
N PRO B 800 25.96 -2.46 -6.45
CA PRO B 800 24.65 -2.70 -7.07
C PRO B 800 23.83 -3.66 -6.23
N VAL B 801 22.52 -3.40 -6.15
CA VAL B 801 21.63 -4.21 -5.32
C VAL B 801 20.28 -4.33 -6.02
N GLU B 802 19.65 -5.50 -5.87
CA GLU B 802 18.32 -5.76 -6.38
C GLU B 802 17.31 -5.71 -5.25
N ASN B 803 16.05 -5.45 -5.61
CA ASN B 803 15.01 -5.24 -4.61
C ASN B 803 14.84 -6.45 -3.72
N THR B 804 14.90 -7.65 -4.30
CA THR B 804 14.67 -8.87 -3.54
C THR B 804 15.67 -9.02 -2.40
N GLN B 805 16.91 -8.58 -2.62
CA GLN B 805 17.93 -8.72 -1.58
C GLN B 805 17.62 -7.86 -0.35
N LEU B 806 16.91 -6.74 -0.54
CA LEU B 806 16.63 -5.83 0.56
C LEU B 806 15.65 -6.45 1.55
N GLN B 807 15.15 -7.65 1.25
CA GLN B 807 14.40 -8.40 2.25
C GLN B 807 15.30 -8.80 3.42
N ASN B 808 16.58 -9.03 3.17
CA ASN B 808 17.52 -9.23 4.26
C ASN B 808 17.59 -7.98 5.12
N GLU B 809 17.46 -8.17 6.44
CA GLU B 809 17.40 -7.04 7.36
C GLU B 809 18.73 -6.30 7.44
N LYS B 810 19.83 -7.04 7.59
CA LYS B 810 21.13 -6.40 7.79
C LYS B 810 21.57 -5.62 6.56
N LEU B 811 21.29 -6.14 5.36
CA LEU B 811 21.67 -5.42 4.14
C LEU B 811 20.80 -4.19 3.94
N TYR B 812 19.50 -4.33 4.21
CA TYR B 812 18.59 -3.17 4.15
C TYR B 812 19.05 -2.08 5.10
N LEU B 813 19.41 -2.45 6.33
CA LEU B 813 19.91 -1.46 7.29
C LEU B 813 21.23 -0.86 6.82
N TYR B 814 22.08 -1.67 6.18
CA TYR B 814 23.35 -1.16 5.64
C TYR B 814 23.12 -0.02 4.67
N TYR B 815 22.18 -0.19 3.74
CA TYR B 815 21.95 0.85 2.74
C TYR B 815 21.23 2.06 3.34
N LEU B 816 20.30 1.82 4.27
CA LEU B 816 19.62 2.93 4.92
C LEU B 816 20.58 3.77 5.75
N GLN B 817 21.68 3.19 6.21
CA GLN B 817 22.69 3.92 6.96
C GLN B 817 23.87 4.33 6.10
N ASN B 818 23.77 4.18 4.77
CA ASN B 818 24.80 4.62 3.84
C ASN B 818 26.13 3.91 4.10
N GLY B 819 26.06 2.63 4.46
CA GLY B 819 27.25 1.83 4.66
C GLY B 819 28.07 2.21 5.89
N ARG B 820 27.46 2.81 6.90
CA ARG B 820 28.17 3.28 8.07
C ARG B 820 27.60 2.65 9.34
N ASP B 821 28.47 2.44 10.31
CA ASP B 821 28.01 2.18 11.66
C ASP B 821 27.17 3.35 12.13
N MET B 822 26.10 3.06 12.87
CA MET B 822 25.18 4.09 13.34
C MET B 822 25.56 4.64 14.70
N TYR B 823 26.39 3.92 15.47
CA TYR B 823 26.88 4.41 16.75
C TYR B 823 28.32 4.89 16.70
N VAL B 824 29.07 4.52 15.65
CA VAL B 824 30.46 4.94 15.48
C VAL B 824 30.61 5.50 14.08
N ASP B 825 31.33 6.61 13.95
CA ASP B 825 31.50 7.30 12.68
C ASP B 825 32.57 6.58 11.87
N GLN B 826 32.17 5.44 11.30
CA GLN B 826 33.08 4.59 10.56
C GLN B 826 32.30 3.90 9.45
N GLU B 827 33.03 3.45 8.44
CA GLU B 827 32.44 2.65 7.38
C GLU B 827 32.20 1.22 7.86
N LEU B 828 31.17 0.59 7.30
CA LEU B 828 30.94 -0.83 7.51
C LEU B 828 31.24 -1.60 6.23
N ASP B 829 31.69 -2.84 6.40
CA ASP B 829 31.99 -3.72 5.28
C ASP B 829 30.75 -4.50 4.90
N ILE B 830 30.37 -4.43 3.62
CA ILE B 830 29.17 -5.13 3.15
C ILE B 830 29.37 -6.64 3.19
N ASN B 831 30.61 -7.11 3.03
CA ASN B 831 30.91 -8.54 3.08
C ASN B 831 31.05 -9.08 4.51
N ARG B 832 31.00 -8.21 5.52
CA ARG B 832 31.21 -8.60 6.91
C ARG B 832 29.92 -8.56 7.73
N LEU B 833 28.76 -8.39 7.08
CA LEU B 833 27.51 -8.16 7.80
C LEU B 833 27.20 -9.27 8.80
N SER B 834 27.58 -10.51 8.50
CA SER B 834 27.34 -11.61 9.43
C SER B 834 28.03 -11.40 10.77
N ASP B 835 29.10 -10.62 10.81
CA ASP B 835 29.81 -10.35 12.07
C ASP B 835 29.21 -9.18 12.85
N TYR B 836 28.38 -8.35 12.20
CA TYR B 836 27.86 -7.15 12.82
C TYR B 836 26.64 -7.46 13.68
N ASP B 837 26.11 -6.43 14.35
CA ASP B 837 24.97 -6.55 15.26
C ASP B 837 23.81 -5.70 14.78
N VAL B 838 22.60 -6.21 14.98
CA VAL B 838 21.38 -5.42 14.85
C VAL B 838 20.89 -5.11 16.26
N ASP B 839 20.72 -3.83 16.57
CA ASP B 839 20.42 -3.39 17.93
C ASP B 839 19.17 -2.52 17.94
N ALA B 840 18.40 -2.65 19.02
CA ALA B 840 17.16 -1.90 19.19
C ALA B 840 17.44 -0.57 19.89
N ILE B 841 16.89 0.51 19.34
CA ILE B 841 17.13 1.84 19.89
C ILE B 841 16.60 1.94 21.31
N VAL B 842 15.29 1.79 21.48
CA VAL B 842 14.69 1.57 22.80
C VAL B 842 14.77 0.08 23.10
N PRO B 843 15.42 -0.34 24.20
CA PRO B 843 15.62 -1.77 24.45
C PRO B 843 14.32 -2.57 24.38
N GLN B 844 14.41 -3.77 23.78
CA GLN B 844 13.23 -4.60 23.62
C GLN B 844 12.70 -5.14 24.95
N SER B 845 13.51 -5.07 26.01
CA SER B 845 12.97 -5.34 27.35
C SER B 845 11.88 -4.36 27.70
N PHE B 846 11.96 -3.12 27.19
CA PHE B 846 10.98 -2.08 27.43
C PHE B 846 9.97 -1.94 26.31
N LEU B 847 10.43 -1.88 25.06
CA LEU B 847 9.56 -1.70 23.90
C LEU B 847 9.75 -2.89 22.95
N LYS B 848 8.76 -3.78 22.91
CA LYS B 848 8.80 -4.93 22.02
C LYS B 848 8.55 -4.47 20.57
N ASP B 849 9.57 -3.83 20.01
CA ASP B 849 9.50 -3.32 18.64
C ASP B 849 10.70 -3.86 17.87
N ASP B 850 10.41 -4.59 16.78
CA ASP B 850 11.44 -5.14 15.91
C ASP B 850 11.40 -4.55 14.51
N SER B 851 10.70 -3.44 14.33
CA SER B 851 10.69 -2.80 13.02
C SER B 851 12.03 -2.11 12.74
N ILE B 852 12.24 -1.76 11.48
CA ILE B 852 13.42 -1.01 11.07
C ILE B 852 13.40 0.33 11.80
N ASP B 853 12.23 0.73 12.29
CA ASP B 853 12.05 2.01 12.96
C ASP B 853 12.65 2.06 14.36
N ASN B 854 12.86 0.90 14.99
CA ASN B 854 13.53 0.84 16.29
C ASN B 854 14.84 0.06 16.20
N LYS B 855 15.32 -0.24 15.00
CA LYS B 855 16.48 -1.08 14.81
C LYS B 855 17.59 -0.32 14.10
N VAL B 856 18.82 -0.79 14.30
CA VAL B 856 20.02 -0.06 13.92
C VAL B 856 21.12 -1.08 13.65
N LEU B 857 21.86 -0.91 12.55
CA LEU B 857 22.99 -1.75 12.24
C LEU B 857 24.28 -1.09 12.71
N THR B 858 24.97 -1.74 13.65
CA THR B 858 26.22 -1.24 14.21
C THR B 858 27.25 -2.36 14.18
N ARG B 859 28.53 -1.98 14.27
CA ARG B 859 29.58 -2.99 14.29
C ARG B 859 29.46 -3.88 15.51
N SER B 860 29.16 -3.29 16.67
CA SER B 860 28.99 -4.03 17.90
C SER B 860 28.02 -3.28 18.81
N ASP B 861 27.07 -4.01 19.39
CA ASP B 861 26.07 -3.37 20.25
C ASP B 861 26.69 -2.79 21.52
N LYS B 862 27.86 -3.27 21.92
CA LYS B 862 28.56 -2.69 23.07
C LYS B 862 28.70 -1.18 22.93
N ASN B 863 29.08 -0.73 21.73
CA ASN B 863 29.35 0.69 21.47
C ASN B 863 28.10 1.57 21.57
N ARG B 864 26.92 0.98 21.79
CA ARG B 864 25.73 1.80 22.02
C ARG B 864 25.79 2.50 23.37
N GLY B 865 26.53 1.93 24.33
CA GLY B 865 26.56 2.42 25.69
C GLY B 865 26.02 1.38 26.66
N LYS B 866 25.33 1.85 27.69
CA LYS B 866 24.66 0.94 28.61
C LYS B 866 23.41 0.37 27.96
N SER B 867 23.07 -0.86 28.34
CA SER B 867 22.01 -1.61 27.69
C SER B 867 20.65 -1.49 28.38
N ASP B 868 20.53 -0.62 29.37
CA ASP B 868 19.27 -0.46 30.10
C ASP B 868 18.54 0.83 29.71
N ASN B 869 18.85 1.40 28.56
CA ASN B 869 18.39 2.74 28.22
C ASN B 869 18.59 2.99 26.73
N VAL B 870 18.24 4.20 26.31
CA VAL B 870 18.37 4.68 24.94
C VAL B 870 19.83 5.11 24.76
N PRO B 871 20.43 4.99 23.53
CA PRO B 871 21.88 5.25 23.35
C PRO B 871 22.45 6.41 24.16
N SER B 872 23.67 6.23 24.68
CA SER B 872 24.25 7.15 25.65
C SER B 872 24.42 8.55 25.04
N GLU B 873 24.66 9.52 25.93
CA GLU B 873 24.87 10.90 25.49
C GLU B 873 26.10 11.02 24.61
N GLU B 874 27.16 10.27 24.91
CA GLU B 874 28.38 10.37 24.11
C GLU B 874 28.11 9.98 22.66
N VAL B 875 27.35 8.90 22.45
CA VAL B 875 27.02 8.50 21.09
C VAL B 875 26.16 9.56 20.40
N VAL B 876 25.26 10.20 21.15
CA VAL B 876 24.39 11.22 20.58
C VAL B 876 25.20 12.44 20.17
N LYS B 877 26.12 12.90 21.04
CA LYS B 877 27.02 13.98 20.68
C LYS B 877 27.83 13.64 19.44
N LYS B 878 28.30 12.39 19.36
CA LYS B 878 29.11 11.98 18.22
C LYS B 878 28.29 11.97 16.92
N MET B 879 27.08 11.43 16.96
CA MET B 879 26.39 11.00 15.76
C MET B 879 25.15 11.80 15.38
N LYS B 880 24.77 12.81 16.17
CA LYS B 880 23.52 13.52 15.88
C LYS B 880 23.51 14.11 14.47
N ASN B 881 24.65 14.65 14.02
CA ASN B 881 24.72 15.28 12.71
C ASN B 881 24.50 14.27 11.59
N TYR B 882 25.19 13.13 11.67
CA TYR B 882 25.01 12.07 10.67
C TYR B 882 23.57 11.56 10.68
N TRP B 883 22.95 11.50 11.86
CA TRP B 883 21.55 11.12 11.94
C TRP B 883 20.65 12.15 11.28
N ARG B 884 20.99 13.44 11.41
CA ARG B 884 20.19 14.49 10.78
C ARG B 884 20.17 14.35 9.27
N GLN B 885 21.31 14.03 8.67
CA GLN B 885 21.36 13.80 7.23
C GLN B 885 20.45 12.65 6.83
N LEU B 886 20.51 11.54 7.57
CA LEU B 886 19.65 10.40 7.29
C LEU B 886 18.19 10.78 7.38
N LEU B 887 17.84 11.58 8.38
CA LEU B 887 16.46 12.06 8.53
C LEU B 887 16.03 12.83 7.29
N ASN B 888 16.83 13.80 6.87
CA ASN B 888 16.46 14.62 5.72
C ASN B 888 16.46 13.80 4.44
N ALA B 889 17.38 12.85 4.30
CA ALA B 889 17.33 11.90 3.19
C ALA B 889 16.22 10.86 3.36
N LYS B 890 15.44 10.96 4.43
CA LYS B 890 14.34 10.04 4.72
C LYS B 890 14.81 8.59 4.82
N LEU B 891 16.05 8.39 5.25
CA LEU B 891 16.54 7.06 5.53
C LEU B 891 16.25 6.63 6.97
N ILE B 892 15.83 7.56 7.82
CA ILE B 892 15.22 7.28 9.12
C ILE B 892 14.06 8.25 9.29
N THR B 893 13.03 7.81 9.99
CA THR B 893 11.88 8.66 10.27
C THR B 893 12.19 9.59 11.45
N GLN B 894 11.31 10.58 11.64
CA GLN B 894 11.44 11.47 12.81
C GLN B 894 11.34 10.68 14.11
N ARG B 895 10.49 9.65 14.12
CA ARG B 895 10.33 8.82 15.30
C ARG B 895 11.63 8.09 15.64
N LYS B 896 12.36 7.63 14.61
CA LYS B 896 13.62 6.93 14.83
C LYS B 896 14.71 7.88 15.27
N PHE B 897 14.74 9.09 14.70
CA PHE B 897 15.71 10.10 15.11
C PHE B 897 15.43 10.58 16.53
N ASP B 898 14.16 10.79 16.88
CA ASP B 898 13.81 11.26 18.21
C ASP B 898 14.25 10.25 19.27
N ASN B 899 13.95 8.97 19.07
CA ASN B 899 14.42 7.96 20.01
C ASN B 899 15.95 7.91 20.04
N LEU B 900 16.59 7.89 18.88
CA LEU B 900 18.05 7.84 18.82
C LEU B 900 18.72 8.96 19.60
N THR B 901 18.05 10.10 19.79
CA THR B 901 18.65 11.27 20.40
C THR B 901 18.09 11.57 21.79
N LYS B 902 17.32 10.65 22.38
CA LYS B 902 16.60 10.98 23.61
C LYS B 902 17.53 11.21 24.79
N ALA B 903 18.73 10.62 24.77
CA ALA B 903 19.64 10.75 25.91
C ALA B 903 19.99 12.21 26.19
N GLU B 904 20.01 13.05 25.16
CA GLU B 904 20.27 14.47 25.37
C GLU B 904 19.07 15.21 25.97
N ARG B 905 17.89 14.59 25.94
CA ARG B 905 16.70 15.13 26.58
C ARG B 905 16.43 14.44 27.93
N GLY B 906 17.49 14.01 28.62
CA GLY B 906 17.36 13.27 29.86
C GLY B 906 17.33 11.76 29.70
N GLY B 907 17.09 11.27 28.48
CA GLY B 907 17.02 9.84 28.26
C GLY B 907 15.68 9.26 28.69
N LEU B 908 15.71 7.95 28.96
CA LEU B 908 14.52 7.26 29.43
C LEU B 908 14.35 7.50 30.92
N SER B 909 13.20 8.09 31.29
CA SER B 909 12.88 8.30 32.69
C SER B 909 12.29 7.03 33.30
N GLU B 910 12.20 7.03 34.63
CA GLU B 910 11.54 5.92 35.32
C GLU B 910 10.07 5.83 34.92
N LEU B 911 9.40 6.98 34.80
CA LEU B 911 8.02 7.00 34.35
C LEU B 911 7.87 6.42 32.96
N ASP B 912 8.80 6.76 32.06
CA ASP B 912 8.77 6.18 30.71
C ASP B 912 8.87 4.67 30.76
N LYS B 913 9.73 4.14 31.62
CA LYS B 913 9.87 2.68 31.75
C LYS B 913 8.60 2.06 32.29
N ALA B 914 7.94 2.74 33.24
CA ALA B 914 6.66 2.25 33.75
C ALA B 914 5.63 2.18 32.63
N GLY B 915 5.56 3.22 31.80
CA GLY B 915 4.61 3.21 30.70
C GLY B 915 4.86 2.09 29.71
N PHE B 916 6.14 1.83 29.39
CA PHE B 916 6.47 0.77 28.45
C PHE B 916 5.96 -0.58 28.93
N ILE B 917 6.18 -0.89 30.21
CA ILE B 917 5.71 -2.18 30.75
C ILE B 917 4.19 -2.24 30.72
N LYS B 918 3.53 -1.13 31.06
CA LYS B 918 2.07 -1.09 31.04
C LYS B 918 1.55 -1.35 29.63
N ARG B 919 2.16 -0.73 28.62
CA ARG B 919 1.71 -0.92 27.24
C ARG B 919 1.99 -2.34 26.74
N GLN B 920 2.89 -3.07 27.39
CA GLN B 920 3.04 -4.49 27.08
C GLN B 920 1.79 -5.27 27.48
N LEU B 921 1.04 -4.79 28.47
CA LEU B 921 -0.08 -5.53 29.03
C LEU B 921 -1.45 -4.95 28.69
N VAL B 922 -1.57 -3.63 28.54
CA VAL B 922 -2.85 -2.99 28.29
C VAL B 922 -2.93 -2.61 26.81
N GLU B 923 -3.89 -3.20 26.10
CA GLU B 923 -4.10 -2.92 24.69
C GLU B 923 -4.70 -1.53 24.50
N THR B 924 -4.17 -0.79 23.53
CA THR B 924 -4.63 0.57 23.26
C THR B 924 -4.94 0.84 21.79
N ARG B 925 -4.87 -0.17 20.91
CA ARG B 925 -5.16 0.05 19.51
C ARG B 925 -6.62 0.41 19.32
N GLN B 926 -6.87 1.37 18.41
CA GLN B 926 -8.22 1.90 18.24
C GLN B 926 -9.16 0.86 17.65
N ILE B 927 -8.67 0.06 16.70
CA ILE B 927 -9.52 -0.98 16.11
C ILE B 927 -9.96 -1.97 17.18
N THR B 928 -9.07 -2.29 18.13
CA THR B 928 -9.43 -3.17 19.24
C THR B 928 -10.56 -2.57 20.06
N LYS B 929 -10.45 -1.28 20.40
CA LYS B 929 -11.50 -0.61 21.14
C LYS B 929 -12.83 -0.64 20.39
N HIS B 930 -12.79 -0.58 19.06
CA HIS B 930 -14.03 -0.59 18.29
C HIS B 930 -14.72 -1.95 18.37
N VAL B 931 -13.97 -3.04 18.31
CA VAL B 931 -14.56 -4.36 18.49
C VAL B 931 -15.20 -4.47 19.86
N ALA B 932 -14.49 -4.01 20.90
CA ALA B 932 -15.04 -4.01 22.24
C ALA B 932 -16.32 -3.18 22.33
N GLN B 933 -16.30 -1.97 21.77
CA GLN B 933 -17.50 -1.14 21.76
C GLN B 933 -18.64 -1.82 21.03
N ILE B 934 -18.35 -2.52 19.93
CA ILE B 934 -19.39 -3.24 19.20
C ILE B 934 -20.00 -4.33 20.07
N LEU B 935 -19.14 -5.14 20.69
CA LEU B 935 -19.65 -6.22 21.54
C LEU B 935 -20.35 -5.67 22.79
N ASP B 936 -19.76 -4.65 23.42
CA ASP B 936 -20.34 -4.11 24.64
C ASP B 936 -21.73 -3.52 24.38
N SER B 937 -21.90 -2.81 23.26
CA SER B 937 -23.19 -2.22 22.95
C SER B 937 -24.22 -3.24 22.49
N ARG B 938 -23.79 -4.39 21.96
CA ARG B 938 -24.71 -5.45 21.62
C ARG B 938 -25.19 -6.22 22.85
N MET B 939 -24.32 -6.37 23.85
CA MET B 939 -24.67 -7.15 25.04
C MET B 939 -25.44 -6.32 26.06
N ASN B 940 -24.95 -5.13 26.39
CA ASN B 940 -25.50 -4.30 27.46
C ASN B 940 -26.45 -3.26 26.84
N THR B 941 -27.75 -3.48 27.02
CA THR B 941 -28.78 -2.68 26.36
C THR B 941 -29.74 -1.98 27.32
N LYS B 942 -29.72 -2.31 28.60
CA LYS B 942 -30.67 -1.78 29.57
C LYS B 942 -30.01 -0.74 30.47
N TYR B 943 -30.81 0.22 30.90
CA TYR B 943 -30.36 1.33 31.74
C TYR B 943 -31.01 1.25 33.12
N ASP B 944 -30.34 1.85 34.11
CA ASP B 944 -30.76 1.72 35.49
C ASP B 944 -31.54 2.97 35.93
N GLU B 945 -31.80 3.06 37.23
CA GLU B 945 -32.62 4.15 37.76
C GLU B 945 -32.01 5.51 37.49
N ASN B 946 -30.69 5.58 37.33
CA ASN B 946 -30.01 6.83 37.02
C ASN B 946 -29.79 7.02 35.51
N ASP B 947 -30.49 6.25 34.68
CA ASP B 947 -30.35 6.31 33.23
C ASP B 947 -28.89 6.11 32.80
N LYS B 948 -28.17 5.28 33.53
CA LYS B 948 -26.81 4.89 33.18
C LYS B 948 -26.80 3.42 32.80
N LEU B 949 -25.90 3.06 31.89
CA LEU B 949 -25.90 1.73 31.29
C LEU B 949 -25.60 0.66 32.34
N ILE B 950 -26.29 -0.47 32.21
CA ILE B 950 -26.09 -1.63 33.08
C ILE B 950 -25.18 -2.60 32.34
N ARG B 951 -23.96 -2.77 32.86
CA ARG B 951 -22.93 -3.57 32.19
C ARG B 951 -23.02 -5.00 32.70
N GLU B 952 -24.04 -5.72 32.20
CA GLU B 952 -24.18 -7.14 32.54
C GLU B 952 -22.97 -7.92 32.06
N VAL B 953 -22.48 -7.60 30.87
CA VAL B 953 -21.37 -8.31 30.24
C VAL B 953 -20.16 -7.38 30.25
N LYS B 954 -19.04 -7.89 30.73
CA LYS B 954 -17.80 -7.14 30.75
C LYS B 954 -16.93 -7.58 29.58
N VAL B 955 -16.64 -6.65 28.68
CA VAL B 955 -15.81 -6.92 27.52
C VAL B 955 -14.38 -6.60 27.91
N ILE B 956 -13.55 -7.64 28.04
CA ILE B 956 -12.14 -7.49 28.40
C ILE B 956 -11.30 -7.63 27.14
N THR B 957 -10.28 -6.79 27.00
CA THR B 957 -9.33 -6.89 25.90
C THR B 957 -7.94 -7.09 26.47
N LEU B 958 -7.27 -8.15 26.01
CA LEU B 958 -5.92 -8.46 26.43
C LEU B 958 -4.98 -8.38 25.23
N LYS B 959 -3.70 -8.20 25.54
CA LYS B 959 -2.66 -8.32 24.52
C LYS B 959 -2.12 -9.74 24.48
N SER B 960 -1.56 -10.11 23.32
CA SER B 960 -1.11 -11.47 23.09
C SER B 960 0.01 -11.90 24.03
N LYS B 961 0.79 -10.96 24.56
CA LYS B 961 1.91 -11.31 25.42
C LYS B 961 1.44 -11.99 26.71
N LEU B 962 0.30 -11.58 27.24
CA LEU B 962 -0.21 -12.14 28.49
C LEU B 962 -0.35 -13.65 28.41
N VAL B 963 -1.11 -14.13 27.42
CA VAL B 963 -1.33 -15.56 27.29
C VAL B 963 -0.08 -16.26 26.79
N SER B 964 0.70 -15.60 25.94
CA SER B 964 1.95 -16.19 25.46
C SER B 964 2.92 -16.43 26.61
N ASP B 965 3.06 -15.46 27.51
CA ASP B 965 3.90 -15.68 28.68
C ASP B 965 3.30 -16.75 29.58
N PHE B 966 1.97 -16.76 29.71
CA PHE B 966 1.30 -17.81 30.46
C PHE B 966 1.67 -19.19 29.92
N ARG B 967 1.67 -19.35 28.59
CA ARG B 967 1.99 -20.64 27.99
C ARG B 967 3.45 -21.03 28.28
N LYS B 968 4.38 -20.10 28.09
CA LYS B 968 5.79 -20.39 28.34
C LYS B 968 6.11 -20.55 29.82
N ASP B 969 5.27 -20.02 30.70
CA ASP B 969 5.53 -20.10 32.14
C ASP B 969 4.99 -21.37 32.78
N PHE B 970 3.92 -21.94 32.23
CA PHE B 970 3.33 -23.14 32.80
C PHE B 970 3.36 -24.31 31.83
N GLN B 971 4.18 -24.22 30.79
CA GLN B 971 4.46 -25.32 29.86
C GLN B 971 3.20 -25.77 29.13
N PHE B 972 2.32 -24.82 28.81
CA PHE B 972 1.23 -25.04 27.86
C PHE B 972 1.62 -24.52 26.47
N TYR B 973 2.66 -25.13 25.90
CA TYR B 973 3.25 -24.61 24.68
C TYR B 973 2.31 -24.77 23.48
N LYS B 974 2.59 -23.98 22.44
CA LYS B 974 1.89 -24.07 21.16
C LYS B 974 2.89 -24.36 20.05
N VAL B 975 2.47 -25.18 19.09
CA VAL B 975 3.21 -25.43 17.86
C VAL B 975 2.21 -25.25 16.73
N ARG B 976 2.29 -24.10 16.05
CA ARG B 976 1.30 -23.73 15.04
C ARG B 976 1.21 -24.76 13.91
N GLU B 977 2.34 -25.38 13.55
CA GLU B 977 2.39 -26.24 12.38
C GLU B 977 1.67 -27.57 12.56
N ILE B 978 1.37 -27.97 13.80
CA ILE B 978 0.80 -29.30 14.04
C ILE B 978 -0.64 -29.35 13.52
N ASN B 979 -1.47 -28.40 13.91
CA ASN B 979 -2.85 -28.32 13.45
C ASN B 979 -3.37 -26.91 13.72
N ASN B 980 -4.66 -26.69 13.50
CA ASN B 980 -5.29 -25.39 13.72
C ASN B 980 -5.87 -25.25 15.14
N TYR B 981 -5.56 -26.18 16.04
CA TYR B 981 -6.15 -26.14 17.38
C TYR B 981 -5.66 -24.94 18.18
N HIS B 982 -4.43 -24.47 17.92
CA HIS B 982 -3.86 -23.40 18.73
C HIS B 982 -4.70 -22.13 18.68
N HIS B 983 -5.43 -21.91 17.59
CA HIS B 983 -6.36 -20.78 17.55
C HIS B 983 -7.43 -20.92 18.63
N ALA B 984 -8.06 -22.09 18.70
CA ALA B 984 -9.08 -22.33 19.72
C ALA B 984 -8.49 -22.29 21.12
N HIS B 985 -7.29 -22.87 21.30
CA HIS B 985 -6.69 -22.88 22.63
C HIS B 985 -6.34 -21.47 23.10
N ASP B 986 -5.85 -20.62 22.19
CA ASP B 986 -5.56 -19.23 22.55
C ASP B 986 -6.78 -18.54 23.12
N ALA B 987 -7.96 -18.81 22.53
CA ALA B 987 -9.18 -18.17 23.00
C ALA B 987 -9.58 -18.68 24.37
N TYR B 988 -9.49 -20.00 24.58
CA TYR B 988 -9.73 -20.56 25.91
C TYR B 988 -8.85 -19.88 26.95
N LEU B 989 -7.54 -19.88 26.71
CA LEU B 989 -6.61 -19.28 27.65
C LEU B 989 -6.89 -17.80 27.87
N ASN B 990 -7.35 -17.10 26.82
CA ASN B 990 -7.72 -15.70 26.99
C ASN B 990 -8.87 -15.56 27.98
N ALA B 991 -9.91 -16.38 27.82
CA ALA B 991 -11.03 -16.34 28.75
C ALA B 991 -10.58 -16.65 30.17
N VAL B 992 -9.75 -17.68 30.32
CA VAL B 992 -9.28 -18.08 31.65
C VAL B 992 -8.46 -16.96 32.28
N VAL B 993 -7.37 -16.56 31.61
CA VAL B 993 -6.49 -15.52 32.15
C VAL B 993 -7.28 -14.23 32.37
N GLY B 994 -8.13 -13.86 31.41
CA GLY B 994 -8.83 -12.59 31.51
C GLY B 994 -9.81 -12.55 32.67
N THR B 995 -10.60 -13.60 32.83
CA THR B 995 -11.55 -13.64 33.95
C THR B 995 -10.82 -13.69 35.28
N ALA B 996 -9.82 -14.56 35.41
CA ALA B 996 -9.09 -14.68 36.67
C ALA B 996 -8.37 -13.39 37.02
N LEU B 997 -7.84 -12.69 36.01
CA LEU B 997 -7.09 -11.46 36.27
C LEU B 997 -7.99 -10.39 36.87
N ILE B 998 -9.16 -10.14 36.27
CA ILE B 998 -10.07 -9.15 36.82
C ILE B 998 -10.77 -9.66 38.07
N LYS B 999 -10.86 -10.98 38.25
CA LYS B 999 -11.38 -11.50 39.52
C LYS B 999 -10.42 -11.21 40.66
N LYS B 1000 -9.12 -11.37 40.41
CA LYS B 1000 -8.12 -11.15 41.46
C LYS B 1000 -8.00 -9.67 41.81
N TYR B 1001 -7.94 -8.80 40.80
CA TYR B 1001 -7.79 -7.36 40.99
C TYR B 1001 -8.95 -6.64 40.31
N PRO B 1002 -10.08 -6.46 41.01
CA PRO B 1002 -11.20 -5.73 40.41
C PRO B 1002 -10.88 -4.29 40.06
N LYS B 1003 -9.90 -3.67 40.70
CA LYS B 1003 -9.56 -2.29 40.38
C LYS B 1003 -9.03 -2.14 38.97
N LEU B 1004 -8.56 -3.23 38.37
CA LEU B 1004 -8.04 -3.18 37.00
C LEU B 1004 -9.12 -2.87 35.98
N GLU B 1005 -10.40 -3.05 36.33
CA GLU B 1005 -11.48 -2.98 35.37
C GLU B 1005 -11.42 -1.71 34.51
N SER B 1006 -10.94 -0.61 35.09
CA SER B 1006 -10.76 0.62 34.31
C SER B 1006 -9.83 0.39 33.12
N GLU B 1007 -8.78 -0.40 33.32
CA GLU B 1007 -7.76 -0.62 32.31
C GLU B 1007 -8.11 -1.72 31.31
N PHE B 1008 -8.95 -2.69 31.69
CA PHE B 1008 -9.15 -3.87 30.87
C PHE B 1008 -10.59 -4.08 30.41
N VAL B 1009 -11.55 -3.37 30.98
CA VAL B 1009 -12.97 -3.54 30.64
C VAL B 1009 -13.42 -2.32 29.87
N TYR B 1010 -14.07 -2.54 28.73
CA TYR B 1010 -14.64 -1.42 27.99
C TYR B 1010 -15.74 -0.75 28.81
N GLY B 1011 -15.76 0.57 28.76
CA GLY B 1011 -16.77 1.34 29.46
C GLY B 1011 -16.16 2.51 30.20
N ASP B 1012 -17.02 3.46 30.56
CA ASP B 1012 -16.58 4.70 31.21
C ASP B 1012 -17.23 4.84 32.58
N LYS B 1031 6.81 6.88 42.63
CA LYS B 1031 5.56 6.29 42.18
C LYS B 1031 5.73 5.58 40.85
N ALA B 1032 6.62 6.11 40.00
CA ALA B 1032 6.95 5.42 38.76
C ALA B 1032 7.54 4.04 39.05
N THR B 1033 8.41 3.96 40.05
CA THR B 1033 8.94 2.66 40.49
C THR B 1033 7.83 1.72 40.89
N ALA B 1034 6.81 2.24 41.60
CA ALA B 1034 5.72 1.40 42.07
C ALA B 1034 4.99 0.75 40.90
N LYS B 1035 4.52 1.56 39.94
CA LYS B 1035 3.80 1.00 38.80
C LYS B 1035 4.68 0.07 37.98
N TYR B 1036 5.97 0.40 37.86
CA TYR B 1036 6.90 -0.49 37.17
C TYR B 1036 6.93 -1.86 37.85
N PHE B 1037 7.23 -1.88 39.15
CA PHE B 1037 7.14 -3.10 39.94
C PHE B 1037 5.78 -3.77 39.77
N PHE B 1038 4.71 -3.02 40.08
CA PHE B 1038 3.36 -3.55 40.04
C PHE B 1038 3.04 -4.22 38.69
N TYR B 1039 3.20 -3.48 37.60
CA TYR B 1039 2.83 -4.02 36.30
C TYR B 1039 3.78 -5.11 35.82
N SER B 1040 5.05 -5.09 36.27
CA SER B 1040 5.94 -6.20 35.96
C SER B 1040 5.59 -7.45 36.76
N ASN B 1041 4.92 -7.29 37.91
CA ASN B 1041 4.61 -8.40 38.79
C ASN B 1041 3.11 -8.69 38.86
N ILE B 1042 2.34 -8.21 37.88
CA ILE B 1042 0.89 -8.35 37.97
C ILE B 1042 0.47 -9.80 37.82
N MET B 1043 1.23 -10.59 37.05
CA MET B 1043 0.87 -11.97 36.74
C MET B 1043 1.53 -12.98 37.67
N ASN B 1044 2.11 -12.53 38.78
CA ASN B 1044 2.79 -13.44 39.69
C ASN B 1044 1.83 -14.30 40.50
N PHE B 1045 0.58 -13.86 40.66
CA PHE B 1045 -0.35 -14.57 41.54
C PHE B 1045 -0.67 -15.97 41.01
N PHE B 1046 -0.47 -16.23 39.72
CA PHE B 1046 -0.58 -17.59 39.21
C PHE B 1046 0.54 -18.49 39.72
N LYS B 1047 1.71 -17.92 39.98
CA LYS B 1047 2.88 -18.73 40.33
C LYS B 1047 2.86 -19.13 41.79
N THR B 1048 3.53 -20.24 42.09
CA THR B 1048 3.66 -20.73 43.46
C THR B 1048 4.91 -20.18 44.14
N GLU B 1049 6.00 -20.03 43.39
CA GLU B 1049 7.21 -19.37 43.88
C GLU B 1049 7.66 -18.36 42.85
N ILE B 1050 8.30 -17.30 43.32
CA ILE B 1050 8.67 -16.16 42.49
C ILE B 1050 10.15 -15.86 42.68
N THR B 1051 10.84 -15.60 41.57
CA THR B 1051 12.28 -15.32 41.55
C THR B 1051 13.08 -16.48 42.14
N ILE B 1057 13.02 -17.57 45.76
CA ILE B 1057 13.16 -16.47 46.70
C ILE B 1057 11.88 -16.26 47.52
N ARG B 1058 10.80 -15.81 46.86
CA ARG B 1058 9.53 -15.53 47.52
C ARG B 1058 8.49 -16.59 47.15
N LYS B 1059 7.53 -16.81 48.05
CA LYS B 1059 6.52 -17.86 47.89
C LYS B 1059 5.13 -17.32 48.20
N ARG B 1060 4.12 -18.01 47.68
CA ARG B 1060 2.73 -17.59 47.71
C ARG B 1060 1.84 -18.77 48.09
N PRO B 1061 0.61 -18.49 48.55
CA PRO B 1061 -0.30 -19.60 48.93
C PRO B 1061 -0.68 -20.46 47.73
N LEU B 1062 -1.22 -21.64 48.04
CA LEU B 1062 -1.74 -22.50 46.98
C LEU B 1062 -3.03 -21.96 46.40
N ILE B 1063 -3.95 -21.54 47.26
CA ILE B 1063 -5.22 -20.97 46.85
C ILE B 1063 -5.09 -19.45 46.83
N GLU B 1064 -5.44 -18.83 45.71
CA GLU B 1064 -5.41 -17.39 45.55
C GLU B 1064 -6.84 -16.86 45.58
N THR B 1065 -7.04 -15.76 46.29
CA THR B 1065 -8.38 -15.24 46.52
C THR B 1065 -8.38 -13.72 46.34
N ASN B 1066 -9.58 -13.19 46.15
CA ASN B 1066 -9.76 -11.74 46.11
C ASN B 1066 -9.70 -11.18 47.52
N GLY B 1067 -8.98 -10.07 47.70
CA GLY B 1067 -8.77 -9.54 49.04
C GLY B 1067 -10.05 -9.08 49.70
N GLU B 1068 -10.91 -8.38 48.96
CA GLU B 1068 -12.11 -7.82 49.57
C GLU B 1068 -13.22 -8.85 49.70
N THR B 1069 -13.67 -9.41 48.56
CA THR B 1069 -14.79 -10.36 48.61
C THR B 1069 -14.40 -11.64 49.33
N GLY B 1070 -13.12 -12.00 49.32
CA GLY B 1070 -12.69 -13.28 49.85
C GLY B 1070 -12.91 -14.45 48.92
N GLU B 1071 -13.48 -14.21 47.74
CA GLU B 1071 -13.80 -15.29 46.82
C GLU B 1071 -12.54 -15.85 46.18
N ILE B 1072 -12.52 -17.17 45.99
CA ILE B 1072 -11.38 -17.83 45.35
C ILE B 1072 -11.35 -17.49 43.87
N VAL B 1073 -10.17 -17.16 43.37
CA VAL B 1073 -10.00 -16.90 41.94
C VAL B 1073 -9.15 -17.96 41.26
N TRP B 1074 -8.23 -18.62 41.98
CA TRP B 1074 -7.31 -19.56 41.33
C TRP B 1074 -6.75 -20.54 42.36
N ASP B 1075 -6.92 -21.84 42.08
CA ASP B 1075 -6.36 -22.92 42.89
C ASP B 1075 -5.20 -23.53 42.10
N LYS B 1076 -3.98 -23.39 42.63
CA LYS B 1076 -2.77 -23.79 41.91
C LYS B 1076 -2.57 -25.29 41.84
N GLY B 1077 -3.44 -26.08 42.47
CA GLY B 1077 -3.39 -27.52 42.30
C GLY B 1077 -4.42 -28.00 41.29
N ARG B 1078 -5.69 -27.64 41.51
CA ARG B 1078 -6.76 -28.17 40.68
C ARG B 1078 -6.90 -27.42 39.36
N ASP B 1079 -6.74 -26.10 39.37
CA ASP B 1079 -7.12 -25.30 38.20
C ASP B 1079 -6.13 -25.45 37.03
N PHE B 1080 -4.85 -25.68 37.31
CA PHE B 1080 -3.92 -25.96 36.22
C PHE B 1080 -4.24 -27.29 35.54
N ALA B 1081 -4.66 -28.28 36.32
CA ALA B 1081 -5.11 -29.54 35.76
C ALA B 1081 -6.29 -29.32 34.81
N THR B 1082 -7.25 -28.50 35.24
CA THR B 1082 -8.40 -28.16 34.40
C THR B 1082 -7.94 -27.66 33.04
N VAL B 1083 -7.07 -26.64 33.03
CA VAL B 1083 -6.50 -26.12 31.80
C VAL B 1083 -5.84 -27.24 31.00
N ARG B 1084 -5.05 -28.08 31.68
CA ARG B 1084 -4.33 -29.16 31.00
C ARG B 1084 -5.30 -30.16 30.37
N LYS B 1085 -6.44 -30.41 31.03
CA LYS B 1085 -7.46 -31.29 30.44
C LYS B 1085 -8.03 -30.68 29.17
N VAL B 1086 -8.32 -29.38 29.19
CA VAL B 1086 -8.96 -28.73 28.05
C VAL B 1086 -8.06 -28.73 26.83
N LEU B 1087 -6.78 -28.39 27.03
CA LEU B 1087 -5.84 -28.41 25.90
C LEU B 1087 -5.62 -29.81 25.35
N SER B 1088 -5.89 -30.85 26.13
CA SER B 1088 -5.68 -32.22 25.67
C SER B 1088 -6.89 -32.79 24.93
N MET B 1089 -8.04 -32.13 24.99
CA MET B 1089 -9.24 -32.67 24.36
C MET B 1089 -9.05 -32.78 22.86
N PRO B 1090 -9.32 -33.94 22.26
CA PRO B 1090 -9.08 -34.11 20.82
C PRO B 1090 -10.17 -33.50 19.95
N GLN B 1091 -11.40 -33.42 20.44
CA GLN B 1091 -12.52 -32.91 19.66
C GLN B 1091 -12.58 -31.40 19.81
N VAL B 1092 -12.15 -30.68 18.77
CA VAL B 1092 -12.22 -29.23 18.71
C VAL B 1092 -12.83 -28.84 17.37
N ASN B 1093 -13.82 -27.94 17.42
CA ASN B 1093 -14.66 -27.63 16.26
C ASN B 1093 -13.96 -26.64 15.34
N ILE B 1094 -13.10 -27.16 14.47
CA ILE B 1094 -12.43 -26.35 13.45
C ILE B 1094 -13.32 -26.34 12.22
N VAL B 1095 -13.74 -25.15 11.80
CA VAL B 1095 -14.61 -24.98 10.64
C VAL B 1095 -13.93 -24.05 9.65
N LYS B 1096 -13.80 -24.51 8.41
CA LYS B 1096 -13.31 -23.69 7.31
C LYS B 1096 -14.51 -23.08 6.60
N LYS B 1097 -14.65 -21.77 6.68
CA LYS B 1097 -15.76 -21.05 6.06
C LYS B 1097 -15.86 -21.37 4.58
N THR B 1098 -16.98 -21.99 4.19
CA THR B 1098 -17.24 -22.21 2.77
C THR B 1098 -17.57 -20.88 2.12
N GLU B 1099 -16.99 -20.65 0.94
CA GLU B 1099 -17.15 -19.37 0.26
C GLU B 1099 -17.28 -19.57 -1.24
N VAL B 1100 -18.21 -18.83 -1.83
CA VAL B 1100 -18.37 -18.80 -3.28
C VAL B 1100 -17.24 -17.96 -3.85
N GLN B 1101 -16.48 -18.54 -4.78
CA GLN B 1101 -15.33 -17.83 -5.35
C GLN B 1101 -15.80 -16.71 -6.28
N THR B 1102 -15.08 -15.58 -6.23
CA THR B 1102 -15.39 -14.41 -7.04
C THR B 1102 -14.12 -13.86 -7.64
N GLY B 1103 -14.27 -12.87 -8.52
CA GLY B 1103 -13.11 -12.19 -9.07
C GLY B 1103 -12.94 -12.40 -10.57
N GLY B 1104 -11.70 -12.60 -11.01
CA GLY B 1104 -11.44 -12.78 -12.42
C GLY B 1104 -12.08 -14.04 -12.96
N PHE B 1105 -12.44 -13.99 -14.24
CA PHE B 1105 -13.05 -15.14 -14.89
C PHE B 1105 -12.08 -16.31 -14.97
N SER B 1106 -10.82 -16.03 -15.30
CA SER B 1106 -9.82 -17.05 -15.56
C SER B 1106 -8.45 -16.40 -15.47
N LYS B 1107 -7.41 -17.16 -15.82
CA LYS B 1107 -6.11 -16.58 -16.05
C LYS B 1107 -6.22 -15.55 -17.17
N GLU B 1108 -5.50 -14.43 -17.01
CA GLU B 1108 -5.60 -13.34 -17.97
C GLU B 1108 -4.87 -13.62 -19.28
N SER B 1109 -3.90 -14.53 -19.26
CA SER B 1109 -3.03 -14.74 -20.41
C SER B 1109 -3.84 -15.13 -21.65
N ILE B 1110 -3.59 -14.42 -22.74
CA ILE B 1110 -4.19 -14.75 -24.03
C ILE B 1110 -3.29 -15.78 -24.70
N LEU B 1111 -3.80 -16.98 -24.84
CA LEU B 1111 -3.05 -18.11 -25.35
C LEU B 1111 -3.18 -18.22 -26.86
N PRO B 1112 -2.16 -18.76 -27.53
CA PRO B 1112 -2.26 -19.01 -28.96
C PRO B 1112 -3.29 -20.08 -29.28
N LYS B 1113 -3.73 -20.09 -30.54
CA LYS B 1113 -4.72 -21.07 -30.96
C LYS B 1113 -4.22 -22.49 -30.70
N ARG B 1114 -5.17 -23.38 -30.42
CA ARG B 1114 -4.90 -24.74 -29.98
C ARG B 1114 -6.19 -25.53 -30.13
N ASN B 1115 -6.07 -26.81 -30.52
CA ASN B 1115 -7.26 -27.65 -30.61
C ASN B 1115 -7.48 -28.26 -29.23
N SER B 1116 -8.31 -27.58 -28.43
CA SER B 1116 -8.60 -27.99 -27.07
C SER B 1116 -9.89 -27.30 -26.65
N ASP B 1117 -10.84 -28.06 -26.10
CA ASP B 1117 -12.05 -27.43 -25.59
C ASP B 1117 -11.81 -26.64 -24.30
N LYS B 1118 -10.58 -26.62 -23.80
CA LYS B 1118 -10.26 -25.79 -22.65
C LYS B 1118 -10.28 -24.30 -23.01
N LEU B 1119 -9.94 -23.99 -24.25
CA LEU B 1119 -9.83 -22.60 -24.66
C LEU B 1119 -11.20 -21.93 -24.68
N ILE B 1120 -11.25 -20.70 -24.17
CA ILE B 1120 -12.47 -19.92 -24.08
C ILE B 1120 -12.33 -18.68 -24.97
N ALA B 1121 -13.39 -18.37 -25.70
CA ALA B 1121 -13.34 -17.28 -26.69
C ALA B 1121 -13.23 -15.91 -26.01
N ARG B 1122 -12.35 -15.06 -26.56
CA ARG B 1122 -12.18 -13.71 -26.04
C ARG B 1122 -13.23 -12.75 -26.57
N LYS B 1123 -13.90 -13.10 -27.67
CA LYS B 1123 -15.07 -12.39 -28.14
C LYS B 1123 -16.04 -13.44 -28.66
N LYS B 1124 -17.30 -13.05 -28.81
CA LYS B 1124 -18.36 -14.03 -29.09
C LYS B 1124 -18.04 -14.89 -30.32
N ASP B 1125 -17.54 -14.26 -31.39
CA ASP B 1125 -17.34 -14.95 -32.65
C ASP B 1125 -15.90 -15.41 -32.88
N TRP B 1126 -15.01 -15.22 -31.90
CA TRP B 1126 -13.60 -15.56 -32.08
C TRP B 1126 -13.37 -17.00 -31.61
N ASP B 1127 -13.69 -17.94 -32.51
CA ASP B 1127 -13.46 -19.36 -32.27
C ASP B 1127 -12.02 -19.59 -31.82
N PRO B 1128 -11.81 -20.07 -30.58
CA PRO B 1128 -10.43 -20.23 -30.07
C PRO B 1128 -9.56 -21.13 -30.92
N LYS B 1129 -10.14 -22.08 -31.65
CA LYS B 1129 -9.33 -22.91 -32.56
C LYS B 1129 -8.69 -22.05 -33.66
N LYS B 1130 -9.30 -20.93 -34.01
CA LYS B 1130 -8.71 -20.05 -35.00
C LYS B 1130 -7.97 -18.87 -34.39
N TYR B 1131 -8.37 -18.42 -33.19
CA TYR B 1131 -7.89 -17.17 -32.66
C TYR B 1131 -7.24 -17.28 -31.27
N GLY B 1132 -7.19 -18.47 -30.68
CA GLY B 1132 -6.68 -18.51 -29.33
C GLY B 1132 -7.73 -18.01 -28.35
N GLY B 1133 -7.29 -17.80 -27.12
CA GLY B 1133 -8.18 -17.31 -26.07
C GLY B 1133 -7.65 -17.71 -24.70
N PHE B 1134 -8.59 -17.75 -23.76
CA PHE B 1134 -8.28 -18.04 -22.36
C PHE B 1134 -8.42 -19.51 -22.04
N ASP B 1135 -7.79 -19.93 -20.95
CA ASP B 1135 -8.13 -21.17 -20.28
C ASP B 1135 -8.02 -20.95 -18.77
N SER B 1136 -8.15 -22.04 -18.01
CA SER B 1136 -8.10 -22.01 -16.55
C SER B 1136 -9.16 -21.08 -15.96
N PRO B 1137 -10.45 -21.34 -16.17
CA PRO B 1137 -11.48 -20.53 -15.52
C PRO B 1137 -11.53 -20.84 -14.04
N THR B 1138 -12.12 -19.93 -13.28
CA THR B 1138 -12.30 -20.12 -11.84
C THR B 1138 -13.73 -20.55 -11.55
N VAL B 1139 -13.87 -21.65 -10.81
CA VAL B 1139 -15.18 -22.18 -10.45
C VAL B 1139 -15.74 -21.34 -9.31
N ALA B 1140 -16.85 -20.65 -9.56
CA ALA B 1140 -17.52 -19.90 -8.50
C ALA B 1140 -18.05 -20.83 -7.42
N TYR B 1141 -18.71 -21.92 -7.84
CA TYR B 1141 -19.13 -22.99 -6.95
C TYR B 1141 -19.46 -24.20 -7.80
N SER B 1142 -19.45 -25.38 -7.18
CA SER B 1142 -19.86 -26.59 -7.86
C SER B 1142 -21.35 -26.83 -7.64
N VAL B 1143 -21.91 -27.73 -8.44
CA VAL B 1143 -23.32 -28.08 -8.37
C VAL B 1143 -23.46 -29.58 -8.56
N LEU B 1144 -24.18 -30.24 -7.65
CA LEU B 1144 -24.46 -31.66 -7.79
C LEU B 1144 -25.63 -31.86 -8.73
N VAL B 1145 -25.39 -32.52 -9.85
CA VAL B 1145 -26.43 -32.77 -10.85
C VAL B 1145 -26.78 -34.25 -10.84
N VAL B 1146 -28.07 -34.54 -10.74
CA VAL B 1146 -28.60 -35.89 -10.92
C VAL B 1146 -29.56 -35.81 -12.10
N ALA B 1147 -29.19 -36.44 -13.20
CA ALA B 1147 -29.92 -36.34 -14.47
C ALA B 1147 -29.44 -37.46 -15.37
N LYS B 1148 -29.79 -37.38 -16.65
CA LYS B 1148 -29.37 -38.35 -17.65
C LYS B 1148 -28.62 -37.63 -18.77
N VAL B 1149 -27.65 -38.33 -19.36
CA VAL B 1149 -26.87 -37.81 -20.46
C VAL B 1149 -26.93 -38.78 -21.63
N GLU B 1150 -27.04 -38.25 -22.84
CA GLU B 1150 -26.98 -39.08 -24.04
C GLU B 1150 -25.65 -39.82 -24.09
N LYS B 1151 -25.69 -41.05 -24.61
CA LYS B 1151 -24.53 -41.94 -24.59
C LYS B 1151 -24.33 -42.52 -25.97
N GLY B 1152 -23.10 -42.40 -26.50
CA GLY B 1152 -22.74 -42.99 -27.77
C GLY B 1152 -23.32 -42.24 -28.96
N LYS B 1153 -23.13 -42.85 -30.15
CA LYS B 1153 -23.78 -42.32 -31.35
C LYS B 1153 -25.28 -42.54 -31.30
N SER B 1154 -25.72 -43.59 -30.60
CA SER B 1154 -27.14 -43.87 -30.47
C SER B 1154 -27.87 -42.81 -29.65
N LYS B 1155 -27.15 -42.14 -28.74
CA LYS B 1155 -27.71 -41.12 -27.86
C LYS B 1155 -28.70 -41.71 -26.86
N LYS B 1156 -28.38 -42.89 -26.34
CA LYS B 1156 -29.23 -43.52 -25.33
C LYS B 1156 -29.08 -42.82 -23.99
N LEU B 1157 -30.20 -42.61 -23.31
CA LEU B 1157 -30.19 -41.88 -22.06
C LEU B 1157 -29.63 -42.75 -20.94
N LYS B 1158 -28.65 -42.21 -20.21
CA LYS B 1158 -27.94 -42.93 -19.17
C LYS B 1158 -27.96 -42.09 -17.90
N SER B 1159 -28.48 -42.66 -16.81
CA SER B 1159 -28.59 -41.92 -15.55
C SER B 1159 -27.22 -41.72 -14.92
N VAL B 1160 -26.96 -40.50 -14.44
CA VAL B 1160 -25.66 -40.17 -13.87
C VAL B 1160 -25.84 -39.25 -12.65
N LYS B 1161 -24.78 -39.17 -11.86
CA LYS B 1161 -24.66 -38.26 -10.72
C LYS B 1161 -23.24 -37.72 -10.74
N GLU B 1162 -23.09 -36.40 -10.87
CA GLU B 1162 -21.75 -35.86 -11.04
C GLU B 1162 -21.69 -34.42 -10.56
N LEU B 1163 -20.47 -33.88 -10.52
CA LEU B 1163 -20.18 -32.54 -10.04
C LEU B 1163 -19.88 -31.64 -11.23
N LEU B 1164 -20.64 -30.56 -11.36
CA LEU B 1164 -20.42 -29.58 -12.42
C LEU B 1164 -19.94 -28.27 -11.81
N GLY B 1165 -18.71 -27.87 -12.17
CA GLY B 1165 -18.22 -26.58 -11.73
C GLY B 1165 -18.88 -25.48 -12.52
N ILE B 1166 -19.61 -24.61 -11.84
CA ILE B 1166 -20.13 -23.40 -12.47
C ILE B 1166 -19.04 -22.32 -12.36
N THR B 1167 -18.50 -21.91 -13.50
CA THR B 1167 -17.46 -20.90 -13.49
C THR B 1167 -18.05 -19.55 -13.07
N ILE B 1168 -17.16 -18.64 -12.67
CA ILE B 1168 -17.57 -17.29 -12.32
C ILE B 1168 -18.30 -16.64 -13.49
N MET B 1169 -17.80 -16.85 -14.71
CA MET B 1169 -18.43 -16.24 -15.88
C MET B 1169 -19.79 -16.86 -16.17
N GLU B 1170 -19.93 -18.17 -15.95
CA GLU B 1170 -21.20 -18.85 -16.18
C GLU B 1170 -22.22 -18.61 -15.08
N ARG B 1171 -21.84 -17.97 -13.97
CA ARG B 1171 -22.67 -17.99 -12.77
C ARG B 1171 -24.02 -17.29 -12.99
N SER B 1172 -24.00 -16.08 -13.54
CA SER B 1172 -25.26 -15.35 -13.75
C SER B 1172 -26.16 -16.10 -14.71
N SER B 1173 -25.58 -16.70 -15.75
CA SER B 1173 -26.38 -17.45 -16.71
C SER B 1173 -27.04 -18.66 -16.06
N PHE B 1174 -26.30 -19.37 -15.22
CA PHE B 1174 -26.85 -20.57 -14.59
C PHE B 1174 -27.93 -20.23 -13.57
N GLU B 1175 -27.75 -19.13 -12.82
CA GLU B 1175 -28.73 -18.81 -11.78
C GLU B 1175 -30.01 -18.26 -12.37
N LYS B 1176 -29.94 -17.57 -13.51
CA LYS B 1176 -31.14 -17.02 -14.12
C LYS B 1176 -32.11 -18.13 -14.53
N ASN B 1177 -31.59 -19.25 -15.02
CA ASN B 1177 -32.41 -20.42 -15.29
C ASN B 1177 -31.53 -21.67 -15.22
N PRO B 1178 -31.47 -22.30 -14.04
CA PRO B 1178 -30.57 -23.46 -13.88
C PRO B 1178 -30.89 -24.62 -14.80
N ILE B 1179 -32.17 -24.91 -15.01
CA ILE B 1179 -32.55 -26.07 -15.83
C ILE B 1179 -32.12 -25.86 -17.28
N ASP B 1180 -32.38 -24.67 -17.83
CA ASP B 1180 -31.97 -24.41 -19.21
C ASP B 1180 -30.45 -24.44 -19.34
N PHE B 1181 -29.74 -23.86 -18.38
CA PHE B 1181 -28.28 -23.89 -18.39
C PHE B 1181 -27.77 -25.32 -18.43
N LEU B 1182 -28.33 -26.18 -17.59
CA LEU B 1182 -27.83 -27.55 -17.48
C LEU B 1182 -28.19 -28.37 -18.72
N GLU B 1183 -29.40 -28.18 -19.26
CA GLU B 1183 -29.76 -28.87 -20.48
C GLU B 1183 -28.88 -28.44 -21.65
N ALA B 1184 -28.47 -27.16 -21.67
CA ALA B 1184 -27.53 -26.72 -22.70
C ALA B 1184 -26.19 -27.43 -22.57
N LYS B 1185 -25.81 -27.81 -21.34
CA LYS B 1185 -24.56 -28.52 -21.13
C LYS B 1185 -24.64 -30.00 -21.48
N GLY B 1186 -25.84 -30.54 -21.61
CA GLY B 1186 -26.00 -31.92 -22.03
C GLY B 1186 -26.92 -32.76 -21.17
N TYR B 1187 -27.16 -32.30 -19.94
CA TYR B 1187 -27.98 -33.08 -19.01
C TYR B 1187 -29.45 -33.03 -19.39
N LYS B 1188 -30.14 -34.15 -19.20
CA LYS B 1188 -31.56 -34.28 -19.51
C LYS B 1188 -32.28 -34.86 -18.30
N GLU B 1189 -33.56 -34.49 -18.16
CA GLU B 1189 -34.38 -34.89 -17.02
C GLU B 1189 -33.66 -34.62 -15.71
N VAL B 1190 -33.25 -33.35 -15.53
CA VAL B 1190 -32.50 -32.97 -14.34
C VAL B 1190 -33.44 -32.95 -13.15
N LYS B 1191 -33.09 -33.72 -12.11
CA LYS B 1191 -33.86 -33.69 -10.87
C LYS B 1191 -33.65 -32.34 -10.19
N LYS B 1192 -34.56 -31.40 -10.48
CA LYS B 1192 -34.35 -30.00 -10.09
C LYS B 1192 -34.22 -29.84 -8.58
N ASP B 1193 -34.96 -30.64 -7.81
CA ASP B 1193 -34.93 -30.50 -6.36
C ASP B 1193 -33.69 -31.13 -5.72
N LEU B 1194 -32.95 -31.96 -6.46
CA LEU B 1194 -31.74 -32.57 -5.95
C LEU B 1194 -30.49 -31.79 -6.34
N ILE B 1195 -30.63 -30.58 -6.85
CA ILE B 1195 -29.49 -29.74 -7.18
C ILE B 1195 -28.94 -29.15 -5.88
N ILE B 1196 -27.68 -29.45 -5.58
CA ILE B 1196 -27.02 -28.99 -4.37
C ILE B 1196 -25.94 -27.99 -4.74
N LYS B 1197 -25.98 -26.82 -4.11
CA LYS B 1197 -24.97 -25.79 -4.30
C LYS B 1197 -23.79 -26.08 -3.38
N LEU B 1198 -22.59 -26.20 -3.95
CA LEU B 1198 -21.42 -26.67 -3.23
C LEU B 1198 -20.26 -25.70 -3.38
N PRO B 1199 -20.16 -24.71 -2.50
CA PRO B 1199 -19.06 -23.75 -2.58
C PRO B 1199 -17.73 -24.42 -2.25
N LYS B 1200 -16.66 -23.65 -2.44
CA LYS B 1200 -15.33 -24.14 -2.10
C LYS B 1200 -15.24 -24.42 -0.60
N TYR B 1201 -14.53 -25.49 -0.26
CA TYR B 1201 -14.32 -25.98 1.11
C TYR B 1201 -15.56 -26.70 1.66
N SER B 1202 -16.46 -27.14 0.79
CA SER B 1202 -17.59 -27.96 1.22
C SER B 1202 -17.08 -29.27 1.82
N LEU B 1203 -17.71 -29.70 2.91
CA LEU B 1203 -17.16 -30.73 3.78
C LEU B 1203 -17.89 -32.05 3.57
N PHE B 1204 -17.11 -33.11 3.34
CA PHE B 1204 -17.63 -34.46 3.13
C PHE B 1204 -16.92 -35.43 4.05
N GLU B 1205 -17.68 -36.35 4.65
CA GLU B 1205 -17.12 -37.44 5.44
C GLU B 1205 -17.33 -38.76 4.70
N LEU B 1206 -16.26 -39.56 4.63
CA LEU B 1206 -16.32 -40.87 4.01
C LEU B 1206 -16.16 -41.96 5.07
N GLU B 1207 -15.33 -42.96 4.79
CA GLU B 1207 -15.17 -44.06 5.74
C GLU B 1207 -14.07 -43.75 6.74
N ASN B 1208 -14.15 -44.42 7.89
CA ASN B 1208 -13.15 -44.35 8.95
C ASN B 1208 -12.88 -42.92 9.41
N GLY B 1209 -13.89 -42.06 9.35
CA GLY B 1209 -13.71 -40.67 9.75
C GLY B 1209 -12.93 -39.83 8.78
N ARG B 1210 -12.61 -40.35 7.60
CA ARG B 1210 -11.88 -39.59 6.60
C ARG B 1210 -12.76 -38.47 6.05
N LYS B 1211 -12.23 -37.25 6.04
CA LYS B 1211 -12.97 -36.09 5.58
C LYS B 1211 -12.24 -35.40 4.44
N ARG B 1212 -13.00 -34.89 3.48
CA ARG B 1212 -12.50 -34.18 2.32
C ARG B 1212 -13.17 -32.82 2.21
N MET B 1213 -12.45 -31.85 1.69
CA MET B 1213 -13.03 -30.56 1.35
C MET B 1213 -12.97 -30.34 -0.16
N LEU B 1214 -14.00 -29.70 -0.69
CA LEU B 1214 -14.12 -29.45 -2.12
C LEU B 1214 -13.16 -28.31 -2.49
N ALA B 1215 -12.05 -28.65 -3.16
CA ALA B 1215 -11.14 -27.62 -3.66
C ALA B 1215 -11.67 -26.98 -4.92
N SER B 1216 -12.47 -27.71 -5.69
CA SER B 1216 -12.96 -27.30 -7.01
C SER B 1216 -14.01 -28.34 -7.41
N ALA B 1217 -14.41 -28.34 -8.68
CA ALA B 1217 -15.29 -29.39 -9.17
C ALA B 1217 -14.55 -30.69 -9.40
N GLY B 1218 -13.23 -30.64 -9.57
CA GLY B 1218 -12.45 -31.83 -9.88
C GLY B 1218 -11.21 -32.02 -9.03
N GLU B 1219 -11.13 -31.34 -7.89
CA GLU B 1219 -10.03 -31.59 -6.96
C GLU B 1219 -10.55 -31.44 -5.53
N LEU B 1220 -9.90 -32.12 -4.60
CA LEU B 1220 -10.28 -32.17 -3.20
C LEU B 1220 -9.12 -31.74 -2.32
N GLN B 1221 -9.45 -31.25 -1.12
CA GLN B 1221 -8.47 -30.87 -0.11
C GLN B 1221 -8.61 -31.78 1.10
N LYS B 1222 -7.53 -31.89 1.87
CA LYS B 1222 -7.57 -32.64 3.11
C LYS B 1222 -8.56 -32.02 4.07
N GLY B 1223 -9.36 -32.86 4.75
CA GLY B 1223 -10.42 -32.36 5.58
C GLY B 1223 -10.39 -32.78 7.04
N ASN B 1224 -9.27 -33.34 7.49
CA ASN B 1224 -9.13 -33.80 8.86
C ASN B 1224 -8.06 -33.00 9.59
N GLU B 1225 -8.17 -32.96 10.91
CA GLU B 1225 -7.14 -32.40 11.77
C GLU B 1225 -6.47 -33.54 12.55
N LEU B 1226 -5.15 -33.46 12.68
CA LEU B 1226 -4.39 -34.45 13.44
C LEU B 1226 -4.28 -33.96 14.88
N ALA B 1227 -5.05 -34.61 15.78
CA ALA B 1227 -5.09 -34.21 17.18
C ALA B 1227 -3.94 -34.90 17.91
N LEU B 1228 -2.75 -34.35 17.75
CA LEU B 1228 -1.58 -34.90 18.41
C LEU B 1228 -1.68 -34.69 19.91
N PRO B 1229 -1.42 -35.71 20.73
CA PRO B 1229 -1.54 -35.55 22.18
C PRO B 1229 -0.61 -34.48 22.74
N SER B 1230 -0.97 -33.96 23.91
CA SER B 1230 -0.28 -32.80 24.48
C SER B 1230 1.17 -33.11 24.84
N LYS B 1231 1.43 -34.33 25.35
CA LYS B 1231 2.80 -34.67 25.74
C LYS B 1231 3.76 -34.59 24.56
N TYR B 1232 3.30 -35.02 23.38
CA TYR B 1232 4.13 -34.91 22.19
C TYR B 1232 4.30 -33.46 21.75
N VAL B 1233 3.24 -32.66 21.84
CA VAL B 1233 3.29 -31.27 21.42
C VAL B 1233 4.30 -30.51 22.27
N ASN B 1234 4.24 -30.68 23.59
CA ASN B 1234 5.18 -30.00 24.48
C ASN B 1234 6.59 -30.52 24.29
N PHE B 1235 6.74 -31.83 24.01
CA PHE B 1235 8.06 -32.37 23.72
C PHE B 1235 8.64 -31.76 22.45
N LEU B 1236 7.83 -31.68 21.39
CA LEU B 1236 8.29 -31.09 20.14
C LEU B 1236 8.71 -29.64 20.34
N TYR B 1237 7.90 -28.86 21.06
CA TYR B 1237 8.25 -27.48 21.36
C TYR B 1237 9.60 -27.41 22.06
N LEU B 1238 9.77 -28.18 23.13
CA LEU B 1238 11.02 -28.12 23.90
C LEU B 1238 12.20 -28.68 23.12
N ALA B 1239 12.01 -29.83 22.46
CA ALA B 1239 13.11 -30.45 21.74
C ALA B 1239 13.59 -29.57 20.59
N SER B 1240 12.66 -28.92 19.89
CA SER B 1240 13.00 -28.12 18.72
C SER B 1240 13.56 -26.74 19.07
N HIS B 1241 13.63 -26.39 20.35
CA HIS B 1241 14.00 -25.03 20.77
C HIS B 1241 13.14 -24.00 20.05
N TYR B 1242 11.82 -24.14 20.23
CA TYR B 1242 10.86 -23.31 19.51
C TYR B 1242 11.05 -21.83 19.85
N GLU B 1243 11.18 -21.52 21.14
CA GLU B 1243 11.45 -20.16 21.59
C GLU B 1243 12.34 -20.16 22.82
N LYS B 1246 13.08 -17.35 28.51
CA LYS B 1246 14.01 -18.45 28.25
C LYS B 1246 14.10 -19.38 29.47
N GLY B 1247 14.12 -18.80 30.67
CA GLY B 1247 14.18 -19.57 31.89
C GLY B 1247 15.56 -19.53 32.53
N SER B 1248 15.62 -20.12 33.71
CA SER B 1248 16.84 -20.20 34.49
C SER B 1248 17.66 -21.41 34.05
N PRO B 1249 18.94 -21.51 34.48
CA PRO B 1249 19.73 -22.68 34.06
C PRO B 1249 19.22 -23.97 34.66
N GLU B 1250 18.82 -23.95 35.93
CA GLU B 1250 18.22 -25.12 36.55
C GLU B 1250 16.98 -25.56 35.79
N ASP B 1251 16.25 -24.62 35.20
CA ASP B 1251 15.10 -24.96 34.39
C ASP B 1251 15.50 -25.46 33.01
N ASN B 1252 16.45 -24.75 32.36
CA ASN B 1252 16.91 -25.15 31.04
C ASN B 1252 17.45 -26.58 31.05
N GLU B 1253 18.18 -26.94 32.10
CA GLU B 1253 18.74 -28.29 32.17
C GLU B 1253 17.66 -29.32 32.47
N GLN B 1254 16.68 -28.94 33.30
CA GLN B 1254 15.55 -29.82 33.56
C GLN B 1254 14.77 -30.11 32.28
N LYS B 1255 14.55 -29.09 31.46
CA LYS B 1255 13.85 -29.30 30.19
C LYS B 1255 14.69 -30.14 29.23
N GLN B 1256 16.01 -29.86 29.19
CA GLN B 1256 16.90 -30.68 28.36
C GLN B 1256 16.94 -32.12 28.83
N LEU B 1257 16.91 -32.33 30.16
CA LEU B 1257 16.90 -33.69 30.69
C LEU B 1257 15.59 -34.40 30.35
N PHE B 1258 14.48 -33.67 30.38
CA PHE B 1258 13.20 -34.27 29.99
C PHE B 1258 13.20 -34.64 28.51
N VAL B 1259 13.78 -33.79 27.67
CA VAL B 1259 13.87 -34.10 26.24
C VAL B 1259 14.63 -35.40 26.02
N GLU B 1260 15.76 -35.57 26.71
CA GLU B 1260 16.58 -36.75 26.51
C GLU B 1260 15.98 -37.98 27.21
N GLN B 1261 15.21 -37.78 28.28
CA GLN B 1261 14.53 -38.89 28.94
C GLN B 1261 13.35 -39.43 28.13
N HIS B 1262 12.78 -38.61 27.25
CA HIS B 1262 11.63 -39.01 26.44
C HIS B 1262 11.97 -39.06 24.96
N LYS B 1263 13.22 -39.40 24.62
CA LYS B 1263 13.63 -39.44 23.23
C LYS B 1263 12.80 -40.46 22.43
N HIS B 1264 12.26 -41.47 23.09
CA HIS B 1264 11.41 -42.44 22.38
C HIS B 1264 10.17 -41.78 21.79
N TYR B 1265 9.79 -40.59 22.29
CA TYR B 1265 8.65 -39.87 21.73
C TYR B 1265 8.81 -39.62 20.24
N LEU B 1266 10.05 -39.46 19.76
CA LEU B 1266 10.30 -39.25 18.33
C LEU B 1266 9.63 -40.35 17.50
N ASP B 1267 9.95 -41.61 17.80
CA ASP B 1267 9.30 -42.71 17.10
C ASP B 1267 7.80 -42.70 17.30
N GLU B 1268 7.36 -42.47 18.54
CA GLU B 1268 5.92 -42.43 18.81
C GLU B 1268 5.22 -41.37 17.97
N ILE B 1269 5.84 -40.20 17.82
CA ILE B 1269 5.24 -39.14 17.01
C ILE B 1269 5.10 -39.58 15.56
N ILE B 1270 6.18 -40.13 14.99
CA ILE B 1270 6.13 -40.70 13.64
C ILE B 1270 4.99 -41.70 13.53
N GLU B 1271 4.85 -42.55 14.55
CA GLU B 1271 3.82 -43.57 14.53
C GLU B 1271 2.43 -42.95 14.47
N GLN B 1272 2.20 -41.90 15.26
CA GLN B 1272 0.91 -41.20 15.20
C GLN B 1272 0.66 -40.62 13.82
N ILE B 1273 1.68 -39.95 13.26
CA ILE B 1273 1.57 -39.41 11.90
C ILE B 1273 1.20 -40.51 10.92
N SER B 1274 1.96 -41.61 10.94
CA SER B 1274 1.74 -42.69 9.98
C SER B 1274 0.38 -43.35 10.20
N GLU B 1275 0.00 -43.56 11.45
CA GLU B 1275 -1.33 -44.09 11.75
C GLU B 1275 -2.43 -43.23 11.17
N PHE B 1276 -2.25 -41.91 11.24
CA PHE B 1276 -3.21 -40.94 10.73
C PHE B 1276 -3.17 -40.87 9.21
N SER B 1277 -1.96 -40.84 8.64
CA SER B 1277 -1.83 -40.77 7.19
C SER B 1277 -2.46 -41.96 6.50
N LYS B 1278 -2.26 -43.16 7.05
CA LYS B 1278 -2.91 -44.35 6.52
C LYS B 1278 -4.41 -44.33 6.72
N ARG B 1279 -4.92 -43.52 7.64
CA ARG B 1279 -6.35 -43.49 7.90
C ARG B 1279 -7.08 -42.44 7.07
N VAL B 1280 -6.46 -41.28 6.84
CA VAL B 1280 -7.17 -40.18 6.16
C VAL B 1280 -6.36 -39.58 5.02
N ILE B 1281 -5.03 -39.55 5.13
CA ILE B 1281 -4.22 -38.87 4.12
C ILE B 1281 -4.22 -39.65 2.81
N LEU B 1282 -3.81 -40.92 2.86
CA LEU B 1282 -3.84 -41.83 1.71
C LEU B 1282 -2.87 -41.39 0.62
N ALA B 1283 -1.60 -41.21 1.00
CA ALA B 1283 -0.50 -40.97 0.07
C ALA B 1283 0.56 -42.03 0.35
N ASP B 1284 0.40 -43.21 -0.27
CA ASP B 1284 1.33 -44.31 -0.01
C ASP B 1284 2.76 -43.94 -0.39
N ALA B 1285 2.94 -43.37 -1.58
CA ALA B 1285 4.26 -42.97 -2.02
C ALA B 1285 4.91 -42.00 -1.04
N ASN B 1286 4.21 -40.91 -0.71
CA ASN B 1286 4.80 -39.88 0.15
C ASN B 1286 5.06 -40.40 1.55
N LEU B 1287 4.12 -41.19 2.11
CA LEU B 1287 4.33 -41.71 3.46
C LEU B 1287 5.55 -42.62 3.51
N ASP B 1288 5.72 -43.49 2.52
CA ASP B 1288 6.90 -44.35 2.49
C ASP B 1288 8.16 -43.53 2.32
N LYS B 1289 8.13 -42.51 1.46
CA LYS B 1289 9.29 -41.65 1.27
C LYS B 1289 9.67 -40.95 2.57
N VAL B 1290 8.68 -40.52 3.35
CA VAL B 1290 8.96 -39.84 4.61
C VAL B 1290 9.56 -40.80 5.63
N LEU B 1291 8.95 -41.99 5.77
CA LEU B 1291 9.46 -42.98 6.72
C LEU B 1291 10.92 -43.30 6.44
N SER B 1292 11.27 -43.49 5.16
CA SER B 1292 12.67 -43.68 4.79
C SER B 1292 13.52 -42.49 5.21
N ALA B 1293 12.99 -41.27 5.04
CA ALA B 1293 13.75 -40.07 5.38
C ALA B 1293 13.97 -39.98 6.89
N TYR B 1294 12.98 -40.38 7.68
CA TYR B 1294 13.16 -40.34 9.13
C TYR B 1294 14.14 -41.41 9.59
N ASN B 1295 14.05 -42.61 9.00
CA ASN B 1295 14.99 -43.67 9.34
C ASN B 1295 16.38 -43.44 8.76
N LYS B 1296 16.53 -42.46 7.86
CA LYS B 1296 17.85 -42.12 7.34
C LYS B 1296 18.59 -41.17 8.28
N HIS B 1297 17.88 -40.22 8.87
CA HIS B 1297 18.49 -39.18 9.71
C HIS B 1297 18.31 -39.46 11.20
N ARG B 1298 18.35 -40.73 11.62
CA ARG B 1298 18.25 -41.03 13.04
C ARG B 1298 19.52 -40.70 13.80
N ASP B 1299 20.67 -40.66 13.13
CA ASP B 1299 21.93 -40.24 13.73
C ASP B 1299 22.06 -38.72 13.82
N LYS B 1300 21.03 -37.98 13.41
CA LYS B 1300 21.05 -36.53 13.49
C LYS B 1300 20.78 -36.07 14.92
N PRO B 1301 21.23 -34.87 15.28
CA PRO B 1301 20.93 -34.32 16.61
C PRO B 1301 19.42 -34.27 16.85
N ILE B 1302 19.05 -34.37 18.13
CA ILE B 1302 17.64 -34.41 18.49
C ILE B 1302 16.95 -33.10 18.14
N ARG B 1303 17.61 -31.97 18.40
CA ARG B 1303 17.02 -30.69 18.05
C ARG B 1303 16.66 -30.62 16.58
N GLU B 1304 17.54 -31.11 15.71
CA GLU B 1304 17.31 -31.00 14.27
C GLU B 1304 16.27 -31.99 13.80
N GLN B 1305 16.26 -33.21 14.36
CA GLN B 1305 15.22 -34.17 14.02
C GLN B 1305 13.84 -33.65 14.40
N ALA B 1306 13.75 -32.94 15.54
CA ALA B 1306 12.46 -32.38 15.96
C ALA B 1306 12.05 -31.22 15.07
N GLU B 1307 12.99 -30.34 14.73
CA GLU B 1307 12.70 -29.24 13.82
C GLU B 1307 12.15 -29.76 12.50
N ASN B 1308 12.68 -30.87 12.01
CA ASN B 1308 12.25 -31.42 10.74
C ASN B 1308 11.01 -32.32 10.87
N ILE B 1309 10.72 -32.83 12.07
CA ILE B 1309 9.43 -33.45 12.29
C ILE B 1309 8.31 -32.41 12.19
N ILE B 1310 8.61 -31.18 12.62
CA ILE B 1310 7.64 -30.09 12.47
C ILE B 1310 7.22 -29.95 11.01
N HIS B 1311 8.17 -30.07 10.08
CA HIS B 1311 7.83 -29.97 8.66
C HIS B 1311 6.91 -31.10 8.22
N LEU B 1312 7.00 -32.27 8.86
CA LEU B 1312 6.22 -33.42 8.43
C LEU B 1312 4.73 -33.19 8.56
N PHE B 1313 4.30 -32.34 9.50
CA PHE B 1313 2.88 -32.08 9.68
C PHE B 1313 2.23 -31.42 8.46
N THR B 1314 3.02 -30.97 7.48
CA THR B 1314 2.45 -30.52 6.23
C THR B 1314 1.70 -31.64 5.52
N LEU B 1315 2.22 -32.87 5.60
CA LEU B 1315 1.54 -34.02 5.03
C LEU B 1315 0.15 -34.20 5.62
N THR B 1316 -0.01 -33.90 6.91
CA THR B 1316 -1.26 -34.11 7.61
C THR B 1316 -2.07 -32.83 7.81
N ASN B 1317 -1.49 -31.67 7.50
CA ASN B 1317 -2.18 -30.40 7.73
C ASN B 1317 -3.48 -30.33 6.94
N LEU B 1318 -4.52 -29.79 7.57
CA LEU B 1318 -5.79 -29.57 6.90
C LEU B 1318 -5.61 -28.60 5.73
N GLY B 1319 -6.36 -28.83 4.66
CA GLY B 1319 -6.36 -27.90 3.54
C GLY B 1319 -5.70 -28.40 2.28
N ALA B 1320 -5.29 -27.48 1.42
CA ALA B 1320 -4.69 -27.85 0.14
C ALA B 1320 -3.34 -28.54 0.37
N PRO B 1321 -3.09 -29.67 -0.29
CA PRO B 1321 -1.78 -30.33 -0.14
C PRO B 1321 -0.66 -29.42 -0.61
N ALA B 1322 0.50 -29.57 0.02
CA ALA B 1322 1.65 -28.75 -0.31
C ALA B 1322 2.92 -29.58 -0.17
N ALA B 1323 3.99 -29.06 -0.76
CA ALA B 1323 5.28 -29.72 -0.64
C ALA B 1323 5.97 -29.32 0.66
N PHE B 1324 6.88 -30.17 1.11
CA PHE B 1324 7.63 -29.93 2.32
C PHE B 1324 8.95 -30.68 2.22
N LYS B 1325 9.93 -30.24 3.02
CA LYS B 1325 11.25 -30.87 3.05
C LYS B 1325 11.50 -31.45 4.43
N TYR B 1326 11.86 -32.73 4.47
CA TYR B 1326 12.42 -33.36 5.66
C TYR B 1326 13.93 -33.40 5.48
N PHE B 1327 14.65 -32.61 6.28
CA PHE B 1327 16.07 -32.35 6.07
C PHE B 1327 16.32 -31.89 4.64
N ASP B 1328 17.07 -32.65 3.85
CA ASP B 1328 17.34 -32.29 2.47
C ASP B 1328 16.47 -33.05 1.47
N THR B 1329 15.66 -33.98 1.93
CA THR B 1329 14.73 -34.70 1.04
C THR B 1329 13.46 -33.88 0.86
N THR B 1330 13.00 -33.78 -0.39
CA THR B 1330 11.82 -32.99 -0.74
C THR B 1330 10.66 -33.93 -1.06
N ILE B 1331 9.51 -33.67 -0.44
CA ILE B 1331 8.30 -34.45 -0.66
C ILE B 1331 7.31 -33.56 -1.40
N ASP B 1332 7.00 -33.93 -2.64
CA ASP B 1332 6.03 -33.19 -3.42
C ASP B 1332 4.61 -33.54 -2.96
N ARG B 1333 3.71 -32.58 -3.15
CA ARG B 1333 2.32 -32.76 -2.73
C ARG B 1333 1.64 -33.85 -3.54
N LYS B 1334 0.99 -34.78 -2.84
CA LYS B 1334 0.06 -35.70 -3.47
C LYS B 1334 -1.31 -35.03 -3.48
N ARG B 1335 -1.89 -34.90 -4.67
CA ARG B 1335 -3.15 -34.19 -4.83
C ARG B 1335 -4.30 -35.15 -5.05
N TYR B 1336 -5.50 -34.65 -4.80
CA TYR B 1336 -6.73 -35.44 -4.91
C TYR B 1336 -7.47 -34.98 -6.16
N THR B 1337 -7.07 -35.53 -7.31
CA THR B 1337 -7.45 -35.01 -8.61
C THR B 1337 -8.81 -35.49 -9.09
N SER B 1338 -9.62 -36.11 -8.22
CA SER B 1338 -10.94 -36.60 -8.60
C SER B 1338 -11.90 -36.44 -7.43
N THR B 1339 -13.11 -35.97 -7.74
CA THR B 1339 -14.15 -35.77 -6.74
C THR B 1339 -15.23 -36.84 -6.78
N LYS B 1340 -15.01 -37.93 -7.54
CA LYS B 1340 -16.03 -38.95 -7.73
C LYS B 1340 -16.54 -39.51 -6.41
N GLU B 1341 -15.65 -39.66 -5.43
CA GLU B 1341 -16.02 -40.41 -4.23
C GLU B 1341 -16.99 -39.64 -3.34
N VAL B 1342 -16.92 -38.31 -3.32
CA VAL B 1342 -17.82 -37.54 -2.46
C VAL B 1342 -19.26 -37.64 -2.92
N LEU B 1343 -19.48 -38.00 -4.19
CA LEU B 1343 -20.83 -38.16 -4.71
C LEU B 1343 -21.62 -39.25 -4.01
N ASP B 1344 -20.96 -40.14 -3.27
CA ASP B 1344 -21.63 -41.16 -2.48
C ASP B 1344 -21.31 -41.06 -1.00
N ALA B 1345 -20.63 -40.00 -0.58
CA ALA B 1345 -20.22 -39.83 0.81
C ALA B 1345 -21.31 -39.09 1.59
N THR B 1346 -20.97 -38.61 2.78
CA THR B 1346 -21.88 -37.82 3.59
C THR B 1346 -21.43 -36.36 3.55
N LEU B 1347 -22.29 -35.50 3.01
CA LEU B 1347 -22.06 -34.06 3.02
C LEU B 1347 -22.45 -33.48 4.37
N ILE B 1348 -21.62 -32.57 4.89
CA ILE B 1348 -21.84 -31.97 6.20
C ILE B 1348 -21.98 -30.46 6.01
N HIS B 1349 -23.14 -29.92 6.36
CA HIS B 1349 -23.35 -28.48 6.46
C HIS B 1349 -23.16 -28.06 7.91
N GLN B 1350 -22.25 -27.13 8.15
CA GLN B 1350 -21.97 -26.66 9.50
C GLN B 1350 -22.42 -25.22 9.68
N SER B 1351 -22.95 -24.92 10.87
CA SER B 1351 -23.12 -23.53 11.27
C SER B 1351 -21.74 -22.90 11.48
N ILE B 1352 -21.73 -21.62 11.84
CA ILE B 1352 -20.47 -20.88 11.88
C ILE B 1352 -19.52 -21.44 12.95
N THR B 1353 -20.07 -21.93 14.07
CA THR B 1353 -19.25 -22.61 15.06
C THR B 1353 -18.99 -24.06 14.71
N GLY B 1354 -19.82 -24.65 13.84
CA GLY B 1354 -19.77 -26.08 13.60
C GLY B 1354 -20.53 -26.91 14.60
N LEU B 1355 -21.17 -26.28 15.59
CA LEU B 1355 -21.92 -27.03 16.58
C LEU B 1355 -23.22 -27.56 16.00
N TYR B 1356 -23.86 -26.79 15.12
CA TYR B 1356 -25.07 -27.22 14.43
C TYR B 1356 -24.69 -27.84 13.08
N GLU B 1357 -25.22 -29.03 12.82
CA GLU B 1357 -24.87 -29.79 11.64
C GLU B 1357 -26.12 -30.30 10.93
N THR B 1358 -26.04 -30.33 9.61
CA THR B 1358 -26.95 -31.10 8.76
C THR B 1358 -26.10 -32.02 7.91
N ARG B 1359 -26.36 -33.32 7.98
CA ARG B 1359 -25.57 -34.33 7.29
C ARG B 1359 -26.45 -35.03 6.26
N ILE B 1360 -25.99 -35.10 5.02
CA ILE B 1360 -26.74 -35.67 3.92
C ILE B 1360 -25.97 -36.85 3.36
N ASP B 1361 -26.53 -38.05 3.49
CA ASP B 1361 -25.99 -39.23 2.81
C ASP B 1361 -26.22 -39.07 1.31
N LEU B 1362 -25.16 -38.77 0.56
CA LEU B 1362 -25.30 -38.63 -0.89
C LEU B 1362 -25.45 -39.96 -1.61
N SER B 1363 -25.20 -41.08 -0.94
CA SER B 1363 -25.36 -42.38 -1.58
C SER B 1363 -26.82 -42.69 -1.87
N GLN B 1364 -27.74 -42.11 -1.10
CA GLN B 1364 -29.18 -42.30 -1.32
C GLN B 1364 -29.72 -41.46 -2.46
N LEU B 1365 -28.86 -40.85 -3.27
CA LEU B 1365 -29.28 -40.02 -4.39
C LEU B 1365 -28.82 -40.65 -5.70
N GLY B 1366 -29.72 -40.64 -6.69
CA GLY B 1366 -29.44 -41.24 -7.97
C GLY B 1366 -29.88 -42.69 -8.11
N GLY B 1367 -30.61 -43.21 -7.14
CA GLY B 1367 -31.05 -44.60 -7.17
C GLY B 1367 -31.85 -44.99 -8.40
#